data_3TL8
#
_entry.id   3TL8
#
_cell.length_a   106.836
_cell.length_b   108.140
_cell.length_c   83.247
_cell.angle_alpha   90.00
_cell.angle_beta   92.67
_cell.angle_gamma   90.00
#
_symmetry.space_group_name_H-M   'P 1 21 1'
#
loop_
_entity.id
_entity.type
_entity.pdbx_description
1 polymer 'BRASSINOSTEROID INSENSITIVE 1-associated receptor kinase 1'
2 polymer 'Effector protein HopAB2'
3 water water
#
loop_
_entity_poly.entity_id
_entity_poly.type
_entity_poly.pdbx_seq_one_letter_code
_entity_poly.pdbx_strand_id
1 'polypeptide(L)'
;RRKKPQDHFFDVPAEEDPEVHLGQLKRFSLRELQVASDNFSNKNILGRGGFGKVYKGRLADGTLVAVKRLKEER(TPO)Q
GGELQFQTEVEMISMAVHRNLLRLRGFCMTPTERLLVYPYMANGSVASCLRERPESQPPLDWPKRQRIALGSARGLAYLH
DHCDPKIIHRDVKAANILLDEEFEAVVGDFGLAKLMDYKD(TPO)HV(TPO)(TPO)AVRGTIGHIAPEYLSTGKSSEKT
DVFGYGVMLLELITGQRAFDLARLANDDDVMLLDWVKGLLKEKKLEALVDVDLQGNYKDEEVEQLIQVALLCTQSSPMER
PKMSEVVRMLEGDGLAERWEEWQKEEMFRQDFNYPTHLEHHHHHH
;
A,D,G,H
2 'polypeptide(L)'
;GPLGSDRASQTPVDRSPPRVNQRPIRVDRAAMRNRGNDEADAALRGLVQQGVNLEHLRTALERHVMQRLPIPLDIGSALQ
NVGINPSIDLGESLVQHPLLNLNVALNRMLGLRPSAE
;
B,F,K,L
#
# COMPACT_ATOMS: atom_id res chain seq x y z
N GLN A 24 -0.06 -10.82 -29.90
CA GLN A 24 -1.42 -11.29 -30.07
C GLN A 24 -1.57 -12.79 -29.79
N LEU A 25 -2.69 -13.16 -29.17
CA LEU A 25 -3.03 -14.56 -28.91
C LEU A 25 -4.03 -15.06 -29.96
N LYS A 26 -3.73 -16.19 -30.60
CA LYS A 26 -4.58 -16.71 -31.67
C LYS A 26 -6.04 -16.92 -31.27
N ARG A 27 -6.96 -16.23 -31.93
CA ARG A 27 -8.39 -16.45 -31.71
C ARG A 27 -8.94 -17.43 -32.74
N PHE A 28 -9.29 -18.64 -32.29
CA PHE A 28 -9.85 -19.66 -33.17
C PHE A 28 -11.36 -19.51 -33.37
N SER A 29 -11.83 -19.93 -34.55
CA SER A 29 -13.27 -20.01 -34.79
C SER A 29 -13.79 -21.31 -34.18
N LEU A 30 -15.05 -21.31 -33.78
CA LEU A 30 -15.63 -22.53 -33.27
C LEU A 30 -15.52 -23.64 -34.31
N ARG A 31 -15.77 -23.30 -35.57
CA ARG A 31 -15.72 -24.30 -36.65
C ARG A 31 -14.34 -24.95 -36.80
N GLU A 32 -13.29 -24.12 -36.81
CA GLU A 32 -11.93 -24.64 -36.87
C GLU A 32 -11.73 -25.76 -35.84
N LEU A 33 -12.11 -25.49 -34.60
CA LEU A 33 -11.95 -26.44 -33.50
C LEU A 33 -12.94 -27.62 -33.60
N GLN A 34 -14.16 -27.35 -34.05
CA GLN A 34 -15.10 -28.42 -34.40
C GLN A 34 -14.43 -29.42 -35.34
N VAL A 35 -13.85 -28.92 -36.42
CA VAL A 35 -13.18 -29.76 -37.42
C VAL A 35 -11.94 -30.46 -36.86
N ALA A 36 -11.13 -29.73 -36.11
CA ALA A 36 -9.97 -30.32 -35.46
C ALA A 36 -10.35 -31.48 -34.54
N SER A 37 -11.57 -31.42 -33.98
CA SER A 37 -12.00 -32.35 -32.95
C SER A 37 -13.00 -33.41 -33.43
N ASP A 38 -13.42 -33.33 -34.70
CA ASP A 38 -14.49 -34.18 -35.24
C ASP A 38 -15.84 -33.84 -34.62
N ASN A 39 -16.18 -32.56 -34.61
CA ASN A 39 -17.37 -32.05 -33.90
C ASN A 39 -17.45 -32.50 -32.44
N PHE A 40 -16.28 -32.60 -31.81
CA PHE A 40 -16.19 -32.95 -30.40
C PHE A 40 -16.72 -34.37 -30.17
N SER A 41 -16.16 -35.32 -30.92
CA SER A 41 -16.53 -36.72 -30.78
C SER A 41 -16.04 -37.26 -29.45
N ASN A 42 -16.82 -38.17 -28.87
CA ASN A 42 -16.44 -38.82 -27.63
C ASN A 42 -15.15 -39.62 -27.79
N LYS A 43 -14.82 -39.97 -29.02
CA LYS A 43 -13.59 -40.68 -29.30
C LYS A 43 -12.38 -39.78 -28.97
N ASN A 44 -12.61 -38.47 -28.97
CA ASN A 44 -11.54 -37.50 -28.79
C ASN A 44 -11.37 -36.91 -27.39
N ILE A 45 -12.22 -37.30 -26.45
CA ILE A 45 -12.19 -36.75 -25.09
C ILE A 45 -10.95 -37.21 -24.31
N LEU A 46 -10.23 -36.26 -23.72
CA LEU A 46 -9.07 -36.61 -22.91
C LEU A 46 -9.37 -36.49 -21.42
N GLY A 47 -10.31 -35.61 -21.08
CA GLY A 47 -10.61 -35.36 -19.70
C GLY A 47 -12.02 -34.84 -19.51
N ARG A 48 -12.58 -35.11 -18.34
CA ARG A 48 -13.93 -34.66 -18.01
C ARG A 48 -13.93 -34.08 -16.60
N GLY A 49 -14.90 -33.20 -16.35
CA GLY A 49 -15.07 -32.59 -15.04
C GLY A 49 -16.29 -31.70 -15.07
N GLY A 50 -16.59 -31.07 -13.94
CA GLY A 50 -17.71 -30.15 -13.87
C GLY A 50 -17.44 -28.94 -14.73
N PHE A 51 -16.16 -28.60 -14.87
CA PHE A 51 -15.73 -27.47 -15.67
C PHE A 51 -16.13 -27.60 -17.16
N GLY A 52 -16.18 -28.83 -17.66
CA GLY A 52 -16.45 -29.10 -19.06
C GLY A 52 -15.63 -30.30 -19.54
N LYS A 53 -15.11 -30.22 -20.76
CA LYS A 53 -14.41 -31.34 -21.38
C LYS A 53 -13.16 -30.92 -22.13
N VAL A 54 -12.20 -31.84 -22.23
CA VAL A 54 -11.00 -31.61 -23.02
C VAL A 54 -10.89 -32.60 -24.18
N TYR A 55 -10.91 -32.07 -25.40
CA TYR A 55 -10.81 -32.90 -26.59
C TYR A 55 -9.42 -32.86 -27.20
N LYS A 56 -8.95 -33.98 -27.73
CA LYS A 56 -7.74 -34.00 -28.56
C LYS A 56 -8.10 -33.47 -29.94
N GLY A 57 -7.16 -32.74 -30.54
CA GLY A 57 -7.43 -32.12 -31.81
C GLY A 57 -6.23 -32.11 -32.73
N ARG A 58 -6.48 -31.86 -34.01
CA ARG A 58 -5.43 -31.67 -34.99
C ARG A 58 -5.81 -30.48 -35.86
N LEU A 59 -4.97 -29.46 -35.89
CA LEU A 59 -5.22 -28.26 -36.69
C LEU A 59 -5.03 -28.49 -38.19
N ALA A 60 -5.28 -27.44 -38.98
CA ALA A 60 -5.12 -27.53 -40.43
C ALA A 60 -3.71 -27.96 -40.81
N ASP A 61 -2.73 -27.51 -40.05
CA ASP A 61 -1.33 -27.78 -40.33
C ASP A 61 -0.75 -28.96 -39.57
N GLY A 62 -1.60 -29.92 -39.19
CA GLY A 62 -1.14 -31.13 -38.53
C GLY A 62 -0.62 -30.93 -37.11
N THR A 63 -0.81 -29.74 -36.56
CA THR A 63 -0.44 -29.47 -35.18
C THR A 63 -1.45 -30.13 -34.22
N LEU A 64 -0.94 -30.95 -33.31
CA LEU A 64 -1.78 -31.55 -32.29
C LEU A 64 -2.08 -30.53 -31.19
N VAL A 65 -3.33 -30.52 -30.74
CA VAL A 65 -3.73 -29.63 -29.66
C VAL A 65 -4.71 -30.31 -28.75
N ALA A 66 -4.91 -29.71 -27.57
CA ALA A 66 -5.94 -30.11 -26.63
C ALA A 66 -6.89 -28.93 -26.51
N VAL A 67 -8.16 -29.16 -26.76
CA VAL A 67 -9.15 -28.10 -26.71
C VAL A 67 -10.00 -28.25 -25.46
N LYS A 68 -10.05 -27.20 -24.66
CA LYS A 68 -10.88 -27.23 -23.46
C LYS A 68 -12.18 -26.50 -23.75
N ARG A 69 -13.25 -27.28 -23.87
CA ARG A 69 -14.60 -26.75 -24.03
C ARG A 69 -15.25 -26.60 -22.65
N LEU A 70 -15.53 -25.37 -22.24
CA LEU A 70 -16.23 -25.16 -20.97
C LEU A 70 -17.67 -25.66 -21.05
N LYS A 71 -18.24 -25.96 -19.89
CA LYS A 71 -19.64 -26.39 -19.83
C LYS A 71 -20.54 -25.31 -20.42
N GLU A 72 -21.78 -25.69 -20.74
CA GLU A 72 -22.71 -24.80 -21.43
C GLU A 72 -23.31 -23.74 -20.52
N GLU A 73 -23.30 -24.01 -19.22
CA GLU A 73 -23.79 -23.09 -18.21
C GLU A 73 -22.77 -21.97 -17.98
N ARG A 74 -23.21 -20.72 -18.08
CA ARG A 74 -22.33 -19.56 -17.96
C ARG A 74 -22.11 -19.04 -16.55
N TPO A 75 -21.75 -19.92 -15.61
CA TPO A 75 -21.55 -19.50 -14.25
CB TPO A 75 -21.47 -20.70 -13.36
CG2 TPO A 75 -22.60 -21.64 -13.61
OG1 TPO A 75 -20.27 -21.35 -13.56
P TPO A 75 -19.57 -21.88 -12.28
O1P TPO A 75 -20.25 -23.17 -11.89
O2P TPO A 75 -18.14 -22.21 -12.60
O3P TPO A 75 -19.70 -20.82 -11.22
C TPO A 75 -20.34 -18.65 -14.14
O TPO A 75 -19.55 -18.57 -15.06
N GLN A 76 -20.19 -17.99 -13.00
CA GLN A 76 -19.11 -17.02 -12.81
C GLN A 76 -17.74 -17.65 -12.51
N GLY A 77 -17.74 -18.85 -11.96
CA GLY A 77 -16.50 -19.55 -11.69
C GLY A 77 -15.71 -19.76 -12.97
N GLY A 78 -16.33 -20.43 -13.95
CA GLY A 78 -15.69 -20.72 -15.21
C GLY A 78 -15.24 -19.44 -15.88
N GLU A 79 -16.06 -18.42 -15.81
CA GLU A 79 -15.80 -17.16 -16.49
C GLU A 79 -14.55 -16.48 -15.93
N LEU A 80 -14.42 -16.49 -14.61
CA LEU A 80 -13.27 -15.92 -13.93
C LEU A 80 -12.00 -16.67 -14.34
N GLN A 81 -12.16 -17.98 -14.55
CA GLN A 81 -11.05 -18.84 -14.89
C GLN A 81 -10.64 -18.62 -16.33
N PHE A 82 -11.63 -18.51 -17.21
CA PHE A 82 -11.39 -18.26 -18.62
C PHE A 82 -10.63 -16.96 -18.82
N GLN A 83 -11.11 -15.88 -18.21
CA GLN A 83 -10.43 -14.59 -18.34
C GLN A 83 -9.03 -14.62 -17.76
N THR A 84 -8.86 -15.33 -16.66
CA THR A 84 -7.57 -15.41 -16.03
C THR A 84 -6.56 -16.16 -16.91
N GLU A 85 -6.95 -17.31 -17.45
CA GLU A 85 -6.02 -18.04 -18.30
C GLU A 85 -5.61 -17.21 -19.50
N VAL A 86 -6.57 -16.49 -20.08
CA VAL A 86 -6.28 -15.64 -21.24
C VAL A 86 -5.33 -14.48 -20.93
N GLU A 87 -5.59 -13.74 -19.86
CA GLU A 87 -4.72 -12.65 -19.44
C GLU A 87 -3.30 -13.11 -19.08
N MET A 88 -3.21 -14.30 -18.51
CA MET A 88 -1.93 -14.83 -18.03
C MET A 88 -0.94 -15.17 -19.17
N ILE A 89 -1.43 -15.16 -20.41
CA ILE A 89 -0.64 -15.64 -21.54
C ILE A 89 0.72 -14.95 -21.70
N SER A 90 0.76 -13.65 -21.45
CA SER A 90 1.95 -12.86 -21.73
C SER A 90 2.74 -12.53 -20.48
N MET A 91 2.44 -13.20 -19.38
CA MET A 91 3.07 -12.86 -18.10
C MET A 91 4.03 -13.94 -17.62
N ALA A 92 3.98 -15.10 -18.26
CA ALA A 92 4.80 -16.24 -17.88
C ALA A 92 5.14 -17.03 -19.11
N VAL A 93 6.44 -17.25 -19.34
CA VAL A 93 6.89 -18.12 -20.41
C VAL A 93 8.07 -18.95 -19.93
N HIS A 94 7.96 -20.26 -20.05
CA HIS A 94 8.97 -21.13 -19.50
C HIS A 94 8.67 -22.52 -19.97
N ARG A 95 9.71 -23.30 -20.24
CA ARG A 95 9.55 -24.66 -20.76
C ARG A 95 8.76 -25.60 -19.82
N ASN A 96 8.71 -25.29 -18.54
CA ASN A 96 7.93 -26.09 -17.61
C ASN A 96 6.51 -25.56 -17.30
N LEU A 97 6.07 -24.54 -18.06
CA LEU A 97 4.69 -24.07 -17.98
C LEU A 97 3.97 -24.30 -19.30
N LEU A 98 2.77 -24.88 -19.24
CA LEU A 98 1.97 -25.07 -20.43
C LEU A 98 1.54 -23.71 -20.93
N ARG A 99 1.72 -23.45 -22.22
CA ARG A 99 1.33 -22.15 -22.73
C ARG A 99 0.07 -22.23 -23.56
N LEU A 100 -0.85 -21.34 -23.25
CA LEU A 100 -2.13 -21.24 -23.92
C LEU A 100 -1.87 -20.85 -25.36
N ARG A 101 -2.17 -21.74 -26.29
CA ARG A 101 -1.99 -21.44 -27.71
C ARG A 101 -3.13 -20.59 -28.29
N GLY A 102 -4.31 -20.64 -27.69
CA GLY A 102 -5.44 -19.87 -28.20
C GLY A 102 -6.75 -20.01 -27.45
N PHE A 103 -7.73 -19.21 -27.88
CA PHE A 103 -9.08 -19.25 -27.31
C PHE A 103 -10.15 -19.13 -28.38
N CYS A 104 -11.38 -19.43 -27.99
CA CYS A 104 -12.54 -19.27 -28.86
C CYS A 104 -13.74 -18.85 -28.02
N MET A 105 -14.46 -17.86 -28.51
CA MET A 105 -15.51 -17.23 -27.72
C MET A 105 -16.71 -16.85 -28.58
N THR A 106 -17.65 -17.79 -28.68
CA THR A 106 -18.95 -17.53 -29.28
C THR A 106 -19.93 -17.28 -28.14
N PRO A 107 -21.12 -16.73 -28.43
CA PRO A 107 -22.08 -16.49 -27.37
C PRO A 107 -22.28 -17.75 -26.55
N THR A 108 -22.46 -18.86 -27.26
CA THR A 108 -22.77 -20.14 -26.64
C THR A 108 -21.53 -20.93 -26.17
N GLU A 109 -20.34 -20.50 -26.58
CA GLU A 109 -19.14 -21.31 -26.36
C GLU A 109 -17.93 -20.59 -25.77
N ARG A 110 -17.26 -21.27 -24.83
CA ARG A 110 -15.95 -20.82 -24.32
C ARG A 110 -14.94 -21.95 -24.51
N LEU A 111 -13.90 -21.71 -25.30
CA LEU A 111 -12.87 -22.76 -25.49
C LEU A 111 -11.46 -22.21 -25.35
N LEU A 112 -10.57 -23.04 -24.82
CA LEU A 112 -9.18 -22.69 -24.72
C LEU A 112 -8.43 -23.79 -25.41
N VAL A 113 -7.35 -23.42 -26.12
CA VAL A 113 -6.56 -24.37 -26.89
C VAL A 113 -5.13 -24.46 -26.38
N TYR A 114 -4.62 -25.67 -26.19
CA TYR A 114 -3.26 -25.85 -25.72
C TYR A 114 -2.43 -26.75 -26.64
N PRO A 115 -1.11 -26.69 -26.50
CA PRO A 115 -0.30 -27.76 -27.10
C PRO A 115 -0.72 -29.13 -26.55
N TYR A 116 -0.89 -30.11 -27.43
CA TYR A 116 -1.17 -31.47 -27.01
C TYR A 116 -0.03 -32.04 -26.16
N MET A 117 -0.36 -32.62 -25.01
CA MET A 117 0.66 -33.32 -24.24
C MET A 117 0.48 -34.81 -24.40
N ALA A 118 1.40 -35.41 -25.16
CA ALA A 118 1.29 -36.82 -25.54
C ALA A 118 0.94 -37.74 -24.38
N ASN A 119 1.59 -37.53 -23.24
CA ASN A 119 1.44 -38.43 -22.11
C ASN A 119 0.48 -37.97 -21.01
N GLY A 120 -0.40 -37.02 -21.33
CA GLY A 120 -1.50 -36.64 -20.44
C GLY A 120 -1.07 -36.11 -19.08
N SER A 121 -2.03 -35.98 -18.17
CA SER A 121 -1.72 -35.47 -16.84
C SER A 121 -0.95 -36.50 -16.03
N VAL A 122 -0.22 -36.02 -15.04
CA VAL A 122 0.48 -36.91 -14.12
C VAL A 122 -0.54 -37.78 -13.42
N ALA A 123 -1.68 -37.18 -13.10
CA ALA A 123 -2.74 -37.90 -12.41
C ALA A 123 -3.27 -39.02 -13.28
N SER A 124 -3.28 -38.79 -14.57
CA SER A 124 -3.72 -39.76 -15.54
C SER A 124 -2.77 -40.93 -15.64
N CYS A 125 -1.58 -40.80 -15.10
CA CYS A 125 -0.61 -41.87 -15.13
C CYS A 125 -0.45 -42.58 -13.82
N LEU A 126 -1.28 -42.24 -12.84
CA LEU A 126 -1.06 -42.64 -11.47
C LEU A 126 -2.03 -43.58 -10.80
N ARG A 127 -2.55 -44.56 -11.51
CA ARG A 127 -3.44 -45.51 -10.88
C ARG A 127 -4.86 -45.19 -11.16
N GLU A 128 -5.10 -43.99 -11.65
CA GLU A 128 -6.40 -43.72 -12.18
C GLU A 128 -6.16 -43.99 -13.63
N ARG A 129 -4.94 -44.37 -13.95
CA ARG A 129 -4.57 -44.61 -15.32
C ARG A 129 -5.44 -45.72 -15.80
N PRO A 130 -5.83 -45.62 -17.06
CA PRO A 130 -6.83 -46.53 -17.63
C PRO A 130 -6.28 -47.93 -17.87
N GLU A 131 -7.18 -48.90 -17.92
CA GLU A 131 -6.88 -50.22 -18.47
C GLU A 131 -5.55 -50.78 -17.98
N SER A 132 -4.68 -51.14 -18.93
CA SER A 132 -3.35 -51.61 -18.60
C SER A 132 -2.26 -50.72 -19.21
N GLN A 133 -2.29 -49.44 -18.83
CA GLN A 133 -1.23 -48.50 -19.20
C GLN A 133 -0.02 -48.81 -18.31
N PRO A 134 1.19 -48.74 -18.89
CA PRO A 134 2.42 -49.03 -18.13
C PRO A 134 2.66 -48.05 -16.97
N PRO A 135 2.96 -48.59 -15.77
CA PRO A 135 3.21 -47.77 -14.58
C PRO A 135 4.26 -46.69 -14.83
N LEU A 136 4.13 -45.57 -14.14
CA LEU A 136 5.08 -44.49 -14.27
C LEU A 136 6.33 -44.82 -13.46
N ASP A 137 7.42 -45.09 -14.17
CA ASP A 137 8.70 -45.47 -13.57
C ASP A 137 9.14 -44.45 -12.52
N TRP A 138 9.97 -44.88 -11.57
CA TRP A 138 10.40 -44.00 -10.49
C TRP A 138 11.26 -42.85 -10.99
N PRO A 139 12.31 -43.15 -11.77
CA PRO A 139 13.12 -42.04 -12.29
C PRO A 139 12.29 -41.03 -13.05
N LYS A 140 11.17 -41.45 -13.65
CA LYS A 140 10.31 -40.51 -14.33
C LYS A 140 9.54 -39.61 -13.34
N ARG A 141 9.23 -40.14 -12.16
CA ARG A 141 8.60 -39.34 -11.12
C ARG A 141 9.55 -38.28 -10.56
N GLN A 142 10.82 -38.63 -10.39
CA GLN A 142 11.80 -37.64 -9.93
C GLN A 142 11.97 -36.51 -10.94
N ARG A 143 11.85 -36.82 -12.22
CA ARG A 143 11.98 -35.81 -13.27
C ARG A 143 10.81 -34.84 -13.24
N ILE A 144 9.62 -35.39 -12.96
CA ILE A 144 8.42 -34.57 -12.83
C ILE A 144 8.57 -33.62 -11.63
N ALA A 145 9.03 -34.16 -10.51
CA ALA A 145 9.19 -33.36 -9.31
C ALA A 145 10.11 -32.18 -9.58
N LEU A 146 11.19 -32.43 -10.32
CA LEU A 146 12.15 -31.39 -10.65
C LEU A 146 11.59 -30.35 -11.64
N GLY A 147 11.16 -30.81 -12.80
CA GLY A 147 10.64 -29.91 -13.83
C GLY A 147 9.51 -29.03 -13.31
N SER A 148 8.54 -29.64 -12.62
CA SER A 148 7.41 -28.89 -12.08
C SER A 148 7.85 -27.91 -10.99
N ALA A 149 8.85 -28.29 -10.20
CA ALA A 149 9.44 -27.35 -9.25
C ALA A 149 10.11 -26.15 -9.96
N ARG A 150 10.77 -26.38 -11.08
CA ARG A 150 11.36 -25.25 -11.82
C ARG A 150 10.28 -24.27 -12.31
N GLY A 151 9.16 -24.79 -12.78
CA GLY A 151 8.07 -23.95 -13.28
C GLY A 151 7.56 -23.04 -12.19
N LEU A 152 7.36 -23.61 -11.00
CA LEU A 152 6.87 -22.87 -9.87
C LEU A 152 7.87 -21.84 -9.38
N ALA A 153 9.12 -22.27 -9.20
CA ALA A 153 10.19 -21.35 -8.79
C ALA A 153 10.18 -20.14 -9.70
N TYR A 154 9.98 -20.39 -10.98
CA TYR A 154 9.91 -19.30 -11.95
C TYR A 154 8.75 -18.34 -11.68
N LEU A 155 7.54 -18.89 -11.50
CA LEU A 155 6.35 -18.12 -11.23
C LEU A 155 6.52 -17.22 -10.00
N HIS A 156 7.26 -17.71 -9.01
CA HIS A 156 7.43 -17.00 -7.72
C HIS A 156 8.55 -15.99 -7.70
N ASP A 157 9.68 -16.34 -8.31
CA ASP A 157 10.90 -15.53 -8.21
C ASP A 157 11.14 -14.60 -9.39
N HIS A 158 10.76 -15.03 -10.59
CA HIS A 158 11.18 -14.32 -11.79
C HIS A 158 10.03 -13.72 -12.57
N CYS A 159 8.85 -13.72 -11.99
CA CYS A 159 7.77 -12.94 -12.57
C CYS A 159 7.49 -11.68 -11.74
N ASP A 160 7.15 -10.61 -12.44
CA ASP A 160 6.79 -9.37 -11.79
C ASP A 160 5.53 -8.85 -12.43
N PRO A 161 4.41 -8.91 -11.69
CA PRO A 161 4.38 -9.39 -10.30
C PRO A 161 4.51 -10.92 -10.16
N LYS A 162 4.80 -11.37 -8.94
CA LYS A 162 4.78 -12.79 -8.61
C LYS A 162 3.47 -13.44 -9.04
N ILE A 163 3.53 -14.70 -9.41
CA ILE A 163 2.32 -15.45 -9.72
C ILE A 163 2.20 -16.61 -8.76
N ILE A 164 1.08 -16.66 -8.05
CA ILE A 164 0.73 -17.81 -7.24
C ILE A 164 -0.21 -18.64 -8.08
N HIS A 165 0.17 -19.88 -8.34
CA HIS A 165 -0.62 -20.72 -9.21
C HIS A 165 -1.94 -21.14 -8.55
N ARG A 166 -1.85 -21.51 -7.27
CA ARG A 166 -3.02 -21.78 -6.45
C ARG A 166 -3.74 -23.07 -6.77
N ASP A 167 -3.27 -23.79 -7.77
CA ASP A 167 -3.87 -25.08 -8.06
C ASP A 167 -2.82 -26.14 -8.42
N VAL A 168 -1.70 -26.13 -7.69
CA VAL A 168 -0.66 -27.13 -7.92
C VAL A 168 -1.06 -28.52 -7.39
N LYS A 169 -1.20 -29.47 -8.31
CA LYS A 169 -1.61 -30.82 -7.99
C LYS A 169 -1.37 -31.70 -9.21
N ALA A 170 -1.41 -33.02 -9.01
CA ALA A 170 -1.05 -33.97 -10.06
C ALA A 170 -1.84 -33.78 -11.35
N ALA A 171 -3.11 -33.42 -11.22
CA ALA A 171 -3.97 -33.21 -12.39
C ALA A 171 -3.55 -32.04 -13.28
N ASN A 172 -2.79 -31.10 -12.72
CA ASN A 172 -2.36 -29.93 -13.49
C ASN A 172 -0.90 -29.98 -13.92
N ILE A 173 -0.34 -31.18 -13.92
CA ILE A 173 1.01 -31.37 -14.42
C ILE A 173 0.90 -32.28 -15.64
N LEU A 174 1.24 -31.74 -16.79
CA LEU A 174 1.12 -32.47 -18.03
C LEU A 174 2.49 -32.99 -18.47
N LEU A 175 2.49 -34.10 -19.18
CA LEU A 175 3.74 -34.73 -19.57
C LEU A 175 3.75 -34.80 -21.08
N ASP A 176 4.83 -34.33 -21.70
CA ASP A 176 4.98 -34.46 -23.15
C ASP A 176 5.51 -35.85 -23.50
N GLU A 177 5.82 -36.08 -24.77
CA GLU A 177 6.27 -37.41 -25.22
C GLU A 177 7.60 -37.85 -24.60
N GLU A 178 8.39 -36.91 -24.08
CA GLU A 178 9.60 -37.23 -23.35
C GLU A 178 9.38 -37.24 -21.82
N PHE A 179 8.12 -37.19 -21.40
CA PHE A 179 7.76 -37.16 -19.99
C PHE A 179 8.37 -35.99 -19.24
N GLU A 180 8.65 -34.91 -19.96
CA GLU A 180 9.05 -33.67 -19.31
C GLU A 180 7.80 -33.01 -18.71
N ALA A 181 7.92 -32.51 -17.48
CA ALA A 181 6.78 -31.96 -16.75
C ALA A 181 6.42 -30.53 -17.14
N VAL A 182 5.14 -30.27 -17.31
CA VAL A 182 4.63 -28.94 -17.65
C VAL A 182 3.45 -28.59 -16.72
N VAL A 183 3.59 -27.54 -15.90
CA VAL A 183 2.50 -27.08 -15.02
C VAL A 183 1.43 -26.36 -15.84
N GLY A 184 0.18 -26.76 -15.67
CA GLY A 184 -0.83 -26.47 -16.68
C GLY A 184 -1.96 -25.47 -16.54
N ASP A 185 -2.58 -25.30 -15.38
CA ASP A 185 -3.83 -24.55 -15.39
C ASP A 185 -3.76 -23.26 -14.59
N PHE A 186 -3.96 -22.12 -15.26
CA PHE A 186 -3.78 -20.84 -14.60
C PHE A 186 -5.10 -20.12 -14.28
N GLY A 187 -6.22 -20.84 -14.39
CA GLY A 187 -7.51 -20.26 -14.06
C GLY A 187 -7.60 -19.67 -12.66
N LEU A 188 -6.91 -20.30 -11.70
CA LEU A 188 -6.97 -19.87 -10.31
C LEU A 188 -5.76 -19.03 -9.90
N ALA A 189 -4.95 -18.65 -10.87
CA ALA A 189 -3.72 -17.93 -10.56
C ALA A 189 -4.00 -16.54 -10.00
N LYS A 190 -3.04 -16.05 -9.22
CA LYS A 190 -3.18 -14.82 -8.49
C LYS A 190 -1.90 -14.03 -8.61
N LEU A 191 -2.03 -12.82 -9.12
CA LEU A 191 -0.94 -11.89 -9.16
C LEU A 191 -0.77 -11.27 -7.78
N MET A 192 0.47 -11.14 -7.37
CA MET A 192 0.83 -10.59 -6.09
C MET A 192 1.99 -9.63 -6.32
N ASP A 193 1.91 -8.46 -5.69
CA ASP A 193 2.96 -7.46 -5.77
C ASP A 193 4.27 -8.08 -5.34
N TYR A 194 5.34 -7.78 -6.07
CA TYR A 194 6.60 -8.47 -5.82
C TYR A 194 7.06 -8.25 -4.38
N LYS A 195 6.67 -7.11 -3.82
CA LYS A 195 7.15 -6.70 -2.49
C LYS A 195 6.26 -7.19 -1.32
N ASP A 196 5.02 -7.57 -1.64
CA ASP A 196 4.07 -8.03 -0.60
C ASP A 196 4.44 -9.37 -0.02
N TPO A 197 4.06 -9.61 1.22
CA TPO A 197 4.28 -10.87 1.85
CB TPO A 197 4.65 -10.69 3.29
CG2 TPO A 197 6.10 -10.40 3.41
OG1 TPO A 197 3.91 -9.66 3.83
P TPO A 197 3.18 -9.90 5.19
O1P TPO A 197 4.27 -10.03 6.24
O2P TPO A 197 2.41 -8.64 5.51
O3P TPO A 197 2.31 -11.13 5.16
C TPO A 197 3.04 -11.67 1.73
O TPO A 197 3.07 -12.88 1.91
N HIS A 198 1.94 -11.01 1.41
CA HIS A 198 0.67 -11.69 1.24
C HIS A 198 -0.26 -10.82 0.42
N VAL A 199 -1.33 -11.43 -0.06
CA VAL A 199 -2.39 -10.70 -0.73
C VAL A 199 -3.74 -11.30 -0.30
N TPO A 200 -4.70 -10.44 0.04
CA TPO A 200 -6.00 -10.89 0.44
CB TPO A 200 -6.68 -9.77 1.18
CG2 TPO A 200 -8.00 -10.19 1.74
OG1 TPO A 200 -5.83 -9.42 2.21
P TPO A 200 -5.81 -7.95 2.76
O1P TPO A 200 -4.57 -7.87 3.60
O2P TPO A 200 -5.68 -6.99 1.61
O3P TPO A 200 -7.05 -7.68 3.58
C TPO A 200 -6.80 -11.26 -0.75
O TPO A 200 -6.93 -10.46 -1.66
N TPO A 201 -7.34 -12.48 -0.75
CA TPO A 201 -8.10 -12.98 -1.87
CB TPO A 201 -7.19 -13.54 -2.96
CG2 TPO A 201 -6.18 -14.50 -2.41
OG1 TPO A 201 -7.87 -14.21 -3.98
P TPO A 201 -8.78 -13.51 -5.05
O1P TPO A 201 -8.13 -12.24 -5.51
O2P TPO A 201 -8.85 -14.38 -6.26
O3P TPO A 201 -10.17 -13.25 -4.51
C TPO A 201 -8.96 -14.04 -1.34
O TPO A 201 -8.67 -14.56 -0.28
N ALA A 202 -10.03 -14.40 -2.05
CA ALA A 202 -10.87 -15.54 -1.66
C ALA A 202 -10.05 -16.82 -1.56
N VAL A 203 -10.46 -17.74 -0.70
CA VAL A 203 -9.85 -19.07 -0.71
C VAL A 203 -10.31 -19.80 -1.97
N ARG A 204 -9.37 -20.09 -2.86
CA ARG A 204 -9.68 -20.86 -4.06
C ARG A 204 -8.67 -21.96 -4.16
N GLY A 205 -9.01 -23.06 -4.82
CA GLY A 205 -8.06 -24.14 -4.98
C GLY A 205 -8.67 -25.52 -4.83
N THR A 206 -7.81 -26.51 -4.63
CA THR A 206 -8.27 -27.87 -4.42
C THR A 206 -8.11 -28.27 -2.97
N ILE A 207 -9.19 -28.79 -2.39
CA ILE A 207 -9.17 -29.24 -1.00
C ILE A 207 -8.05 -30.25 -0.83
N GLY A 208 -7.26 -30.08 0.22
CA GLY A 208 -6.08 -30.90 0.42
C GLY A 208 -4.80 -30.29 -0.14
N HIS A 209 -4.93 -29.31 -1.03
CA HIS A 209 -3.74 -28.66 -1.56
C HIS A 209 -3.70 -27.21 -1.13
N ILE A 210 -4.67 -26.80 -0.34
CA ILE A 210 -4.69 -25.42 0.15
C ILE A 210 -4.02 -25.34 1.52
N ALA A 211 -3.17 -24.33 1.69
CA ALA A 211 -2.36 -24.20 2.89
C ALA A 211 -3.22 -23.80 4.09
N PRO A 212 -2.87 -24.29 5.27
CA PRO A 212 -3.67 -24.03 6.47
C PRO A 212 -3.81 -22.52 6.76
N GLU A 213 -2.73 -21.76 6.66
CA GLU A 213 -2.82 -20.33 6.93
C GLU A 213 -3.74 -19.61 5.93
N TYR A 214 -3.66 -19.98 4.66
CA TYR A 214 -4.53 -19.47 3.61
C TYR A 214 -6.00 -19.84 3.87
N LEU A 215 -6.25 -21.09 4.25
CA LEU A 215 -7.59 -21.56 4.60
C LEU A 215 -8.24 -20.72 5.70
N SER A 216 -7.44 -20.37 6.69
CA SER A 216 -7.96 -19.74 7.88
C SER A 216 -8.07 -18.21 7.76
N THR A 217 -7.21 -17.58 6.96
CA THR A 217 -7.22 -16.12 6.86
C THR A 217 -7.69 -15.55 5.55
N GLY A 218 -7.71 -16.35 4.48
CA GLY A 218 -7.96 -15.80 3.15
C GLY A 218 -6.80 -14.94 2.65
N LYS A 219 -5.62 -15.09 3.27
CA LYS A 219 -4.45 -14.35 2.81
C LYS A 219 -3.42 -15.30 2.18
N SER A 220 -3.37 -15.35 0.85
CA SER A 220 -2.43 -16.28 0.22
C SER A 220 -1.07 -15.65 -0.05
N SER A 221 -0.12 -16.51 -0.40
CA SER A 221 1.19 -16.10 -0.86
C SER A 221 1.79 -17.25 -1.65
N GLU A 222 2.99 -17.06 -2.17
CA GLU A 222 3.67 -18.11 -2.94
C GLU A 222 3.78 -19.38 -2.10
N LYS A 223 3.84 -19.21 -0.79
CA LYS A 223 3.95 -20.35 0.11
C LYS A 223 2.73 -21.27 0.12
N THR A 224 1.57 -20.80 -0.33
CA THR A 224 0.46 -21.74 -0.52
C THR A 224 0.78 -22.69 -1.68
N ASP A 225 1.37 -22.16 -2.75
CA ASP A 225 1.87 -22.99 -3.85
C ASP A 225 2.86 -24.03 -3.39
N VAL A 226 3.76 -23.65 -2.49
CA VAL A 226 4.76 -24.60 -1.99
C VAL A 226 4.04 -25.75 -1.31
N PHE A 227 3.05 -25.42 -0.48
CA PHE A 227 2.25 -26.42 0.22
C PHE A 227 1.54 -27.34 -0.79
N GLY A 228 0.90 -26.74 -1.80
CA GLY A 228 0.24 -27.51 -2.83
C GLY A 228 1.19 -28.46 -3.54
N TYR A 229 2.43 -28.00 -3.74
CA TYR A 229 3.46 -28.80 -4.39
C TYR A 229 3.82 -30.00 -3.52
N GLY A 230 4.06 -29.73 -2.23
CA GLY A 230 4.32 -30.77 -1.25
C GLY A 230 3.29 -31.88 -1.27
N VAL A 231 2.01 -31.53 -1.34
CA VAL A 231 0.97 -32.54 -1.43
C VAL A 231 1.04 -33.26 -2.79
N MET A 232 1.20 -32.52 -3.87
CA MET A 232 1.40 -33.12 -5.18
C MET A 232 2.45 -34.23 -5.14
N LEU A 233 3.59 -33.96 -4.49
CA LEU A 233 4.63 -34.99 -4.32
C LEU A 233 4.12 -36.25 -3.60
N LEU A 234 3.29 -36.07 -2.59
CA LEU A 234 2.63 -37.22 -1.96
C LEU A 234 1.82 -38.00 -2.99
N GLU A 235 1.13 -37.30 -3.88
CA GLU A 235 0.43 -37.98 -4.97
C GLU A 235 1.43 -38.73 -5.84
N LEU A 236 2.56 -38.10 -6.09
CA LEU A 236 3.60 -38.66 -6.95
C LEU A 236 4.28 -39.89 -6.35
N ILE A 237 4.45 -39.89 -5.03
CA ILE A 237 5.10 -40.99 -4.34
C ILE A 237 4.14 -42.13 -4.06
N THR A 238 2.92 -41.75 -3.72
CA THR A 238 1.86 -42.67 -3.31
C THR A 238 1.16 -43.33 -4.48
N GLY A 239 0.97 -42.55 -5.53
CA GLY A 239 0.22 -42.99 -6.68
C GLY A 239 -1.25 -42.69 -6.49
N GLN A 240 -1.59 -42.00 -5.42
CA GLN A 240 -2.96 -41.73 -5.10
C GLN A 240 -3.28 -40.26 -4.94
N ARG A 241 -4.56 -39.93 -5.07
CA ARG A 241 -5.02 -38.57 -4.92
C ARG A 241 -4.91 -38.15 -3.48
N ALA A 242 -4.86 -36.85 -3.25
CA ALA A 242 -4.74 -36.38 -1.90
C ALA A 242 -5.95 -36.86 -1.10
N PHE A 243 -7.08 -36.98 -1.77
CA PHE A 243 -8.26 -37.46 -1.09
C PHE A 243 -8.14 -38.89 -0.60
N ASP A 244 -7.55 -39.74 -1.40
CA ASP A 244 -7.42 -41.14 -1.01
C ASP A 244 -6.60 -41.20 0.24
N LEU A 245 -5.54 -40.42 0.26
CA LEU A 245 -4.59 -40.43 1.34
C LEU A 245 -5.23 -40.02 2.64
N ALA A 246 -6.10 -39.05 2.57
CA ALA A 246 -6.68 -38.50 3.78
C ALA A 246 -7.42 -39.57 4.52
N ARG A 247 -8.15 -40.40 3.78
CA ARG A 247 -8.95 -41.42 4.42
C ARG A 247 -8.08 -42.37 5.20
N LEU A 248 -6.94 -42.74 4.63
CA LEU A 248 -6.03 -43.62 5.30
C LEU A 248 -5.47 -43.06 6.57
N ALA A 249 -5.13 -41.78 6.58
CA ALA A 249 -4.57 -41.19 7.77
C ALA A 249 -5.57 -41.21 8.88
N ASN A 250 -6.81 -40.97 8.52
CA ASN A 250 -7.89 -40.94 9.48
C ASN A 250 -8.10 -42.29 10.13
N ASP A 251 -8.04 -43.33 9.32
CA ASP A 251 -8.22 -44.68 9.84
C ASP A 251 -7.41 -44.88 11.11
N ASP A 252 -6.18 -44.37 11.12
CA ASP A 252 -5.36 -44.37 12.32
C ASP A 252 -5.77 -43.22 13.23
N ASP A 253 -6.83 -42.51 12.83
CA ASP A 253 -7.25 -41.29 13.51
C ASP A 253 -6.05 -40.40 13.79
N VAL A 254 -5.38 -40.00 12.71
CA VAL A 254 -4.24 -39.11 12.76
C VAL A 254 -4.37 -38.19 11.55
N MET A 255 -3.77 -37.00 11.63
CA MET A 255 -3.79 -36.07 10.51
C MET A 255 -2.83 -36.53 9.40
N LEU A 256 -3.21 -36.36 8.14
CA LEU A 256 -2.40 -36.87 7.03
C LEU A 256 -0.90 -36.63 7.19
N LEU A 257 -0.50 -35.41 7.54
CA LEU A 257 0.92 -35.08 7.68
C LEU A 257 1.63 -35.78 8.84
N ASP A 258 0.92 -35.96 9.96
CA ASP A 258 1.49 -36.69 11.08
C ASP A 258 1.56 -38.17 10.75
N TRP A 259 0.65 -38.62 9.91
CA TRP A 259 0.62 -39.99 9.44
C TRP A 259 1.84 -40.28 8.55
N VAL A 260 2.06 -39.43 7.55
CA VAL A 260 3.17 -39.62 6.63
C VAL A 260 4.50 -39.51 7.38
N LYS A 261 4.58 -38.49 8.24
CA LYS A 261 5.76 -38.26 9.04
C LYS A 261 6.04 -39.47 9.92
N GLY A 262 4.96 -40.08 10.41
CA GLY A 262 5.07 -41.20 11.33
C GLY A 262 5.59 -42.42 10.62
N LEU A 263 5.13 -42.63 9.39
CA LEU A 263 5.57 -43.76 8.59
C LEU A 263 7.03 -43.62 8.20
N LEU A 264 7.44 -42.39 7.90
CA LEU A 264 8.83 -42.10 7.51
C LEU A 264 9.77 -42.43 8.68
N LYS A 265 9.33 -42.09 9.88
CA LYS A 265 10.13 -42.24 11.08
C LYS A 265 10.20 -43.68 11.56
N GLU A 266 9.14 -44.44 11.28
CA GLU A 266 9.10 -45.84 11.70
C GLU A 266 9.50 -46.81 10.60
N LYS A 267 9.97 -46.27 9.48
CA LYS A 267 10.44 -47.08 8.37
C LYS A 267 9.36 -47.99 7.79
N LYS A 268 8.10 -47.72 8.14
CA LYS A 268 6.99 -48.44 7.53
C LYS A 268 6.64 -47.81 6.18
N LEU A 269 7.67 -47.44 5.42
CA LEU A 269 7.49 -46.78 4.13
C LEU A 269 6.79 -47.64 3.10
N GLU A 270 6.95 -48.96 3.21
CA GLU A 270 6.27 -49.87 2.30
C GLU A 270 4.78 -49.54 2.26
N ALA A 271 4.25 -49.06 3.39
CA ALA A 271 2.83 -48.75 3.49
C ALA A 271 2.40 -47.57 2.61
N LEU A 272 3.35 -46.71 2.26
CA LEU A 272 3.05 -45.49 1.51
C LEU A 272 3.27 -45.63 0.01
N VAL A 273 4.45 -46.10 -0.37
CA VAL A 273 4.90 -46.08 -1.76
C VAL A 273 3.92 -46.73 -2.72
N ASP A 274 3.74 -46.12 -3.88
CA ASP A 274 2.90 -46.65 -4.96
C ASP A 274 3.20 -48.13 -5.18
N VAL A 275 2.28 -48.99 -4.76
CA VAL A 275 2.45 -50.43 -4.89
C VAL A 275 2.73 -50.79 -6.33
N ASP A 276 2.16 -50.00 -7.24
CA ASP A 276 2.29 -50.26 -8.67
C ASP A 276 3.74 -50.14 -9.13
N LEU A 277 4.54 -49.33 -8.43
CA LEU A 277 5.96 -49.27 -8.70
C LEU A 277 6.60 -50.61 -8.39
N GLN A 278 5.78 -51.55 -7.94
CA GLN A 278 6.29 -52.83 -7.45
C GLN A 278 7.25 -52.48 -6.33
N GLY A 279 8.53 -52.72 -6.58
CA GLY A 279 9.54 -52.31 -5.63
C GLY A 279 10.67 -51.57 -6.32
N ASN A 280 10.53 -51.38 -7.63
CA ASN A 280 11.62 -50.83 -8.43
C ASN A 280 11.98 -49.37 -8.12
N TYR A 281 12.66 -49.19 -6.99
CA TYR A 281 13.05 -47.87 -6.53
C TYR A 281 14.07 -47.98 -5.40
N LYS A 282 14.97 -47.01 -5.31
CA LYS A 282 15.92 -46.95 -4.21
C LYS A 282 15.25 -46.36 -2.97
N ASP A 283 15.32 -47.06 -1.85
CA ASP A 283 14.63 -46.64 -0.64
C ASP A 283 15.09 -45.27 -0.13
N GLU A 284 16.33 -44.92 -0.45
CA GLU A 284 16.87 -43.63 -0.02
C GLU A 284 16.33 -42.47 -0.86
N GLU A 285 16.10 -42.73 -2.14
CA GLU A 285 15.59 -41.72 -3.05
C GLU A 285 14.17 -41.28 -2.64
N VAL A 286 13.30 -42.27 -2.49
CA VAL A 286 11.91 -42.06 -2.13
C VAL A 286 11.78 -41.28 -0.82
N GLU A 287 12.59 -41.66 0.16
CA GLU A 287 12.58 -41.03 1.47
C GLU A 287 12.94 -39.55 1.37
N GLN A 288 13.98 -39.26 0.60
CA GLN A 288 14.41 -37.89 0.41
C GLN A 288 13.29 -37.08 -0.23
N LEU A 289 12.55 -37.71 -1.14
CA LEU A 289 11.43 -37.05 -1.79
C LEU A 289 10.30 -36.81 -0.77
N ILE A 290 10.07 -37.78 0.11
CA ILE A 290 9.05 -37.59 1.15
C ILE A 290 9.45 -36.45 2.09
N GLN A 291 10.75 -36.34 2.34
CA GLN A 291 11.28 -35.30 3.20
C GLN A 291 11.04 -33.93 2.60
N VAL A 292 11.32 -33.78 1.30
CA VAL A 292 11.01 -32.54 0.61
C VAL A 292 9.52 -32.24 0.80
N ALA A 293 8.69 -33.26 0.59
CA ALA A 293 7.25 -33.13 0.75
C ALA A 293 6.86 -32.57 2.13
N LEU A 294 7.42 -33.14 3.18
CA LEU A 294 7.12 -32.71 4.54
C LEU A 294 7.65 -31.32 4.85
N LEU A 295 8.85 -31.02 4.36
CA LEU A 295 9.39 -29.69 4.56
C LEU A 295 8.48 -28.67 3.89
N CYS A 296 7.91 -29.06 2.76
CA CYS A 296 7.07 -28.17 1.96
C CYS A 296 5.69 -27.97 2.57
N THR A 297 5.25 -28.90 3.40
CA THR A 297 3.90 -28.83 3.95
C THR A 297 3.84 -28.45 5.42
N GLN A 298 4.95 -27.95 5.97
CA GLN A 298 4.99 -27.46 7.35
C GLN A 298 3.90 -26.43 7.57
N SER A 299 3.30 -26.43 8.77
CA SER A 299 2.22 -25.50 9.05
C SER A 299 2.74 -24.07 9.07
N SER A 300 4.03 -23.92 9.38
CA SER A 300 4.66 -22.59 9.45
C SER A 300 5.18 -22.13 8.09
N PRO A 301 4.51 -21.15 7.49
CA PRO A 301 4.90 -20.70 6.15
C PRO A 301 6.36 -20.24 6.07
N MET A 302 6.85 -19.56 7.11
CA MET A 302 8.21 -19.04 7.11
C MET A 302 9.27 -20.14 7.21
N GLU A 303 8.88 -21.32 7.69
CA GLU A 303 9.83 -22.43 7.78
C GLU A 303 9.80 -23.23 6.48
N ARG A 304 8.67 -23.14 5.79
CA ARG A 304 8.48 -23.74 4.48
C ARG A 304 9.51 -23.19 3.49
N PRO A 305 10.27 -24.08 2.83
CA PRO A 305 11.29 -23.65 1.87
C PRO A 305 10.70 -22.90 0.66
N LYS A 306 11.47 -21.96 0.09
CA LYS A 306 11.10 -21.33 -1.17
C LYS A 306 11.17 -22.40 -2.25
N MET A 307 10.45 -22.20 -3.35
CA MET A 307 10.43 -23.21 -4.41
C MET A 307 11.80 -23.34 -5.11
N SER A 308 12.60 -22.29 -5.06
CA SER A 308 13.96 -22.35 -5.60
C SER A 308 14.87 -23.17 -4.71
N GLU A 309 14.62 -23.14 -3.40
CA GLU A 309 15.38 -23.99 -2.49
C GLU A 309 15.01 -25.44 -2.76
N VAL A 310 13.72 -25.69 -3.03
CA VAL A 310 13.30 -27.03 -3.38
C VAL A 310 14.04 -27.52 -4.62
N VAL A 311 14.15 -26.67 -5.64
CA VAL A 311 14.86 -27.03 -6.87
C VAL A 311 16.33 -27.41 -6.61
N ARG A 312 17.04 -26.61 -5.83
CA ARG A 312 18.40 -26.97 -5.44
C ARG A 312 18.44 -28.31 -4.67
N MET A 313 17.49 -28.50 -3.77
CA MET A 313 17.36 -29.72 -2.96
C MET A 313 17.20 -30.97 -3.82
N LEU A 314 16.30 -30.89 -4.79
CA LEU A 314 16.04 -31.99 -5.71
C LEU A 314 17.23 -32.27 -6.62
N GLU A 315 18.02 -31.23 -6.89
CA GLU A 315 19.20 -31.35 -7.74
C GLU A 315 20.35 -32.03 -7.01
N GLY A 316 20.40 -31.87 -5.70
CA GLY A 316 21.44 -32.48 -4.89
C GLY A 316 21.82 -31.72 -3.62
N ASP A 317 21.81 -30.39 -3.69
CA ASP A 317 22.32 -29.58 -2.59
C ASP A 317 21.29 -29.27 -1.47
N GLY A 318 21.71 -29.48 -0.22
CA GLY A 318 21.06 -28.83 0.91
C GLY A 318 19.98 -29.57 1.64
N LEU A 319 19.62 -30.77 1.18
CA LEU A 319 18.51 -31.50 1.79
C LEU A 319 18.78 -31.99 3.21
N ALA A 320 19.85 -32.77 3.39
CA ALA A 320 20.13 -33.37 4.69
C ALA A 320 20.18 -32.31 5.80
N GLU A 321 20.76 -31.15 5.48
CA GLU A 321 20.91 -30.08 6.43
C GLU A 321 19.54 -29.50 6.83
N ARG A 322 18.73 -29.20 5.81
CA ARG A 322 17.43 -28.60 6.04
C ARG A 322 16.50 -29.56 6.78
N TRP A 323 16.67 -30.85 6.51
CA TRP A 323 15.92 -31.89 7.20
C TRP A 323 16.38 -32.10 8.64
N GLU A 324 17.67 -31.84 8.90
CA GLU A 324 18.16 -31.86 10.26
C GLU A 324 17.60 -30.69 11.06
N GLU A 325 17.61 -29.50 10.46
CA GLU A 325 17.02 -28.32 11.09
C GLU A 325 15.52 -28.50 11.33
N TRP A 326 14.99 -29.60 10.80
CA TRP A 326 13.60 -29.99 10.99
C TRP A 326 13.41 -30.39 12.46
N GLN A 327 14.17 -31.38 12.92
CA GLN A 327 14.11 -31.78 14.33
C GLN A 327 15.21 -31.15 15.19
N ILE B 25 -17.93 -9.36 -21.56
CA ILE B 25 -18.34 -9.14 -20.17
C ILE B 25 -17.21 -9.44 -19.18
N ARG B 26 -16.49 -8.39 -18.81
CA ARG B 26 -15.44 -8.48 -17.80
C ARG B 26 -16.02 -8.92 -16.45
N VAL B 27 -15.46 -9.97 -15.86
CA VAL B 27 -15.90 -10.45 -14.54
C VAL B 27 -15.14 -9.70 -13.46
N ASP B 28 -15.84 -9.33 -12.40
CA ASP B 28 -15.21 -8.59 -11.31
C ASP B 28 -14.84 -9.51 -10.17
N ARG B 29 -13.54 -9.72 -10.01
CA ARG B 29 -13.02 -10.62 -8.98
C ARG B 29 -13.32 -10.08 -7.58
N ALA B 30 -13.23 -8.77 -7.40
CA ALA B 30 -13.54 -8.16 -6.11
C ALA B 30 -15.01 -8.35 -5.70
N ALA B 31 -15.91 -8.06 -6.63
CA ALA B 31 -17.34 -8.25 -6.36
C ALA B 31 -17.60 -9.69 -5.94
N MET B 32 -17.05 -10.64 -6.69
CA MET B 32 -17.28 -12.05 -6.43
C MET B 32 -16.84 -12.40 -5.02
N ARG B 33 -15.70 -11.84 -4.66
CA ARG B 33 -15.06 -12.06 -3.39
C ARG B 33 -15.87 -11.40 -2.28
N ASN B 34 -16.39 -10.22 -2.58
CA ASN B 34 -17.19 -9.49 -1.61
C ASN B 34 -18.48 -10.25 -1.29
N ARG B 35 -19.10 -10.80 -2.33
CA ARG B 35 -20.36 -11.51 -2.18
C ARG B 35 -20.19 -12.74 -1.32
N GLY B 36 -19.10 -13.47 -1.53
CA GLY B 36 -18.80 -14.65 -0.76
C GLY B 36 -18.56 -14.31 0.70
N ASN B 37 -17.84 -13.22 0.94
CA ASN B 37 -17.63 -12.73 2.30
C ASN B 37 -18.94 -12.29 2.94
N ASP B 38 -19.84 -11.76 2.13
CA ASP B 38 -21.13 -11.31 2.63
C ASP B 38 -22.10 -12.48 2.88
N GLU B 39 -22.25 -13.37 1.91
CA GLU B 39 -23.05 -14.56 2.11
C GLU B 39 -22.55 -15.37 3.30
N ALA B 40 -21.25 -15.31 3.55
CA ALA B 40 -20.66 -16.03 4.66
C ALA B 40 -20.98 -15.38 5.99
N ASP B 41 -20.89 -14.05 6.04
CA ASP B 41 -21.20 -13.32 7.27
C ASP B 41 -22.70 -13.43 7.61
N ALA B 42 -23.55 -13.31 6.59
CA ALA B 42 -24.98 -13.48 6.80
C ALA B 42 -25.24 -14.88 7.37
N ALA B 43 -24.48 -15.84 6.88
CA ALA B 43 -24.59 -17.23 7.30
C ALA B 43 -24.08 -17.41 8.71
N LEU B 44 -22.98 -16.74 9.02
CA LEU B 44 -22.41 -16.79 10.37
C LEU B 44 -23.33 -16.10 11.37
N ARG B 45 -23.94 -15.00 10.95
CA ARG B 45 -24.89 -14.29 11.80
C ARG B 45 -25.98 -15.23 12.25
N GLY B 46 -26.53 -16.00 11.31
CA GLY B 46 -27.58 -16.95 11.61
C GLY B 46 -27.14 -18.05 12.58
N LEU B 47 -25.93 -18.56 12.37
CA LEU B 47 -25.39 -19.61 13.24
C LEU B 47 -25.20 -19.08 14.67
N VAL B 48 -24.85 -17.80 14.78
CA VAL B 48 -24.74 -17.18 16.10
C VAL B 48 -26.14 -16.94 16.64
N GLN B 49 -27.06 -16.65 15.72
CA GLN B 49 -28.46 -16.46 16.07
C GLN B 49 -29.04 -17.75 16.65
N GLN B 50 -28.66 -18.88 16.08
CA GLN B 50 -29.26 -20.16 16.47
C GLN B 50 -28.46 -20.86 17.57
N GLY B 51 -27.69 -20.10 18.34
CA GLY B 51 -26.99 -20.62 19.49
C GLY B 51 -26.02 -21.74 19.16
N VAL B 52 -25.71 -21.90 17.87
CA VAL B 52 -24.76 -22.91 17.44
C VAL B 52 -23.46 -22.74 18.21
N ASN B 53 -22.83 -23.85 18.57
CA ASN B 53 -21.55 -23.77 19.23
C ASN B 53 -20.46 -23.46 18.19
N LEU B 54 -19.81 -22.31 18.35
CA LEU B 54 -18.91 -21.80 17.32
C LEU B 54 -17.44 -22.20 17.49
N GLU B 55 -16.88 -22.03 18.70
CA GLU B 55 -15.55 -22.54 18.96
C GLU B 55 -15.56 -24.06 18.78
N HIS B 56 -16.77 -24.61 18.88
CA HIS B 56 -17.03 -26.01 18.56
C HIS B 56 -16.85 -26.18 17.07
N LEU B 57 -17.48 -25.27 16.34
CA LEU B 57 -17.65 -25.37 14.89
C LEU B 57 -16.34 -25.26 14.11
N ARG B 58 -15.47 -24.36 14.55
CA ARG B 58 -14.15 -24.23 13.94
C ARG B 58 -13.63 -25.61 13.59
N THR B 59 -13.75 -26.53 14.54
CA THR B 59 -13.16 -27.86 14.43
C THR B 59 -13.74 -28.70 13.29
N ALA B 60 -15.07 -28.74 13.19
CA ALA B 60 -15.70 -29.54 12.14
C ALA B 60 -15.34 -29.00 10.77
N LEU B 61 -15.25 -27.67 10.68
CA LEU B 61 -14.90 -26.99 9.43
C LEU B 61 -13.42 -27.14 9.08
N GLU B 62 -12.56 -27.05 10.08
CA GLU B 62 -11.14 -27.19 9.86
C GLU B 62 -10.82 -28.61 9.42
N ARG B 63 -11.34 -29.58 10.15
CA ARG B 63 -11.07 -30.97 9.84
C ARG B 63 -11.70 -31.40 8.52
N HIS B 64 -12.76 -30.72 8.10
CA HIS B 64 -13.40 -31.04 6.84
C HIS B 64 -12.60 -30.50 5.66
N VAL B 65 -12.20 -29.24 5.76
CA VAL B 65 -11.53 -28.55 4.68
C VAL B 65 -10.10 -29.02 4.44
N MET B 66 -9.39 -29.40 5.50
CA MET B 66 -8.05 -29.96 5.34
C MET B 66 -8.11 -31.43 5.00
N GLN B 67 -8.55 -32.23 5.98
CA GLN B 67 -8.52 -33.69 5.94
C GLN B 67 -9.69 -34.31 5.17
N ARG B 68 -10.56 -33.47 4.61
CA ARG B 68 -11.78 -33.95 3.94
C ARG B 68 -12.60 -34.86 4.83
N LEU B 69 -12.45 -34.68 6.15
CA LEU B 69 -13.20 -35.45 7.13
C LEU B 69 -14.70 -35.21 6.89
N PRO B 70 -15.49 -36.30 6.88
CA PRO B 70 -16.92 -36.19 6.55
C PRO B 70 -17.71 -35.40 7.59
N ILE B 71 -18.51 -34.46 7.09
CA ILE B 71 -19.22 -33.50 7.92
C ILE B 71 -20.34 -34.14 8.75
N PRO B 72 -20.43 -33.76 10.05
CA PRO B 72 -21.44 -34.33 10.96
C PRO B 72 -22.88 -34.02 10.51
N LEU B 73 -23.74 -35.01 10.59
CA LEU B 73 -25.14 -34.86 10.24
C LEU B 73 -25.80 -33.88 11.20
N ASP B 74 -25.35 -33.95 12.46
CA ASP B 74 -25.68 -32.97 13.48
C ASP B 74 -25.68 -31.57 12.86
N ILE B 75 -24.54 -31.18 12.33
CA ILE B 75 -24.34 -29.83 11.85
C ILE B 75 -24.64 -29.64 10.35
N GLY B 76 -24.58 -30.72 9.60
CA GLY B 76 -24.96 -30.65 8.19
C GLY B 76 -26.30 -29.96 8.06
N SER B 77 -27.28 -30.42 8.85
CA SER B 77 -28.59 -29.78 8.89
C SER B 77 -28.47 -28.33 9.35
N ALA B 78 -27.79 -28.10 10.47
CA ALA B 78 -27.60 -26.74 10.95
C ALA B 78 -27.09 -25.79 9.84
N LEU B 79 -26.12 -26.27 9.05
CA LEU B 79 -25.61 -25.49 7.92
C LEU B 79 -26.66 -25.38 6.81
N GLN B 80 -27.31 -26.50 6.54
CA GLN B 80 -28.37 -26.56 5.55
C GLN B 80 -29.49 -25.60 5.92
N ASN B 81 -29.71 -25.48 7.22
CA ASN B 81 -30.67 -24.54 7.76
C ASN B 81 -30.28 -23.11 7.39
N VAL B 82 -29.00 -22.81 7.53
CA VAL B 82 -28.45 -21.50 7.18
C VAL B 82 -28.23 -21.37 5.66
N GLY B 83 -28.59 -22.41 4.92
CA GLY B 83 -28.50 -22.37 3.48
C GLY B 83 -27.17 -22.87 2.94
N ILE B 84 -26.19 -23.07 3.82
CA ILE B 84 -24.89 -23.61 3.41
C ILE B 84 -24.99 -25.11 3.20
N ASN B 85 -24.89 -25.53 1.95
CA ASN B 85 -25.00 -26.95 1.62
C ASN B 85 -23.74 -27.74 1.94
N PRO B 86 -23.84 -28.66 2.91
CA PRO B 86 -22.82 -29.70 2.94
C PRO B 86 -22.99 -30.50 1.66
N SER B 87 -21.91 -30.96 1.03
CA SER B 87 -20.55 -30.71 1.49
C SER B 87 -19.59 -30.73 0.32
N ILE B 88 -18.37 -30.25 0.54
CA ILE B 88 -17.36 -30.24 -0.50
C ILE B 88 -17.03 -31.67 -0.92
N ASP B 89 -17.92 -32.27 -1.69
CA ASP B 89 -17.77 -33.66 -2.09
C ASP B 89 -16.70 -33.82 -3.17
N LEU B 90 -16.64 -32.86 -4.08
CA LEU B 90 -15.74 -32.94 -5.22
C LEU B 90 -14.26 -32.85 -4.84
N GLY B 91 -13.42 -33.53 -5.61
CA GLY B 91 -11.98 -33.36 -5.56
C GLY B 91 -11.55 -32.45 -6.69
N GLU B 92 -12.53 -31.78 -7.28
CA GLU B 92 -12.30 -30.85 -8.37
C GLU B 92 -11.74 -29.53 -7.86
N SER B 93 -11.35 -28.65 -8.79
CA SER B 93 -10.77 -27.35 -8.48
C SER B 93 -11.86 -26.31 -8.20
N LEU B 94 -11.85 -25.73 -7.01
CA LEU B 94 -12.90 -24.80 -6.57
C LEU B 94 -12.54 -23.35 -6.81
N VAL B 95 -13.35 -22.67 -7.61
CA VAL B 95 -13.16 -21.24 -7.77
C VAL B 95 -13.64 -20.58 -6.51
N GLN B 96 -14.59 -21.24 -5.85
CA GLN B 96 -15.10 -20.78 -4.57
C GLN B 96 -15.99 -21.83 -3.97
N HIS B 97 -16.26 -21.68 -2.67
CA HIS B 97 -17.19 -22.54 -1.97
C HIS B 97 -17.68 -21.85 -0.72
N PRO B 98 -18.98 -22.03 -0.41
CA PRO B 98 -19.58 -21.46 0.81
C PRO B 98 -18.85 -21.92 2.07
N LEU B 99 -18.54 -23.20 2.18
CA LEU B 99 -17.78 -23.69 3.33
C LEU B 99 -16.41 -23.01 3.54
N LEU B 100 -15.67 -22.76 2.45
CA LEU B 100 -14.37 -22.10 2.60
C LEU B 100 -14.54 -20.66 3.05
N ASN B 101 -15.49 -19.97 2.42
CA ASN B 101 -15.80 -18.60 2.81
C ASN B 101 -16.20 -18.51 4.27
N LEU B 102 -17.01 -19.46 4.74
CA LEU B 102 -17.47 -19.49 6.12
C LEU B 102 -16.35 -19.74 7.10
N ASN B 103 -15.46 -20.67 6.77
CA ASN B 103 -14.34 -20.99 7.64
C ASN B 103 -13.49 -19.76 7.91
N VAL B 104 -13.34 -18.91 6.88
CA VAL B 104 -12.59 -17.67 7.03
C VAL B 104 -13.31 -16.69 7.94
N ALA B 105 -14.64 -16.63 7.80
CA ALA B 105 -15.47 -15.73 8.57
C ALA B 105 -15.48 -16.11 10.05
N LEU B 106 -15.37 -17.40 10.32
CA LEU B 106 -15.24 -17.90 11.68
C LEU B 106 -13.97 -17.41 12.35
N ASN B 107 -12.83 -17.70 11.74
CA ASN B 107 -11.54 -17.36 12.31
C ASN B 107 -11.35 -15.87 12.54
N ARG B 108 -12.02 -15.07 11.73
CA ARG B 108 -11.99 -13.62 11.93
C ARG B 108 -12.67 -13.31 13.26
N MET B 109 -13.80 -13.95 13.50
CA MET B 109 -14.59 -13.69 14.69
C MET B 109 -13.95 -14.23 15.98
N LEU B 110 -13.11 -15.25 15.87
CA LEU B 110 -12.52 -15.88 17.04
C LEU B 110 -10.99 -15.83 17.05
N GLY B 111 -10.42 -14.74 16.53
CA GLY B 111 -8.97 -14.60 16.47
C GLY B 111 -8.29 -15.68 15.66
N LEU C 25 1.65 -5.58 -25.48
CA LEU C 25 2.60 -4.83 -26.28
C LEU C 25 1.91 -3.67 -27.02
N LYS C 26 1.95 -2.49 -26.40
CA LYS C 26 1.27 -1.32 -26.93
C LYS C 26 1.87 -0.87 -28.25
N ARG C 27 1.02 -0.49 -29.19
CA ARG C 27 1.49 0.32 -30.30
C ARG C 27 1.09 1.78 -30.09
N PHE C 28 2.09 2.63 -29.86
CA PHE C 28 1.86 4.04 -29.63
C PHE C 28 1.75 4.77 -30.95
N SER C 29 1.16 5.96 -30.91
CA SER C 29 1.16 6.86 -32.05
C SER C 29 2.35 7.78 -31.87
N LEU C 30 2.83 8.37 -32.96
CA LEU C 30 3.96 9.29 -32.84
C LEU C 30 3.63 10.42 -31.87
N ARG C 31 2.39 10.88 -31.89
CA ARG C 31 1.94 11.97 -31.03
C ARG C 31 2.09 11.64 -29.54
N GLU C 32 1.63 10.45 -29.14
CA GLU C 32 1.74 10.03 -27.75
C GLU C 32 3.20 10.05 -27.27
N LEU C 33 4.11 9.68 -28.17
CA LEU C 33 5.53 9.65 -27.83
C LEU C 33 6.20 11.02 -27.98
N GLN C 34 5.61 11.88 -28.80
CA GLN C 34 6.06 13.27 -28.87
C GLN C 34 5.67 13.99 -27.59
N VAL C 35 4.43 13.81 -27.16
CA VAL C 35 3.95 14.40 -25.93
C VAL C 35 4.79 13.92 -24.76
N ALA C 36 4.84 12.60 -24.61
CA ALA C 36 5.58 11.97 -23.51
C ALA C 36 7.04 12.44 -23.36
N SER C 37 7.70 12.73 -24.49
CA SER C 37 9.11 13.11 -24.47
C SER C 37 9.35 14.62 -24.61
N ASP C 38 8.27 15.40 -24.70
CA ASP C 38 8.36 16.85 -24.93
C ASP C 38 8.97 17.17 -26.30
N ASN C 39 8.52 16.45 -27.32
CA ASN C 39 9.04 16.61 -28.67
C ASN C 39 10.52 16.32 -28.77
N PHE C 40 10.96 15.40 -27.93
CA PHE C 40 12.33 14.91 -27.96
C PHE C 40 13.32 16.01 -27.62
N SER C 41 12.97 16.78 -26.59
CA SER C 41 13.85 17.79 -26.05
C SER C 41 15.25 17.23 -25.83
N ASN C 42 16.26 18.05 -26.06
CA ASN C 42 17.64 17.66 -25.79
C ASN C 42 17.87 17.44 -24.29
N LYS C 43 16.97 17.97 -23.48
CA LYS C 43 17.06 17.81 -22.03
C LYS C 43 16.80 16.37 -21.60
N ASN C 44 15.93 15.69 -22.35
CA ASN C 44 15.50 14.33 -22.05
C ASN C 44 16.35 13.21 -22.62
N ILE C 45 17.39 13.55 -23.38
CA ILE C 45 18.26 12.53 -23.94
C ILE C 45 19.06 11.84 -22.84
N LEU C 46 19.03 10.51 -22.83
CA LEU C 46 19.76 9.72 -21.85
C LEU C 46 20.93 8.99 -22.50
N GLY C 47 20.87 8.84 -23.82
CA GLY C 47 21.85 8.04 -24.53
C GLY C 47 21.83 8.37 -26.00
N ARG C 48 23.00 8.35 -26.61
CA ARG C 48 23.08 8.58 -28.03
C ARG C 48 24.16 7.71 -28.63
N GLY C 49 24.02 7.43 -29.92
CA GLY C 49 24.98 6.60 -30.63
C GLY C 49 24.67 6.66 -32.10
N GLY C 50 25.32 5.80 -32.89
CA GLY C 50 25.02 5.72 -34.30
C GLY C 50 23.56 5.35 -34.48
N PHE C 51 23.10 4.43 -33.64
CA PHE C 51 21.75 3.89 -33.72
C PHE C 51 20.67 4.98 -33.63
N GLY C 52 20.91 5.99 -32.82
CA GLY C 52 19.93 7.04 -32.64
C GLY C 52 19.99 7.64 -31.24
N LYS C 53 18.83 7.77 -30.61
CA LYS C 53 18.76 8.39 -29.29
C LYS C 53 17.69 7.81 -28.40
N VAL C 54 18.03 7.60 -27.13
CA VAL C 54 17.09 7.22 -26.10
C VAL C 54 16.66 8.46 -25.32
N TYR C 55 15.37 8.66 -25.18
CA TYR C 55 14.85 9.80 -24.44
C TYR C 55 14.08 9.36 -23.20
N LYS C 56 14.23 10.11 -22.12
CA LYS C 56 13.34 9.99 -20.97
C LYS C 56 11.95 10.48 -21.36
N GLY C 57 10.91 9.86 -20.81
CA GLY C 57 9.55 10.22 -21.13
C GLY C 57 8.53 9.77 -20.09
N ARG C 58 7.38 10.42 -20.09
CA ARG C 58 6.31 10.02 -19.20
C ARG C 58 5.02 9.85 -19.99
N LEU C 59 4.41 8.67 -19.89
CA LEU C 59 3.17 8.41 -20.62
C LEU C 59 1.98 9.09 -19.93
N ALA C 60 0.83 9.05 -20.57
CA ALA C 60 -0.35 9.73 -20.05
C ALA C 60 -0.71 9.29 -18.62
N ASP C 61 -0.57 7.99 -18.34
CA ASP C 61 -0.92 7.47 -17.02
C ASP C 61 0.13 7.80 -15.96
N GLY C 62 1.18 8.51 -16.38
CA GLY C 62 2.23 8.91 -15.47
C GLY C 62 3.40 7.95 -15.37
N THR C 63 3.39 6.94 -16.23
CA THR C 63 4.46 5.98 -16.34
C THR C 63 5.74 6.53 -16.97
N LEU C 64 6.85 6.23 -16.34
CA LEU C 64 8.14 6.72 -16.78
C LEU C 64 8.75 5.71 -17.73
N VAL C 65 9.14 6.16 -18.91
CA VAL C 65 9.62 5.26 -19.90
C VAL C 65 10.89 5.74 -20.53
N ALA C 66 11.62 4.82 -21.11
CA ALA C 66 12.75 5.15 -21.99
C ALA C 66 12.30 4.97 -23.43
N VAL C 67 12.44 6.00 -24.24
CA VAL C 67 11.99 5.92 -25.62
C VAL C 67 13.16 5.91 -26.61
N LYS C 68 13.44 4.76 -27.20
CA LYS C 68 14.51 4.65 -28.18
C LYS C 68 14.02 5.08 -29.55
N ARG C 69 14.56 6.21 -30.03
CA ARG C 69 14.20 6.69 -31.37
C ARG C 69 15.36 6.48 -32.34
N LEU C 70 15.17 5.53 -33.27
CA LEU C 70 16.18 5.21 -34.26
C LEU C 70 16.45 6.41 -35.16
N LYS C 71 17.63 6.40 -35.78
CA LYS C 71 18.05 7.45 -36.69
C LYS C 71 17.10 7.62 -37.89
N GLU C 72 17.18 8.79 -38.51
CA GLU C 72 16.35 9.16 -39.65
C GLU C 72 16.67 8.32 -40.88
N GLU C 73 17.97 8.17 -41.17
CA GLU C 73 18.45 7.28 -42.21
C GLU C 73 18.29 5.84 -41.75
N ARG C 74 17.77 4.99 -42.63
CA ARG C 74 17.35 3.65 -42.24
C ARG C 74 18.27 2.52 -42.73
N TPO C 75 19.30 2.19 -41.94
CA TPO C 75 20.14 1.06 -42.21
CB TPO C 75 21.14 0.71 -41.12
CG2 TPO C 75 22.00 -0.44 -41.55
OG1 TPO C 75 22.00 1.70 -40.73
P TPO C 75 23.20 1.28 -39.83
O1P TPO C 75 23.64 2.46 -39.00
O2P TPO C 75 22.70 0.24 -38.87
O3P TPO C 75 24.36 0.75 -40.63
C TPO C 75 19.26 -0.13 -42.18
O TPO C 75 18.29 -0.15 -41.47
N GLN C 76 19.63 -1.16 -42.94
CA GLN C 76 18.98 -2.45 -42.85
C GLN C 76 19.29 -3.12 -41.50
N GLY C 77 20.41 -2.74 -40.89
CA GLY C 77 20.80 -3.24 -39.58
C GLY C 77 19.91 -2.74 -38.44
N GLY C 78 19.61 -1.43 -38.47
CA GLY C 78 18.66 -0.86 -37.54
C GLY C 78 17.29 -1.50 -37.69
N GLU C 79 16.90 -1.82 -38.92
CA GLU C 79 15.63 -2.50 -39.14
C GLU C 79 15.66 -3.90 -38.56
N LEU C 80 16.77 -4.59 -38.72
CA LEU C 80 16.85 -5.95 -38.23
C LEU C 80 16.74 -5.92 -36.70
N GLN C 81 17.40 -4.94 -36.09
CA GLN C 81 17.37 -4.79 -34.65
C GLN C 81 15.96 -4.40 -34.16
N PHE C 82 15.28 -3.54 -34.91
CA PHE C 82 13.97 -3.06 -34.51
C PHE C 82 12.99 -4.20 -34.58
N GLN C 83 13.09 -4.95 -35.66
CA GLN C 83 12.18 -6.05 -35.93
C GLN C 83 12.44 -7.24 -35.01
N THR C 84 13.64 -7.31 -34.44
CA THR C 84 13.97 -8.40 -33.53
C THR C 84 13.55 -8.11 -32.10
N GLU C 85 13.72 -6.87 -31.66
CA GLU C 85 13.20 -6.44 -30.36
C GLU C 85 11.69 -6.64 -30.28
N VAL C 86 10.99 -6.17 -31.30
CA VAL C 86 9.56 -6.32 -31.37
C VAL C 86 9.13 -7.80 -31.36
N GLU C 87 9.66 -8.60 -32.29
CA GLU C 87 9.20 -9.99 -32.42
C GLU C 87 9.57 -10.85 -31.20
N MET C 88 10.41 -10.30 -30.33
CA MET C 88 10.91 -11.02 -29.17
C MET C 88 10.02 -10.90 -27.94
N ILE C 89 9.16 -9.88 -27.91
CA ILE C 89 8.46 -9.56 -26.67
C ILE C 89 7.67 -10.75 -26.11
N SER C 90 7.15 -11.59 -26.99
CA SER C 90 6.33 -12.72 -26.55
C SER C 90 7.14 -13.95 -26.15
N MET C 91 8.43 -13.96 -26.45
CA MET C 91 9.21 -15.19 -26.30
C MET C 91 10.04 -15.27 -25.03
N ALA C 92 10.15 -14.15 -24.32
CA ALA C 92 10.95 -14.13 -23.11
C ALA C 92 10.32 -13.21 -22.09
N VAL C 93 10.19 -13.71 -20.87
CA VAL C 93 9.60 -12.94 -19.77
C VAL C 93 10.31 -13.31 -18.48
N HIS C 94 10.99 -12.36 -17.86
CA HIS C 94 11.75 -12.69 -16.67
C HIS C 94 12.17 -11.40 -16.00
N ARG C 95 12.25 -11.41 -14.67
CA ARG C 95 12.48 -10.18 -13.89
C ARG C 95 13.87 -9.59 -14.16
N ASN C 96 14.81 -10.45 -14.55
CA ASN C 96 16.15 -10.02 -14.92
C ASN C 96 16.32 -9.68 -16.42
N LEU C 97 15.21 -9.54 -17.14
CA LEU C 97 15.30 -9.15 -18.56
C LEU C 97 14.40 -7.97 -18.81
N LEU C 98 14.91 -7.00 -19.57
CA LEU C 98 14.11 -5.82 -19.83
C LEU C 98 12.96 -6.15 -20.79
N ARG C 99 11.75 -5.76 -20.40
CA ARG C 99 10.54 -6.06 -21.16
C ARG C 99 10.21 -4.85 -22.01
N LEU C 100 10.10 -5.04 -23.31
CA LEU C 100 9.70 -3.94 -24.18
C LEU C 100 8.26 -3.55 -23.79
N ARG C 101 8.02 -2.26 -23.61
CA ARG C 101 6.70 -1.77 -23.25
C ARG C 101 5.82 -1.60 -24.51
N GLY C 102 6.40 -1.04 -25.55
CA GLY C 102 5.62 -0.77 -26.74
C GLY C 102 6.50 -0.35 -27.90
N PHE C 103 5.87 0.20 -28.92
CA PHE C 103 6.61 0.59 -30.11
C PHE C 103 5.77 1.49 -31.01
N CYS C 104 6.46 2.24 -31.86
CA CYS C 104 5.81 3.11 -32.81
C CYS C 104 6.49 2.93 -34.15
N MET C 105 5.69 2.98 -35.22
CA MET C 105 6.19 2.66 -36.54
C MET C 105 5.40 3.44 -37.57
N THR C 106 6.04 4.46 -38.15
CA THR C 106 5.43 5.20 -39.24
C THR C 106 6.30 5.05 -40.48
N PRO C 107 5.95 5.70 -41.57
CA PRO C 107 6.79 5.61 -42.75
C PRO C 107 8.15 6.15 -42.41
N THR C 108 8.18 7.24 -41.67
CA THR C 108 9.44 7.88 -41.35
C THR C 108 10.04 7.67 -39.96
N GLU C 109 9.36 6.94 -39.08
CA GLU C 109 9.82 6.84 -37.71
C GLU C 109 9.89 5.44 -37.14
N ARG C 110 10.93 5.18 -36.33
CA ARG C 110 11.06 3.92 -35.61
C ARG C 110 11.31 4.20 -34.13
N LEU C 111 10.40 3.76 -33.27
CA LEU C 111 10.51 4.02 -31.83
C LEU C 111 10.27 2.78 -30.97
N LEU C 112 11.03 2.67 -29.89
CA LEU C 112 10.90 1.55 -28.98
C LEU C 112 10.75 2.09 -27.57
N VAL C 113 9.72 1.63 -26.87
CA VAL C 113 9.42 2.16 -25.55
C VAL C 113 9.72 1.12 -24.48
N TYR C 114 10.50 1.49 -23.47
CA TYR C 114 10.81 0.57 -22.39
C TYR C 114 10.54 1.15 -21.02
N PRO C 115 10.39 0.29 -20.01
CA PRO C 115 10.34 0.81 -18.64
C PRO C 115 11.64 1.54 -18.34
N TYR C 116 11.52 2.68 -17.67
CA TYR C 116 12.66 3.49 -17.32
C TYR C 116 13.41 2.85 -16.16
N MET C 117 14.71 2.58 -16.34
CA MET C 117 15.50 2.07 -15.23
C MET C 117 16.25 3.21 -14.57
N ALA C 118 15.88 3.50 -13.33
CA ALA C 118 16.32 4.71 -12.62
C ALA C 118 17.83 4.84 -12.51
N ASN C 119 18.51 3.72 -12.32
CA ASN C 119 19.97 3.72 -12.14
C ASN C 119 20.77 3.52 -13.43
N GLY C 120 20.11 3.59 -14.57
CA GLY C 120 20.79 3.41 -15.85
C GLY C 120 21.55 2.10 -15.96
N SER C 121 22.56 2.10 -16.83
CA SER C 121 23.34 0.90 -17.11
C SER C 121 24.40 0.61 -16.05
N VAL C 122 24.81 -0.64 -15.96
CA VAL C 122 25.84 -1.01 -15.04
C VAL C 122 27.11 -0.28 -15.41
N ALA C 123 27.38 -0.11 -16.68
CA ALA C 123 28.58 0.58 -17.12
C ALA C 123 28.62 2.01 -16.64
N SER C 124 27.47 2.65 -16.68
CA SER C 124 27.32 4.02 -16.26
C SER C 124 27.57 4.22 -14.78
N CYS C 125 27.49 3.17 -13.98
CA CYS C 125 27.73 3.26 -12.56
C CYS C 125 29.11 2.87 -12.13
N LEU C 126 30.02 2.62 -13.05
CA LEU C 126 31.30 2.06 -12.69
C LEU C 126 32.45 3.06 -12.67
N ARG C 127 33.02 3.42 -13.79
CA ARG C 127 34.05 4.44 -13.68
C ARG C 127 33.61 5.64 -14.46
N GLU C 128 32.81 5.39 -15.51
CA GLU C 128 32.30 6.46 -16.36
C GLU C 128 31.18 7.22 -15.68
N ARG C 129 30.81 6.77 -14.48
CA ARG C 129 29.74 7.41 -13.71
C ARG C 129 30.09 8.86 -13.40
N PRO C 130 29.25 9.49 -12.58
CA PRO C 130 29.46 10.89 -12.18
C PRO C 130 30.26 11.00 -10.88
N GLU C 131 31.19 11.96 -10.83
CA GLU C 131 32.01 12.16 -9.64
C GLU C 131 31.15 12.33 -8.40
N SER C 132 31.61 11.78 -7.28
CA SER C 132 30.88 11.87 -6.01
C SER C 132 29.54 11.14 -6.00
N GLN C 133 29.19 10.48 -7.11
CA GLN C 133 28.09 9.54 -7.10
C GLN C 133 28.60 8.24 -6.50
N PRO C 134 27.85 7.67 -5.53
CA PRO C 134 28.35 6.49 -4.81
C PRO C 134 28.57 5.30 -5.72
N PRO C 135 29.73 4.62 -5.58
CA PRO C 135 30.10 3.48 -6.41
C PRO C 135 29.31 2.23 -6.05
N LEU C 136 29.28 1.26 -6.95
CA LEU C 136 28.64 -0.01 -6.67
C LEU C 136 29.47 -0.79 -5.65
N ASP C 137 28.89 -1.08 -4.49
CA ASP C 137 29.63 -1.85 -3.47
C ASP C 137 29.79 -3.32 -3.88
N TRP C 138 30.74 -3.99 -3.26
CA TRP C 138 31.05 -5.36 -3.64
C TRP C 138 29.83 -6.29 -3.68
N PRO C 139 29.05 -6.32 -2.58
CA PRO C 139 27.81 -7.12 -2.61
C PRO C 139 26.85 -6.73 -3.73
N LYS C 140 26.83 -5.46 -4.15
CA LYS C 140 25.97 -5.08 -5.26
C LYS C 140 26.43 -5.81 -6.51
N ARG C 141 27.73 -5.74 -6.77
CA ARG C 141 28.29 -6.35 -7.96
C ARG C 141 28.07 -7.85 -7.96
N GLN C 142 28.12 -8.44 -6.79
CA GLN C 142 27.84 -9.84 -6.71
C GLN C 142 26.41 -10.14 -7.09
N ARG C 143 25.50 -9.27 -6.67
CA ARG C 143 24.11 -9.39 -7.04
C ARG C 143 23.88 -9.18 -8.51
N ILE C 144 24.58 -8.22 -9.08
CA ILE C 144 24.49 -7.95 -10.48
C ILE C 144 24.97 -9.12 -11.31
N ALA C 145 26.03 -9.76 -10.90
CA ALA C 145 26.52 -10.93 -11.60
C ALA C 145 25.50 -12.06 -11.52
N LEU C 146 24.88 -12.19 -10.36
CA LEU C 146 23.94 -13.28 -10.14
C LEU C 146 22.67 -13.10 -10.97
N GLY C 147 22.13 -11.88 -10.94
CA GLY C 147 20.94 -11.53 -11.72
C GLY C 147 21.14 -11.65 -13.22
N SER C 148 22.24 -11.09 -13.72
CA SER C 148 22.62 -11.23 -15.14
C SER C 148 22.65 -12.70 -15.54
N ALA C 149 23.38 -13.48 -14.76
CA ALA C 149 23.48 -14.90 -15.06
C ALA C 149 22.13 -15.59 -15.11
N ARG C 150 21.24 -15.20 -14.19
CA ARG C 150 19.90 -15.79 -14.17
C ARG C 150 19.09 -15.42 -15.41
N GLY C 151 19.09 -14.16 -15.79
CA GLY C 151 18.42 -13.77 -17.02
C GLY C 151 18.92 -14.59 -18.19
N LEU C 152 20.25 -14.69 -18.34
CA LEU C 152 20.82 -15.42 -19.48
C LEU C 152 20.58 -16.91 -19.42
N ALA C 153 20.67 -17.47 -18.21
CA ALA C 153 20.44 -18.89 -18.01
C ALA C 153 19.03 -19.25 -18.46
N TYR C 154 18.12 -18.30 -18.24
CA TYR C 154 16.73 -18.47 -18.58
C TYR C 154 16.53 -18.50 -20.10
N LEU C 155 17.22 -17.60 -20.80
CA LEU C 155 17.17 -17.53 -22.26
C LEU C 155 17.76 -18.78 -22.91
N HIS C 156 18.76 -19.36 -22.28
CA HIS C 156 19.43 -20.54 -22.83
C HIS C 156 18.67 -21.83 -22.53
N ASP C 157 18.01 -21.88 -21.38
CA ASP C 157 17.46 -23.15 -20.86
C ASP C 157 15.95 -23.27 -20.75
N HIS C 158 15.22 -22.16 -20.63
CA HIS C 158 13.79 -22.28 -20.41
C HIS C 158 12.97 -21.57 -21.46
N CYS C 159 13.64 -21.09 -22.50
CA CYS C 159 12.95 -20.56 -23.66
C CYS C 159 13.09 -21.57 -24.80
N ASP C 160 12.00 -21.75 -25.54
CA ASP C 160 12.01 -22.59 -26.73
C ASP C 160 11.49 -21.73 -27.87
N PRO C 161 12.32 -21.49 -28.89
CA PRO C 161 13.71 -21.96 -28.97
C PRO C 161 14.64 -21.20 -28.01
N LYS C 162 15.85 -21.72 -27.80
CA LYS C 162 16.84 -21.02 -27.00
C LYS C 162 16.99 -19.64 -27.58
N ILE C 163 17.37 -18.70 -26.75
CA ILE C 163 17.68 -17.39 -27.25
C ILE C 163 19.13 -17.12 -26.94
N ILE C 164 19.86 -16.74 -27.96
CA ILE C 164 21.23 -16.30 -27.79
C ILE C 164 21.14 -14.80 -27.85
N HIS C 165 21.55 -14.15 -26.77
CA HIS C 165 21.45 -12.72 -26.68
C HIS C 165 22.42 -12.00 -27.63
N ARG C 166 23.68 -12.47 -27.71
CA ARG C 166 24.72 -11.89 -28.60
C ARG C 166 25.28 -10.53 -28.27
N ASP C 167 24.71 -9.82 -27.32
CA ASP C 167 25.32 -8.56 -26.92
C ASP C 167 25.40 -8.37 -25.41
N VAL C 168 25.81 -9.41 -24.69
CA VAL C 168 26.08 -9.32 -23.26
C VAL C 168 27.34 -8.49 -22.96
N LYS C 169 27.14 -7.39 -22.25
CA LYS C 169 28.20 -6.50 -21.84
C LYS C 169 27.60 -5.55 -20.81
N ALA C 170 28.44 -4.89 -20.02
CA ALA C 170 27.99 -4.05 -18.92
C ALA C 170 27.08 -2.87 -19.30
N ALA C 171 27.09 -2.50 -20.57
CA ALA C 171 26.30 -1.35 -21.01
C ALA C 171 24.85 -1.73 -21.25
N ASN C 172 24.62 -3.04 -21.41
CA ASN C 172 23.30 -3.61 -21.63
C ASN C 172 22.74 -4.30 -20.37
N ILE C 173 23.43 -4.16 -19.24
CA ILE C 173 22.84 -4.52 -17.97
C ILE C 173 22.32 -3.25 -17.34
N LEU C 174 21.00 -3.10 -17.28
CA LEU C 174 20.40 -1.95 -16.61
C LEU C 174 20.13 -2.28 -15.16
N LEU C 175 19.95 -1.24 -14.35
CA LEU C 175 19.66 -1.42 -12.92
C LEU C 175 18.37 -0.69 -12.53
N ASP C 176 17.46 -1.37 -11.83
CA ASP C 176 16.28 -0.72 -11.26
C ASP C 176 16.64 0.01 -9.97
N GLU C 177 15.63 0.62 -9.33
CA GLU C 177 15.87 1.40 -8.11
C GLU C 177 16.48 0.64 -6.93
N GLU C 178 16.33 -0.68 -6.93
CA GLU C 178 17.00 -1.51 -5.93
C GLU C 178 18.27 -2.16 -6.50
N PHE C 179 18.79 -1.58 -7.57
CA PHE C 179 19.99 -2.11 -8.21
C PHE C 179 19.87 -3.57 -8.55
N GLU C 180 18.65 -3.98 -8.89
CA GLU C 180 18.45 -5.28 -9.50
C GLU C 180 18.93 -5.20 -10.95
N ALA C 181 19.66 -6.22 -11.39
CA ALA C 181 20.16 -6.26 -12.76
C ALA C 181 19.09 -6.66 -13.76
N VAL C 182 18.99 -5.93 -14.85
CA VAL C 182 18.10 -6.31 -15.95
C VAL C 182 18.80 -6.29 -17.33
N VAL C 183 19.02 -7.46 -17.93
CA VAL C 183 19.62 -7.56 -19.28
C VAL C 183 18.76 -6.91 -20.37
N GLY C 184 19.35 -5.97 -21.10
CA GLY C 184 18.61 -5.01 -21.88
C GLY C 184 18.28 -5.18 -23.35
N ASP C 185 19.26 -5.50 -24.18
CA ASP C 185 19.10 -5.25 -25.62
C ASP C 185 18.95 -6.52 -26.46
N PHE C 186 17.76 -6.75 -27.00
CA PHE C 186 17.51 -7.96 -27.77
C PHE C 186 17.55 -7.77 -29.29
N GLY C 187 18.08 -6.65 -29.74
CA GLY C 187 18.21 -6.39 -31.17
C GLY C 187 19.07 -7.40 -31.91
N LEU C 188 20.10 -7.91 -31.25
CA LEU C 188 21.03 -8.84 -31.89
C LEU C 188 20.75 -10.29 -31.52
N ALA C 189 19.59 -10.52 -30.90
CA ALA C 189 19.25 -11.88 -30.48
C ALA C 189 19.17 -12.85 -31.66
N LYS C 190 19.43 -14.13 -31.36
CA LYS C 190 19.33 -15.20 -32.32
C LYS C 190 18.56 -16.36 -31.71
N LEU C 191 17.62 -16.89 -32.46
CA LEU C 191 16.90 -18.09 -32.05
C LEU C 191 17.66 -19.30 -32.52
N MET C 192 17.45 -20.41 -31.85
CA MET C 192 18.25 -21.57 -32.10
C MET C 192 17.44 -22.76 -31.64
N ASP C 193 17.21 -23.72 -32.53
CA ASP C 193 16.42 -24.89 -32.16
C ASP C 193 17.05 -25.52 -30.94
N TYR C 194 16.19 -26.03 -30.06
CA TYR C 194 16.67 -26.62 -28.82
C TYR C 194 17.68 -27.72 -29.08
N LYS C 195 17.62 -28.29 -30.28
CA LYS C 195 18.41 -29.47 -30.66
C LYS C 195 19.78 -29.18 -31.28
N ASP C 196 19.93 -28.02 -31.91
CA ASP C 196 21.18 -27.67 -32.59
C ASP C 196 22.34 -27.46 -31.61
N TPO C 197 23.57 -27.64 -32.09
CA TPO C 197 24.74 -27.34 -31.32
CB TPO C 197 25.76 -28.41 -31.50
CG2 TPO C 197 25.56 -29.54 -30.54
OG1 TPO C 197 25.69 -28.88 -32.79
P TPO C 197 27.03 -29.06 -33.57
O1P TPO C 197 27.87 -30.02 -32.76
O2P TPO C 197 26.68 -29.68 -34.90
O3P TPO C 197 27.75 -27.75 -33.74
C TPO C 197 25.29 -26.04 -31.79
O TPO C 197 26.20 -25.52 -31.19
N HIS C 198 24.74 -25.53 -32.89
CA HIS C 198 25.14 -24.23 -33.42
C HIS C 198 24.12 -23.73 -34.44
N VAL C 199 24.14 -22.42 -34.70
CA VAL C 199 23.42 -21.85 -35.82
C VAL C 199 24.42 -21.00 -36.58
N TPO C 200 24.23 -20.91 -37.89
CA TPO C 200 25.10 -20.14 -38.74
CB TPO C 200 25.18 -20.87 -40.06
CG2 TPO C 200 25.87 -20.03 -41.10
OG1 TPO C 200 25.84 -22.07 -39.86
P TPO C 200 25.62 -23.32 -40.79
O1P TPO C 200 24.21 -23.32 -41.33
O2P TPO C 200 26.52 -23.17 -41.99
O3P TPO C 200 25.96 -24.58 -40.06
C TPO C 200 24.47 -18.82 -38.88
O TPO C 200 23.29 -18.73 -39.17
N TPO C 201 25.25 -17.75 -38.69
CA TPO C 201 24.69 -16.43 -38.66
CB TPO C 201 23.97 -16.21 -37.34
CG2 TPO C 201 24.83 -16.59 -36.15
OG1 TPO C 201 23.55 -14.90 -37.19
P TPO C 201 22.41 -14.26 -38.06
O1P TPO C 201 21.31 -15.29 -38.20
O2P TPO C 201 21.85 -13.10 -37.33
O3P TPO C 201 22.93 -13.75 -39.38
C TPO C 201 25.84 -15.52 -38.80
O TPO C 201 26.95 -15.89 -38.45
N ALA C 202 25.62 -14.31 -39.30
CA ALA C 202 26.71 -13.35 -39.37
C ALA C 202 27.32 -13.16 -37.99
N VAL C 203 28.55 -12.68 -37.96
CA VAL C 203 29.18 -12.30 -36.70
C VAL C 203 28.64 -10.93 -36.34
N ARG C 204 27.96 -10.84 -35.19
CA ARG C 204 27.35 -9.60 -34.72
C ARG C 204 27.67 -9.50 -33.26
N GLY C 205 27.81 -8.29 -32.74
CA GLY C 205 28.06 -8.15 -31.32
C GLY C 205 28.94 -6.96 -31.04
N THR C 206 29.50 -6.95 -29.84
CA THR C 206 30.43 -5.91 -29.45
C THR C 206 31.86 -6.44 -29.40
N ILE C 207 32.78 -5.74 -30.06
CA ILE C 207 34.17 -6.15 -30.06
C ILE C 207 34.66 -6.32 -28.63
N GLY C 208 35.31 -7.45 -28.38
CA GLY C 208 35.77 -7.82 -27.06
C GLY C 208 34.83 -8.79 -26.34
N HIS C 209 33.60 -8.93 -26.83
CA HIS C 209 32.61 -9.77 -26.16
C HIS C 209 32.15 -10.96 -26.99
N ILE C 210 32.79 -11.14 -28.14
CA ILE C 210 32.47 -12.23 -29.04
C ILE C 210 33.46 -13.37 -28.88
N ALA C 211 32.94 -14.59 -28.80
CA ALA C 211 33.77 -15.75 -28.58
C ALA C 211 34.65 -16.08 -29.80
N PRO C 212 35.87 -16.58 -29.54
CA PRO C 212 36.84 -16.92 -30.57
C PRO C 212 36.22 -17.73 -31.70
N GLU C 213 35.56 -18.82 -31.35
CA GLU C 213 35.07 -19.78 -32.33
C GLU C 213 34.02 -19.15 -33.22
N TYR C 214 33.28 -18.20 -32.66
CA TYR C 214 32.21 -17.52 -33.35
C TYR C 214 32.81 -16.50 -34.32
N LEU C 215 33.78 -15.75 -33.81
CA LEU C 215 34.51 -14.77 -34.61
C LEU C 215 35.13 -15.31 -35.89
N SER C 216 35.60 -16.55 -35.86
CA SER C 216 36.33 -17.09 -36.99
C SER C 216 35.52 -18.01 -37.92
N THR C 217 34.41 -18.53 -37.43
CA THR C 217 33.64 -19.50 -38.22
C THR C 217 32.28 -18.98 -38.65
N GLY C 218 31.81 -17.92 -37.98
CA GLY C 218 30.49 -17.39 -38.26
C GLY C 218 29.39 -18.33 -37.78
N LYS C 219 29.73 -19.21 -36.85
CA LYS C 219 28.76 -20.14 -36.28
C LYS C 219 28.67 -19.92 -34.77
N SER C 220 27.48 -19.57 -34.28
CA SER C 220 27.37 -19.36 -32.84
C SER C 220 26.43 -20.31 -32.11
N SER C 221 26.48 -20.20 -30.79
CA SER C 221 25.76 -21.05 -29.89
C SER C 221 25.56 -20.18 -28.66
N GLU C 222 24.81 -20.67 -27.67
CA GLU C 222 24.66 -19.93 -26.42
C GLU C 222 25.99 -19.78 -25.71
N LYS C 223 26.96 -20.63 -26.06
CA LYS C 223 28.31 -20.51 -25.48
C LYS C 223 28.98 -19.20 -25.82
N THR C 224 28.50 -18.50 -26.85
CA THR C 224 29.03 -17.17 -27.08
C THR C 224 28.53 -16.15 -26.04
N ASP C 225 27.29 -16.28 -25.59
CA ASP C 225 26.76 -15.47 -24.48
C ASP C 225 27.58 -15.66 -23.20
N VAL C 226 28.01 -16.89 -22.97
CA VAL C 226 28.81 -17.18 -21.78
C VAL C 226 30.14 -16.43 -21.85
N PHE C 227 30.66 -16.32 -23.06
CA PHE C 227 31.88 -15.61 -23.27
C PHE C 227 31.64 -14.11 -23.04
N GLY C 228 30.59 -13.56 -23.64
CA GLY C 228 30.30 -12.16 -23.44
C GLY C 228 30.15 -11.84 -21.97
N TYR C 229 29.57 -12.76 -21.20
CA TYR C 229 29.33 -12.57 -19.78
C TYR C 229 30.61 -12.60 -18.95
N GLY C 230 31.48 -13.57 -19.21
CA GLY C 230 32.78 -13.56 -18.57
C GLY C 230 33.49 -12.21 -18.69
N VAL C 231 33.51 -11.66 -19.89
CA VAL C 231 34.12 -10.36 -20.13
C VAL C 231 33.38 -9.24 -19.38
N MET C 232 32.06 -9.37 -19.29
CA MET C 232 31.25 -8.48 -18.47
C MET C 232 31.65 -8.54 -17.00
N LEU C 233 31.95 -9.73 -16.48
CA LEU C 233 32.48 -9.82 -15.12
C LEU C 233 33.80 -9.09 -14.97
N LEU C 234 34.63 -9.12 -16.01
CA LEU C 234 35.89 -8.35 -15.94
C LEU C 234 35.60 -6.87 -15.82
N GLU C 235 34.61 -6.38 -16.55
CA GLU C 235 34.19 -5.00 -16.41
C GLU C 235 33.64 -4.74 -15.01
N LEU C 236 32.98 -5.74 -14.44
CA LEU C 236 32.40 -5.59 -13.10
C LEU C 236 33.48 -5.51 -12.05
N ILE C 237 34.44 -6.42 -12.13
CA ILE C 237 35.49 -6.55 -11.13
C ILE C 237 36.43 -5.36 -11.19
N THR C 238 36.75 -4.92 -12.39
CA THR C 238 37.79 -3.91 -12.58
C THR C 238 37.25 -2.49 -12.58
N GLY C 239 36.01 -2.33 -13.01
CA GLY C 239 35.43 -1.02 -13.20
C GLY C 239 35.63 -0.51 -14.62
N GLN C 240 36.45 -1.22 -15.39
CA GLN C 240 36.77 -0.78 -16.75
C GLN C 240 35.74 -1.19 -17.79
N ARG C 241 35.62 -0.39 -18.84
CA ARG C 241 34.97 -0.90 -20.05
C ARG C 241 35.97 -1.85 -20.67
N ALA C 242 35.49 -2.85 -21.40
CA ALA C 242 36.38 -3.80 -22.06
C ALA C 242 37.22 -3.09 -23.12
N PHE C 243 36.68 -2.00 -23.64
CA PHE C 243 37.38 -1.14 -24.59
C PHE C 243 38.72 -0.71 -24.00
N ASP C 244 38.68 -0.17 -22.79
CA ASP C 244 39.88 0.31 -22.10
C ASP C 244 40.79 -0.83 -21.69
N LEU C 245 40.23 -1.87 -21.10
CA LEU C 245 40.99 -3.06 -20.73
C LEU C 245 41.73 -3.59 -21.95
N ALA C 246 41.31 -3.13 -23.12
CA ALA C 246 41.96 -3.49 -24.37
C ALA C 246 43.04 -2.48 -24.69
N ARG C 247 42.71 -1.20 -24.52
CA ARG C 247 43.66 -0.13 -24.70
C ARG C 247 44.89 -0.47 -23.88
N LEU C 248 44.64 -0.73 -22.59
CA LEU C 248 45.67 -1.17 -21.67
C LEU C 248 46.37 -2.41 -22.23
N ALA C 249 45.59 -3.43 -22.57
CA ALA C 249 46.18 -4.68 -23.06
C ALA C 249 47.05 -4.43 -24.29
N ASN C 250 46.54 -3.61 -25.21
CA ASN C 250 47.23 -3.29 -26.45
C ASN C 250 48.54 -2.53 -26.27
N ASP C 251 48.54 -1.53 -25.38
CA ASP C 251 49.75 -0.77 -25.08
C ASP C 251 50.91 -1.70 -24.76
N ASP C 252 50.60 -2.87 -24.22
CA ASP C 252 51.59 -3.90 -23.98
C ASP C 252 51.49 -5.01 -25.02
N ASP C 253 52.43 -5.95 -24.95
CA ASP C 253 52.63 -6.94 -26.01
C ASP C 253 51.55 -8.03 -26.07
N VAL C 254 50.91 -8.31 -24.93
CA VAL C 254 50.02 -9.47 -24.78
C VAL C 254 48.52 -9.12 -24.79
N MET C 255 47.70 -10.12 -25.14
CA MET C 255 46.24 -9.96 -25.19
C MET C 255 45.53 -10.13 -23.83
N LEU C 256 44.31 -9.61 -23.74
CA LEU C 256 43.66 -9.32 -22.46
C LEU C 256 43.47 -10.49 -21.51
N LEU C 257 43.08 -11.65 -22.01
CA LEU C 257 42.83 -12.75 -21.10
C LEU C 257 44.12 -13.23 -20.45
N ASP C 258 45.22 -13.22 -21.20
CA ASP C 258 46.52 -13.58 -20.63
C ASP C 258 46.96 -12.56 -19.57
N TRP C 259 46.74 -11.28 -19.86
CA TRP C 259 46.99 -10.21 -18.90
C TRP C 259 46.30 -10.49 -17.55
N VAL C 260 45.02 -10.81 -17.58
CA VAL C 260 44.27 -11.08 -16.34
C VAL C 260 44.73 -12.36 -15.69
N LYS C 261 44.99 -13.37 -16.51
CA LYS C 261 45.50 -14.64 -16.01
C LYS C 261 46.85 -14.40 -15.34
N GLY C 262 47.68 -13.56 -15.96
CA GLY C 262 48.95 -13.18 -15.38
C GLY C 262 48.78 -12.58 -14.00
N LEU C 263 48.01 -11.50 -13.92
CA LEU C 263 47.78 -10.84 -12.64
C LEU C 263 47.22 -11.76 -11.57
N LEU C 264 46.40 -12.73 -11.97
CA LEU C 264 45.79 -13.64 -10.99
C LEU C 264 46.78 -14.62 -10.36
N LYS C 265 47.60 -15.27 -11.18
CA LYS C 265 48.50 -16.30 -10.67
C LYS C 265 49.48 -15.71 -9.67
N GLU C 266 50.09 -14.58 -10.01
CA GLU C 266 51.06 -13.92 -9.12
C GLU C 266 50.42 -12.98 -8.11
N LYS C 267 49.14 -13.21 -7.81
CA LYS C 267 48.42 -12.47 -6.77
C LYS C 267 48.66 -10.95 -6.77
N LYS C 268 48.93 -10.38 -7.94
CA LYS C 268 48.94 -8.93 -8.08
C LYS C 268 47.50 -8.46 -8.26
N LEU C 269 46.59 -9.20 -7.63
CA LEU C 269 45.16 -9.00 -7.79
C LEU C 269 44.69 -7.57 -7.48
N GLU C 270 45.44 -6.85 -6.64
CA GLU C 270 45.10 -5.47 -6.30
C GLU C 270 45.25 -4.53 -7.50
N ALA C 271 46.10 -4.87 -8.44
CA ALA C 271 46.29 -4.06 -9.64
C ALA C 271 45.11 -4.21 -10.59
N LEU C 272 44.29 -5.23 -10.36
CA LEU C 272 43.09 -5.46 -11.15
C LEU C 272 41.82 -4.79 -10.57
N VAL C 273 41.46 -5.14 -9.33
CA VAL C 273 40.17 -4.74 -8.77
C VAL C 273 39.92 -3.23 -8.77
N ASP C 274 38.68 -2.86 -9.11
CA ASP C 274 38.25 -1.48 -9.11
C ASP C 274 38.77 -0.80 -7.85
N VAL C 275 39.47 0.31 -8.04
CA VAL C 275 40.00 1.09 -6.92
C VAL C 275 38.89 1.62 -6.02
N ASP C 276 37.78 2.00 -6.63
CA ASP C 276 36.67 2.62 -5.93
C ASP C 276 36.10 1.66 -4.91
N LEU C 277 36.31 0.37 -5.11
CA LEU C 277 35.92 -0.62 -4.12
C LEU C 277 36.74 -0.46 -2.84
N GLN C 278 38.05 -0.28 -2.98
CA GLN C 278 38.92 0.01 -1.85
C GLN C 278 38.81 -0.98 -0.69
N GLY C 279 38.96 -2.26 -0.99
CA GLY C 279 39.06 -3.29 0.05
C GLY C 279 37.84 -3.53 0.92
N ASN C 280 36.65 -3.16 0.45
CA ASN C 280 35.42 -3.52 1.15
C ASN C 280 34.98 -4.94 0.79
N TYR C 281 35.96 -5.83 0.70
CA TYR C 281 35.73 -7.18 0.21
C TYR C 281 36.81 -8.11 0.75
N LYS C 282 36.50 -9.41 0.86
CA LYS C 282 37.55 -10.38 1.15
C LYS C 282 38.14 -10.95 -0.15
N ASP C 283 39.44 -11.21 -0.15
CA ASP C 283 40.15 -11.64 -1.35
C ASP C 283 39.51 -12.84 -2.03
N GLU C 284 39.18 -13.85 -1.24
CA GLU C 284 38.50 -15.04 -1.74
C GLU C 284 37.38 -14.72 -2.72
N GLU C 285 36.44 -13.87 -2.30
CA GLU C 285 35.25 -13.60 -3.10
C GLU C 285 35.54 -13.00 -4.48
N VAL C 286 36.40 -11.99 -4.53
CA VAL C 286 36.79 -11.38 -5.80
C VAL C 286 37.61 -12.35 -6.65
N GLU C 287 38.48 -13.10 -6.00
CA GLU C 287 39.26 -14.12 -6.68
C GLU C 287 38.31 -15.13 -7.31
N GLN C 288 37.24 -15.46 -6.61
CA GLN C 288 36.28 -16.44 -7.09
C GLN C 288 35.51 -15.96 -8.33
N LEU C 289 35.22 -14.66 -8.37
CA LEU C 289 34.49 -14.08 -9.50
C LEU C 289 35.40 -14.01 -10.73
N ILE C 290 36.66 -13.67 -10.51
CA ILE C 290 37.64 -13.69 -11.60
C ILE C 290 37.83 -15.10 -12.16
N GLN C 291 37.84 -16.09 -11.28
CA GLN C 291 37.90 -17.49 -11.70
C GLN C 291 36.72 -17.81 -12.60
N VAL C 292 35.52 -17.50 -12.15
CA VAL C 292 34.34 -17.67 -12.98
C VAL C 292 34.49 -16.95 -14.31
N ALA C 293 34.98 -15.72 -14.28
CA ALA C 293 35.19 -14.99 -15.53
C ALA C 293 36.13 -15.74 -16.46
N LEU C 294 37.19 -16.34 -15.89
CA LEU C 294 38.17 -17.06 -16.71
C LEU C 294 37.61 -18.37 -17.23
N LEU C 295 36.85 -19.09 -16.41
CA LEU C 295 36.16 -20.29 -16.87
C LEU C 295 35.22 -19.99 -18.04
N CYS C 296 34.57 -18.82 -17.96
CA CYS C 296 33.56 -18.41 -18.92
C CYS C 296 34.17 -18.00 -20.26
N THR C 297 35.46 -17.72 -20.25
CA THR C 297 36.08 -17.18 -21.44
C THR C 297 37.15 -18.10 -22.01
N GLN C 298 37.19 -19.35 -21.53
CA GLN C 298 38.08 -20.35 -22.11
C GLN C 298 37.84 -20.40 -23.60
N SER C 299 38.88 -20.74 -24.34
CA SER C 299 38.80 -20.81 -25.79
C SER C 299 37.94 -21.97 -26.26
N SER C 300 38.00 -23.08 -25.52
CA SER C 300 37.19 -24.26 -25.89
C SER C 300 35.73 -24.16 -25.44
N PRO C 301 34.80 -24.00 -26.39
CA PRO C 301 33.38 -23.79 -26.10
C PRO C 301 32.79 -24.93 -25.28
N MET C 302 33.21 -26.16 -25.59
CA MET C 302 32.62 -27.33 -24.98
C MET C 302 32.95 -27.41 -23.48
N GLU C 303 34.13 -26.90 -23.11
CA GLU C 303 34.56 -26.92 -21.71
C GLU C 303 34.06 -25.69 -20.95
N ARG C 304 33.63 -24.69 -21.69
CA ARG C 304 33.06 -23.49 -21.12
C ARG C 304 31.73 -23.87 -20.44
N PRO C 305 31.53 -23.40 -19.20
CA PRO C 305 30.39 -23.81 -18.39
C PRO C 305 29.08 -23.22 -18.88
N LYS C 306 27.97 -23.91 -18.65
CA LYS C 306 26.68 -23.36 -19.03
C LYS C 306 26.32 -22.28 -18.01
N MET C 307 25.50 -21.32 -18.45
CA MET C 307 25.06 -20.24 -17.58
C MET C 307 24.42 -20.77 -16.30
N SER C 308 23.71 -21.89 -16.40
CA SER C 308 23.08 -22.48 -15.24
C SER C 308 24.13 -22.95 -14.25
N GLU C 309 25.25 -23.44 -14.78
CA GLU C 309 26.40 -23.80 -13.93
C GLU C 309 27.06 -22.52 -13.38
N VAL C 310 26.99 -21.45 -14.15
CA VAL C 310 27.54 -20.20 -13.67
C VAL C 310 26.73 -19.72 -12.48
N VAL C 311 25.41 -19.85 -12.58
CA VAL C 311 24.52 -19.48 -11.48
C VAL C 311 24.79 -20.34 -10.23
N ARG C 312 24.91 -21.64 -10.41
CA ARG C 312 25.20 -22.51 -9.28
C ARG C 312 26.52 -22.12 -8.62
N MET C 313 27.52 -21.77 -9.43
CA MET C 313 28.82 -21.38 -8.88
C MET C 313 28.77 -20.05 -8.14
N LEU C 314 27.96 -19.13 -8.66
CA LEU C 314 27.80 -17.83 -8.02
C LEU C 314 27.06 -17.98 -6.69
N GLU C 315 26.08 -18.89 -6.65
CA GLU C 315 25.36 -19.22 -5.44
C GLU C 315 26.21 -20.09 -4.48
N GLY C 316 27.44 -20.40 -4.88
CA GLY C 316 28.42 -20.96 -3.97
C GLY C 316 28.78 -22.44 -4.02
N ASP C 317 28.30 -23.17 -5.02
CA ASP C 317 28.67 -24.59 -5.10
C ASP C 317 29.15 -25.06 -6.48
N GLY C 318 30.33 -25.69 -6.50
CA GLY C 318 30.87 -26.27 -7.71
C GLY C 318 32.08 -25.56 -8.29
N LEU C 319 32.41 -24.37 -7.78
CA LEU C 319 33.51 -23.60 -8.35
C LEU C 319 34.88 -24.28 -8.23
N ALA C 320 35.26 -24.61 -7.00
CA ALA C 320 36.59 -25.16 -6.73
C ALA C 320 36.93 -26.34 -7.64
N GLU C 321 35.98 -27.26 -7.82
CA GLU C 321 36.22 -28.44 -8.63
C GLU C 321 36.44 -28.06 -10.09
N ARG C 322 35.72 -27.03 -10.54
CA ARG C 322 35.79 -26.63 -11.95
C ARG C 322 37.03 -25.78 -12.23
N TRP C 323 37.49 -25.05 -11.22
CA TRP C 323 38.71 -24.29 -11.39
C TRP C 323 39.93 -25.21 -11.38
N GLU C 324 39.89 -26.25 -10.55
CA GLU C 324 40.97 -27.25 -10.50
C GLU C 324 41.08 -28.00 -11.83
N GLU C 325 39.95 -28.51 -12.32
CA GLU C 325 39.93 -29.18 -13.62
C GLU C 325 40.55 -28.27 -14.67
N TRP C 326 40.21 -27.00 -14.64
CA TRP C 326 40.68 -26.09 -15.67
C TRP C 326 42.14 -25.70 -15.47
N GLN C 327 42.54 -25.50 -14.22
CA GLN C 327 43.93 -25.16 -13.96
C GLN C 327 44.84 -26.35 -14.26
N LYS C 328 44.32 -27.58 -14.13
CA LYS C 328 45.08 -28.77 -14.52
C LYS C 328 45.34 -28.79 -16.02
N GLU C 329 44.27 -28.78 -16.81
CA GLU C 329 44.40 -28.83 -18.26
C GLU C 329 45.16 -27.61 -18.78
N GLU C 330 44.90 -26.46 -18.18
CA GLU C 330 45.54 -25.20 -18.59
C GLU C 330 47.06 -25.24 -18.34
N MET C 331 47.48 -26.07 -17.38
CA MET C 331 48.90 -26.26 -17.06
C MET C 331 49.57 -27.33 -17.93
N PHE C 332 48.82 -28.37 -18.29
CA PHE C 332 49.33 -29.38 -19.21
C PHE C 332 49.51 -28.81 -20.62
N ARG C 333 48.71 -27.80 -20.96
CA ARG C 333 48.83 -27.14 -22.27
C ARG C 333 50.18 -26.46 -22.47
N GLN C 334 50.82 -26.07 -21.37
CA GLN C 334 52.16 -25.48 -21.42
C GLN C 334 53.27 -26.54 -21.34
N ILE D 25 7.75 -6.23 -45.90
CA ILE D 25 8.74 -5.27 -45.43
C ILE D 25 9.71 -5.93 -44.45
N ARG D 26 9.36 -7.13 -43.99
CA ARG D 26 10.19 -7.88 -43.05
C ARG D 26 11.60 -8.09 -43.59
N VAL D 27 12.60 -7.64 -42.82
CA VAL D 27 13.98 -7.71 -43.27
C VAL D 27 14.51 -9.14 -43.24
N ASP D 28 15.13 -9.56 -44.34
CA ASP D 28 15.62 -10.94 -44.46
C ASP D 28 17.03 -11.09 -43.92
N ARG D 29 17.11 -11.59 -42.70
CA ARG D 29 18.36 -11.82 -42.00
C ARG D 29 19.34 -12.62 -42.87
N ALA D 30 18.85 -13.68 -43.49
CA ALA D 30 19.67 -14.58 -44.30
C ALA D 30 20.21 -13.91 -45.57
N ALA D 31 19.47 -12.95 -46.11
CA ALA D 31 19.94 -12.21 -47.27
C ALA D 31 20.99 -11.17 -46.86
N MET D 32 20.84 -10.60 -45.67
CA MET D 32 21.81 -9.64 -45.16
C MET D 32 23.14 -10.32 -44.94
N ARG D 33 23.07 -11.55 -44.44
CA ARG D 33 24.27 -12.27 -44.08
C ARG D 33 24.97 -12.83 -45.33
N ASN D 34 24.21 -13.15 -46.34
CA ASN D 34 24.77 -13.56 -47.60
C ASN D 34 25.48 -12.45 -48.33
N ARG D 35 24.92 -11.27 -48.30
CA ARG D 35 25.55 -10.13 -48.89
C ARG D 35 26.84 -9.85 -48.19
N GLY D 36 26.83 -10.01 -46.88
CA GLY D 36 28.01 -9.76 -46.12
C GLY D 36 29.12 -10.68 -46.49
N ASN D 37 28.82 -11.95 -46.63
CA ASN D 37 29.79 -12.95 -47.05
C ASN D 37 30.34 -12.73 -48.45
N ASP D 38 29.50 -12.19 -49.35
CA ASP D 38 29.86 -11.97 -50.75
C ASP D 38 30.76 -10.73 -50.90
N GLU D 39 30.41 -9.65 -50.20
CA GLU D 39 31.26 -8.48 -50.12
C GLU D 39 32.62 -8.87 -49.56
N ALA D 40 32.61 -9.80 -48.62
CA ALA D 40 33.87 -10.18 -47.98
C ALA D 40 34.70 -11.08 -48.90
N ASP D 41 34.03 -11.87 -49.73
CA ASP D 41 34.72 -12.71 -50.70
C ASP D 41 35.38 -11.85 -51.76
N ALA D 42 34.69 -10.79 -52.18
CA ALA D 42 35.20 -9.90 -53.21
C ALA D 42 36.36 -9.09 -52.69
N ALA D 43 36.25 -8.68 -51.44
CA ALA D 43 37.31 -7.96 -50.76
C ALA D 43 38.52 -8.89 -50.69
N LEU D 44 38.26 -10.17 -50.46
CA LEU D 44 39.31 -11.14 -50.33
C LEU D 44 40.04 -11.34 -51.68
N ARG D 45 39.28 -11.49 -52.75
CA ARG D 45 39.85 -11.66 -54.09
C ARG D 45 40.73 -10.49 -54.48
N GLY D 46 40.33 -9.29 -54.05
CA GLY D 46 41.10 -8.09 -54.28
C GLY D 46 42.33 -7.94 -53.39
N LEU D 47 42.34 -8.62 -52.25
CA LEU D 47 43.52 -8.59 -51.39
C LEU D 47 44.61 -9.48 -51.97
N VAL D 48 44.21 -10.66 -52.43
CA VAL D 48 45.05 -11.60 -53.15
C VAL D 48 45.64 -10.95 -54.41
N GLN D 49 44.85 -10.10 -55.07
CA GLN D 49 45.26 -9.40 -56.28
C GLN D 49 46.38 -8.39 -56.02
N GLN D 50 46.49 -7.91 -54.79
CA GLN D 50 47.57 -7.02 -54.41
C GLN D 50 48.71 -7.80 -53.77
N GLY D 51 48.61 -9.11 -53.79
CA GLY D 51 49.68 -9.94 -53.25
C GLY D 51 49.85 -9.88 -51.74
N VAL D 52 48.79 -9.60 -51.01
CA VAL D 52 48.84 -9.61 -49.55
C VAL D 52 49.21 -10.99 -49.02
N ASN D 53 50.13 -11.03 -48.05
CA ASN D 53 50.39 -12.28 -47.34
C ASN D 53 49.12 -12.65 -46.54
N LEU D 54 48.51 -13.77 -46.91
CA LEU D 54 47.24 -14.14 -46.33
C LEU D 54 47.41 -14.51 -44.88
N GLU D 55 48.50 -15.20 -44.57
CA GLU D 55 48.72 -15.66 -43.21
C GLU D 55 49.01 -14.48 -42.28
N HIS D 56 49.68 -13.46 -42.80
CA HIS D 56 49.87 -12.23 -42.05
C HIS D 56 48.55 -11.51 -41.87
N LEU D 57 47.67 -11.63 -42.86
CA LEU D 57 46.38 -10.95 -42.82
C LEU D 57 45.45 -11.58 -41.77
N ARG D 58 45.42 -12.91 -41.74
CA ARG D 58 44.60 -13.61 -40.77
C ARG D 58 45.02 -13.23 -39.36
N THR D 59 46.31 -13.34 -39.10
CA THR D 59 46.85 -12.93 -37.81
C THR D 59 46.43 -11.52 -37.41
N ALA D 60 46.60 -10.56 -38.31
CA ALA D 60 46.29 -9.17 -37.97
C ALA D 60 44.79 -8.84 -37.82
N LEU D 61 43.95 -9.43 -38.67
CA LEU D 61 42.51 -9.33 -38.51
C LEU D 61 42.07 -9.89 -37.15
N GLU D 62 42.51 -11.11 -36.85
CA GLU D 62 42.15 -11.80 -35.63
C GLU D 62 42.46 -10.93 -34.40
N ARG D 63 43.64 -10.33 -34.40
CA ARG D 63 44.03 -9.47 -33.28
C ARG D 63 43.27 -8.15 -33.25
N HIS D 64 42.74 -7.71 -34.39
CA HIS D 64 41.96 -6.47 -34.42
C HIS D 64 40.47 -6.64 -34.07
N VAL D 65 39.84 -7.70 -34.57
CA VAL D 65 38.43 -7.91 -34.30
C VAL D 65 38.28 -8.45 -32.89
N MET D 66 39.37 -8.97 -32.35
CA MET D 66 39.36 -9.50 -31.02
C MET D 66 39.55 -8.36 -30.01
N GLN D 67 40.47 -7.45 -30.33
CA GLN D 67 41.01 -6.54 -29.30
C GLN D 67 41.35 -5.13 -29.82
N ARG D 68 41.19 -4.92 -31.12
CA ARG D 68 41.42 -3.61 -31.73
C ARG D 68 42.90 -3.23 -31.83
N LEU D 69 43.79 -4.19 -31.64
CA LEU D 69 45.21 -3.97 -31.88
C LEU D 69 45.43 -3.50 -33.32
N PRO D 70 46.09 -2.34 -33.48
CA PRO D 70 46.20 -1.69 -34.80
C PRO D 70 46.77 -2.62 -35.87
N ILE D 71 46.20 -2.53 -37.06
CA ILE D 71 46.67 -3.31 -38.20
C ILE D 71 47.90 -2.67 -38.83
N PRO D 72 48.93 -3.48 -39.12
CA PRO D 72 50.11 -2.93 -39.81
C PRO D 72 49.65 -2.08 -40.97
N LEU D 73 50.36 -1.00 -41.26
CA LEU D 73 49.99 -0.08 -42.32
C LEU D 73 50.00 -0.73 -43.67
N ASP D 74 50.94 -1.64 -43.86
CA ASP D 74 51.01 -2.30 -45.13
C ASP D 74 49.73 -3.07 -45.40
N ILE D 75 49.26 -3.79 -44.39
CA ILE D 75 48.01 -4.51 -44.50
C ILE D 75 46.83 -3.58 -44.56
N GLY D 76 46.89 -2.54 -43.77
CA GLY D 76 45.81 -1.58 -43.68
C GLY D 76 45.57 -0.86 -44.99
N SER D 77 46.65 -0.66 -45.74
CA SER D 77 46.58 0.05 -47.00
C SER D 77 45.89 -0.81 -48.04
N ALA D 78 46.29 -2.08 -48.09
CA ALA D 78 45.61 -3.04 -48.93
C ALA D 78 44.11 -3.07 -48.62
N LEU D 79 43.76 -3.10 -47.32
CA LEU D 79 42.35 -3.12 -46.90
C LEU D 79 41.61 -1.91 -47.45
N GLN D 80 42.24 -0.75 -47.39
CA GLN D 80 41.69 0.48 -47.92
C GLN D 80 41.46 0.41 -49.42
N ASN D 81 42.43 -0.18 -50.14
CA ASN D 81 42.32 -0.30 -51.59
C ASN D 81 41.20 -1.24 -52.01
N VAL D 82 40.56 -1.84 -51.02
CA VAL D 82 39.52 -2.83 -51.26
C VAL D 82 38.19 -2.38 -50.63
N GLY D 83 38.22 -1.19 -50.03
CA GLY D 83 37.01 -0.52 -49.61
C GLY D 83 36.67 -0.75 -48.15
N ILE D 84 37.69 -1.05 -47.35
CA ILE D 84 37.48 -1.34 -45.95
C ILE D 84 38.35 -0.47 -45.06
N ASN D 85 37.72 0.36 -44.24
CA ASN D 85 38.44 1.09 -43.22
C ASN D 85 39.10 0.05 -42.33
N PRO D 86 40.44 0.15 -42.18
CA PRO D 86 41.30 -0.77 -41.45
C PRO D 86 41.08 -0.72 -39.94
N SER D 87 40.12 0.07 -39.49
CA SER D 87 39.92 0.23 -38.07
C SER D 87 38.47 0.18 -37.62
N ILE D 88 38.26 -0.51 -36.50
CA ILE D 88 37.00 -0.42 -35.79
C ILE D 88 37.16 0.60 -34.66
N ASP D 89 36.39 1.67 -34.71
CA ASP D 89 36.55 2.80 -33.79
C ASP D 89 35.63 2.79 -32.57
N LEU D 90 34.32 2.71 -32.79
CA LEU D 90 33.36 2.87 -31.70
C LEU D 90 33.09 1.57 -30.93
N GLY D 91 33.10 1.66 -29.61
CA GLY D 91 32.82 0.52 -28.75
C GLY D 91 31.36 0.07 -28.76
N GLU D 92 30.56 0.65 -29.66
CA GLU D 92 29.15 0.34 -29.80
C GLU D 92 28.87 -1.07 -30.38
N SER D 93 27.61 -1.47 -30.40
CA SER D 93 27.21 -2.79 -30.88
C SER D 93 27.14 -2.83 -32.39
N LEU D 94 27.70 -3.89 -32.96
CA LEU D 94 27.77 -4.03 -34.41
C LEU D 94 26.79 -5.05 -34.89
N VAL D 95 25.91 -4.64 -35.80
CA VAL D 95 24.99 -5.57 -36.41
C VAL D 95 25.73 -6.31 -37.51
N GLN D 96 26.71 -5.64 -38.09
CA GLN D 96 27.55 -6.23 -39.12
C GLN D 96 28.78 -5.36 -39.30
N HIS D 97 29.80 -5.93 -39.92
CA HIS D 97 31.03 -5.20 -40.12
C HIS D 97 31.96 -5.90 -41.11
N PRO D 98 32.43 -5.13 -42.10
CA PRO D 98 33.26 -5.67 -43.19
C PRO D 98 34.47 -6.40 -42.64
N LEU D 99 35.12 -5.90 -41.61
CA LEU D 99 36.21 -6.62 -41.04
C LEU D 99 35.79 -7.92 -40.44
N LEU D 100 34.66 -7.92 -39.77
CA LEU D 100 34.16 -9.11 -39.14
C LEU D 100 33.85 -10.17 -40.14
N ASN D 101 33.21 -9.79 -41.23
CA ASN D 101 32.95 -10.71 -42.31
C ASN D 101 34.22 -11.14 -43.00
N LEU D 102 35.12 -10.21 -43.24
CA LEU D 102 36.39 -10.52 -43.88
C LEU D 102 37.15 -11.57 -43.09
N ASN D 103 37.21 -11.41 -41.77
CA ASN D 103 37.88 -12.38 -40.90
C ASN D 103 37.26 -13.77 -41.05
N VAL D 104 35.93 -13.83 -41.19
CA VAL D 104 35.25 -15.10 -41.43
C VAL D 104 35.55 -15.67 -42.83
N ALA D 105 35.41 -14.84 -43.85
CA ALA D 105 35.75 -15.26 -45.23
C ALA D 105 37.19 -15.73 -45.31
N LEU D 106 38.09 -15.08 -44.58
CA LEU D 106 39.47 -15.53 -44.56
C LEU D 106 39.61 -16.93 -43.99
N ASN D 107 39.02 -17.21 -42.83
CA ASN D 107 39.19 -18.53 -42.25
C ASN D 107 38.53 -19.61 -43.12
N ARG D 108 37.45 -19.24 -43.80
CA ARG D 108 36.77 -20.17 -44.70
C ARG D 108 37.61 -20.41 -45.95
N MET D 109 38.14 -19.34 -46.53
CA MET D 109 39.02 -19.47 -47.70
C MET D 109 40.33 -20.22 -47.42
N LEU D 110 40.98 -19.94 -46.29
CA LEU D 110 42.21 -20.63 -45.94
C LEU D 110 41.97 -22.03 -45.42
N GLY D 111 40.87 -22.20 -44.68
CA GLY D 111 40.66 -23.37 -43.85
C GLY D 111 41.17 -23.05 -42.44
N LEU D 112 40.38 -23.39 -41.43
CA LEU D 112 40.73 -23.09 -40.05
C LEU D 112 41.07 -24.36 -39.27
N LEU E 25 -20.98 24.72 2.77
CA LEU E 25 -20.20 25.33 1.69
C LEU E 25 -21.10 25.77 0.56
N LYS E 26 -21.07 27.06 0.25
CA LYS E 26 -22.04 27.63 -0.67
C LYS E 26 -21.38 28.48 -1.77
N ARG E 27 -21.70 28.17 -3.02
CA ARG E 27 -21.10 28.84 -4.17
C ARG E 27 -21.69 30.22 -4.39
N PHE E 28 -20.83 31.23 -4.45
CA PHE E 28 -21.26 32.59 -4.66
C PHE E 28 -21.22 32.99 -6.13
N SER E 29 -21.95 34.04 -6.47
CA SER E 29 -21.85 34.68 -7.79
C SER E 29 -20.78 35.74 -7.73
N LEU E 30 -20.09 35.94 -8.84
CA LEU E 30 -19.12 37.02 -8.94
C LEU E 30 -19.79 38.32 -8.51
N ARG E 31 -20.98 38.58 -9.04
CA ARG E 31 -21.76 39.76 -8.70
C ARG E 31 -22.05 39.86 -7.20
N GLU E 32 -22.46 38.75 -6.59
CA GLU E 32 -22.75 38.74 -5.16
C GLU E 32 -21.55 39.21 -4.35
N LEU E 33 -20.37 38.75 -4.73
CA LEU E 33 -19.13 39.13 -4.04
C LEU E 33 -18.62 40.49 -4.51
N GLN E 34 -18.96 40.83 -5.74
CA GLN E 34 -18.73 42.19 -6.25
C GLN E 34 -19.47 43.17 -5.38
N VAL E 35 -20.74 42.88 -5.13
CA VAL E 35 -21.52 43.69 -4.21
C VAL E 35 -20.95 43.57 -2.80
N ALA E 36 -20.66 42.35 -2.38
CA ALA E 36 -20.18 42.09 -1.03
C ALA E 36 -18.91 42.87 -0.71
N SER E 37 -17.94 42.82 -1.63
CA SER E 37 -16.71 43.57 -1.48
C SER E 37 -16.90 44.99 -1.99
N ASP E 38 -18.12 45.29 -2.43
CA ASP E 38 -18.43 46.58 -3.04
C ASP E 38 -17.35 47.01 -4.03
N ASN E 39 -17.25 46.25 -5.11
CA ASN E 39 -16.30 46.50 -6.20
C ASN E 39 -14.83 46.57 -5.80
N PHE E 40 -14.39 45.66 -4.94
CA PHE E 40 -12.98 45.48 -4.65
C PHE E 40 -12.27 46.79 -4.30
N SER E 41 -12.90 47.60 -3.45
CA SER E 41 -12.34 48.88 -3.02
C SER E 41 -10.98 48.70 -2.36
N ASN E 42 -10.12 49.70 -2.49
CA ASN E 42 -8.81 49.68 -1.85
C ASN E 42 -8.94 49.92 -0.36
N LYS E 43 -10.16 50.24 0.08
CA LYS E 43 -10.46 50.44 1.48
C LYS E 43 -10.75 49.11 2.17
N ASN E 44 -11.18 48.13 1.38
CA ASN E 44 -11.51 46.81 1.91
C ASN E 44 -10.31 45.86 2.03
N ILE E 45 -9.28 46.10 1.22
CA ILE E 45 -8.08 45.27 1.25
C ILE E 45 -7.56 45.01 2.66
N LEU E 46 -7.47 43.72 3.02
CA LEU E 46 -6.92 43.32 4.31
C LEU E 46 -5.50 42.77 4.16
N GLY E 47 -5.08 42.51 2.93
CA GLY E 47 -3.75 42.01 2.67
C GLY E 47 -3.57 41.63 1.22
N ARG E 48 -2.33 41.50 0.79
CA ARG E 48 -2.06 41.18 -0.60
C ARG E 48 -0.77 40.37 -0.75
N GLY E 49 -0.54 39.87 -1.94
CA GLY E 49 0.65 39.09 -2.22
C GLY E 49 0.64 38.55 -3.64
N GLY E 50 1.50 37.58 -3.92
CA GLY E 50 1.54 36.96 -5.24
C GLY E 50 0.23 36.28 -5.57
N PHE E 51 -0.40 35.68 -4.56
CA PHE E 51 -1.66 34.95 -4.74
C PHE E 51 -2.78 35.88 -5.20
N GLY E 52 -2.69 37.13 -4.76
CA GLY E 52 -3.73 38.11 -5.01
C GLY E 52 -3.95 38.92 -3.75
N LYS E 53 -5.21 39.30 -3.51
CA LYS E 53 -5.53 40.13 -2.36
C LYS E 53 -6.73 39.59 -1.60
N VAL E 54 -6.84 40.00 -0.34
CA VAL E 54 -7.94 39.63 0.53
C VAL E 54 -8.78 40.86 0.84
N TYR E 55 -10.09 40.78 0.62
CA TYR E 55 -10.94 41.95 0.80
C TYR E 55 -11.90 41.79 1.98
N LYS E 56 -11.90 42.77 2.89
CA LYS E 56 -13.01 42.85 3.83
C LYS E 56 -14.27 43.02 3.00
N GLY E 57 -15.39 42.52 3.51
CA GLY E 57 -16.62 42.50 2.72
C GLY E 57 -17.85 42.31 3.56
N ARG E 58 -19.00 42.61 2.98
CA ARG E 58 -20.27 42.50 3.68
C ARG E 58 -21.27 41.76 2.80
N LEU E 59 -21.76 40.64 3.30
CA LEU E 59 -22.78 39.84 2.61
C LEU E 59 -24.11 40.60 2.54
N ALA E 60 -25.03 40.11 1.72
CA ALA E 60 -26.35 40.76 1.59
C ALA E 60 -27.01 41.00 2.95
N ASP E 61 -27.01 40.00 3.82
CA ASP E 61 -27.59 40.14 5.15
C ASP E 61 -26.66 40.86 6.14
N GLY E 62 -25.56 41.41 5.63
CA GLY E 62 -24.63 42.16 6.46
C GLY E 62 -23.61 41.34 7.23
N THR E 63 -23.49 40.05 6.95
CA THR E 63 -22.47 39.22 7.61
C THR E 63 -21.09 39.67 7.18
N LEU E 64 -20.18 39.75 8.14
CA LEU E 64 -18.79 40.14 7.84
C LEU E 64 -17.97 38.99 7.27
N VAL E 65 -17.18 39.27 6.24
CA VAL E 65 -16.41 38.22 5.58
C VAL E 65 -15.10 38.75 5.04
N ALA E 66 -14.14 37.83 4.86
CA ALA E 66 -12.93 38.17 4.11
C ALA E 66 -13.02 37.44 2.78
N VAL E 67 -12.79 38.16 1.70
CA VAL E 67 -12.89 37.57 0.37
C VAL E 67 -11.52 37.54 -0.33
N LYS E 68 -10.92 36.36 -0.41
CA LYS E 68 -9.67 36.19 -1.14
C LYS E 68 -9.94 36.12 -2.62
N ARG E 69 -9.33 37.05 -3.36
CA ARG E 69 -9.40 37.04 -4.81
C ARG E 69 -8.05 36.64 -5.41
N LEU E 70 -8.06 35.56 -6.18
CA LEU E 70 -6.84 35.09 -6.83
C LEU E 70 -6.47 35.95 -8.04
N LYS E 71 -5.17 36.19 -8.20
CA LYS E 71 -4.66 37.05 -9.26
C LYS E 71 -5.25 36.72 -10.63
N GLU E 72 -5.27 37.72 -11.51
CA GLU E 72 -5.84 37.61 -12.85
C GLU E 72 -5.22 36.46 -13.65
N GLU E 73 -3.93 36.28 -13.46
CA GLU E 73 -3.17 35.28 -14.20
C GLU E 73 -3.25 33.92 -13.50
N ARG E 74 -3.95 32.98 -14.11
CA ARG E 74 -4.05 31.64 -13.54
C ARG E 74 -2.68 30.99 -13.49
N TPO E 75 -2.51 30.07 -12.55
CA TPO E 75 -1.28 29.36 -12.39
CB TPO E 75 -0.33 30.18 -11.55
CG2 TPO E 75 -1.07 31.20 -10.75
OG1 TPO E 75 0.38 29.37 -10.69
P TPO E 75 1.41 29.99 -9.69
O1P TPO E 75 1.82 31.35 -10.19
O2P TPO E 75 0.75 30.19 -8.35
O3P TPO E 75 2.60 29.07 -9.57
C TPO E 75 -1.69 28.13 -11.71
O TPO E 75 -2.51 28.18 -10.84
N GLN E 76 -1.13 26.99 -12.12
CA GLN E 76 -1.43 25.73 -11.49
C GLN E 76 -1.27 25.80 -9.98
N GLY E 77 -0.22 26.49 -9.55
CA GLY E 77 0.06 26.64 -8.12
C GLY E 77 -1.16 27.12 -7.36
N GLY E 78 -1.62 28.32 -7.68
CA GLY E 78 -2.79 28.89 -7.07
C GLY E 78 -4.01 28.01 -7.32
N GLU E 79 -4.02 27.42 -8.52
CA GLU E 79 -5.11 26.56 -8.92
C GLU E 79 -5.22 25.33 -8.03
N LEU E 80 -4.08 24.78 -7.66
CA LEU E 80 -4.06 23.61 -6.78
C LEU E 80 -4.49 24.00 -5.37
N GLN E 81 -4.15 25.22 -4.95
CA GLN E 81 -4.51 25.71 -3.63
C GLN E 81 -6.00 25.99 -3.51
N PHE E 82 -6.54 26.75 -4.45
CA PHE E 82 -7.96 27.05 -4.46
C PHE E 82 -8.74 25.74 -4.40
N GLN E 83 -8.32 24.80 -5.23
CA GLN E 83 -8.96 23.50 -5.31
C GLN E 83 -8.88 22.77 -3.97
N THR E 84 -7.72 22.83 -3.33
CA THR E 84 -7.50 22.11 -2.08
C THR E 84 -8.31 22.72 -0.93
N GLU E 85 -8.41 24.04 -0.87
CA GLU E 85 -9.18 24.67 0.19
C GLU E 85 -10.64 24.28 0.12
N VAL E 86 -11.16 24.19 -1.10
CA VAL E 86 -12.58 23.85 -1.30
C VAL E 86 -12.90 22.42 -0.86
N GLU E 87 -12.15 21.44 -1.36
CA GLU E 87 -12.37 20.04 -0.99
C GLU E 87 -12.09 19.75 0.49
N MET E 88 -11.29 20.61 1.12
CA MET E 88 -10.94 20.49 2.53
C MET E 88 -12.12 20.80 3.48
N ILE E 89 -13.16 21.44 2.96
CA ILE E 89 -14.23 21.99 3.81
C ILE E 89 -14.96 20.95 4.67
N SER E 90 -15.35 19.84 4.06
CA SER E 90 -16.12 18.83 4.78
C SER E 90 -15.23 17.89 5.60
N MET E 91 -13.95 18.15 5.70
CA MET E 91 -13.07 17.16 6.30
C MET E 91 -12.54 17.53 7.67
N ALA E 92 -12.69 18.79 8.04
CA ALA E 92 -12.10 19.26 9.25
C ALA E 92 -12.98 20.36 9.81
N VAL E 93 -13.42 20.17 11.05
CA VAL E 93 -14.25 21.13 11.73
C VAL E 93 -13.74 21.24 13.15
N HIS E 94 -13.32 22.43 13.53
CA HIS E 94 -12.79 22.61 14.87
C HIS E 94 -12.75 24.12 15.12
N ARG E 95 -13.03 24.53 16.35
CA ARG E 95 -13.01 25.94 16.72
C ARG E 95 -11.68 26.61 16.43
N ASN E 96 -10.59 25.86 16.56
CA ASN E 96 -9.26 26.41 16.31
C ASN E 96 -8.82 26.29 14.86
N LEU E 97 -9.76 26.02 13.98
CA LEU E 97 -9.50 25.98 12.55
C LEU E 97 -10.48 26.89 11.82
N LEU E 98 -9.95 27.68 10.91
CA LEU E 98 -10.77 28.59 10.13
C LEU E 98 -11.57 27.80 9.11
N ARG E 99 -12.88 27.96 9.15
CA ARG E 99 -13.75 27.25 8.22
C ARG E 99 -14.01 28.11 6.97
N LEU E 100 -13.85 27.50 5.80
CA LEU E 100 -14.17 28.16 4.55
C LEU E 100 -15.68 28.33 4.45
N ARG E 101 -16.15 29.57 4.26
CA ARG E 101 -17.57 29.83 4.14
C ARG E 101 -18.11 29.49 2.74
N GLY E 102 -17.41 29.93 1.71
CA GLY E 102 -17.83 29.67 0.35
C GLY E 102 -16.78 30.01 -0.69
N PHE E 103 -17.07 29.67 -1.93
CA PHE E 103 -16.16 29.97 -3.03
C PHE E 103 -16.90 30.60 -4.20
N CYS E 104 -16.17 30.84 -5.29
CA CYS E 104 -16.75 31.42 -6.50
C CYS E 104 -15.92 31.04 -7.71
N MET E 105 -16.59 30.69 -8.79
CA MET E 105 -15.89 30.27 -10.00
C MET E 105 -16.58 30.65 -11.29
N THR E 106 -16.51 31.92 -11.64
CA THR E 106 -16.69 32.28 -13.04
C THR E 106 -15.44 31.74 -13.70
N PRO E 107 -15.58 31.01 -14.81
CA PRO E 107 -14.40 30.49 -15.49
C PRO E 107 -13.40 31.60 -15.82
N THR E 108 -13.65 32.79 -15.29
CA THR E 108 -12.77 33.94 -15.48
C THR E 108 -11.97 34.27 -14.21
N GLU E 109 -12.45 33.79 -13.07
CA GLU E 109 -11.92 34.27 -11.79
C GLU E 109 -12.00 33.22 -10.69
N ARG E 110 -11.26 33.43 -9.60
CA ARG E 110 -11.26 32.51 -8.47
C ARG E 110 -11.35 33.26 -7.15
N LEU E 111 -12.40 33.01 -6.37
CA LEU E 111 -12.56 33.69 -5.09
C LEU E 111 -12.95 32.74 -3.97
N LEU E 112 -12.29 32.89 -2.83
CA LEU E 112 -12.67 32.16 -1.62
C LEU E 112 -13.11 33.15 -0.57
N VAL E 113 -14.06 32.71 0.25
CA VAL E 113 -14.68 33.56 1.25
C VAL E 113 -14.58 32.90 2.63
N TYR E 114 -13.99 33.63 3.58
CA TYR E 114 -13.86 33.15 4.94
C TYR E 114 -14.62 34.07 5.90
N PRO E 115 -14.95 33.55 7.08
CA PRO E 115 -15.42 34.36 8.21
C PRO E 115 -14.47 35.51 8.46
N TYR E 116 -14.99 36.72 8.65
CA TYR E 116 -14.12 37.86 8.94
C TYR E 116 -13.51 37.76 10.33
N MET E 117 -12.18 37.80 10.37
CA MET E 117 -11.46 37.72 11.63
C MET E 117 -10.93 39.11 12.02
N ALA E 118 -11.34 39.56 13.19
CA ALA E 118 -11.18 40.95 13.60
C ALA E 118 -9.72 41.37 13.80
N ASN E 119 -9.01 40.67 14.68
CA ASN E 119 -7.63 41.03 14.97
C ASN E 119 -6.62 40.53 13.95
N GLY E 120 -7.12 40.08 12.79
CA GLY E 120 -6.26 39.66 11.69
C GLY E 120 -5.32 38.52 12.04
N SER E 121 -4.31 38.31 11.19
CA SER E 121 -3.33 37.26 11.44
C SER E 121 -2.46 37.58 12.64
N VAL E 122 -1.79 36.60 13.18
CA VAL E 122 -0.82 36.77 14.25
C VAL E 122 0.36 37.59 13.75
N ALA E 123 0.75 37.33 12.51
CA ALA E 123 1.90 37.96 11.90
C ALA E 123 1.69 39.45 11.74
N SER E 124 0.44 39.84 11.50
CA SER E 124 0.10 41.23 11.34
C SER E 124 0.03 41.91 12.70
N CYS E 125 -0.02 41.13 13.75
CA CYS E 125 -0.02 41.67 15.09
C CYS E 125 1.38 41.75 15.66
N LEU E 126 2.27 40.93 15.13
CA LEU E 126 3.62 40.81 15.65
C LEU E 126 4.49 42.02 15.44
N ARG E 127 4.55 42.39 14.20
CA ARG E 127 5.20 43.57 13.74
C ARG E 127 4.51 43.65 12.43
N GLU E 128 3.95 44.79 12.12
CA GLU E 128 3.01 44.86 10.99
C GLU E 128 1.80 45.67 11.51
N ARG E 129 1.68 45.84 12.82
CA ARG E 129 0.53 46.56 13.38
C ARG E 129 0.51 48.06 13.02
N PRO E 130 -0.65 48.68 13.09
CA PRO E 130 -0.80 50.10 12.74
C PRO E 130 0.00 50.98 13.69
N GLU E 131 -0.70 51.84 14.44
CA GLU E 131 -0.07 52.73 15.39
C GLU E 131 -0.92 52.82 16.65
N SER E 132 -2.22 52.57 16.48
CA SER E 132 -3.18 52.64 17.57
C SER E 132 -3.27 51.35 18.38
N GLN E 133 -3.02 50.22 17.73
CA GLN E 133 -3.11 48.91 18.36
C GLN E 133 -1.92 48.62 19.27
N PRO E 134 -2.19 48.12 20.49
CA PRO E 134 -1.13 47.68 21.40
C PRO E 134 -0.48 46.40 20.88
N PRO E 135 0.68 46.02 21.43
CA PRO E 135 1.33 44.76 21.05
C PRO E 135 0.70 43.59 21.80
N LEU E 136 0.73 42.39 21.21
CA LEU E 136 0.19 41.19 21.85
C LEU E 136 0.99 40.90 23.11
N ASP E 137 0.35 40.99 24.27
CA ASP E 137 1.05 40.72 25.51
C ASP E 137 1.49 39.27 25.58
N TRP E 138 2.34 38.96 26.55
CA TRP E 138 2.81 37.59 26.71
C TRP E 138 1.70 36.55 26.91
N PRO E 139 0.64 36.91 27.67
CA PRO E 139 -0.47 35.99 27.92
C PRO E 139 -1.23 35.60 26.65
N LYS E 140 -1.53 36.56 25.79
CA LYS E 140 -2.20 36.24 24.53
C LYS E 140 -1.35 35.31 23.68
N ARG E 141 -0.04 35.53 23.66
CA ARG E 141 0.85 34.66 22.90
C ARG E 141 0.82 33.24 23.41
N GLN E 142 0.77 33.06 24.72
CA GLN E 142 0.69 31.71 25.28
C GLN E 142 -0.61 31.02 24.90
N ARG E 143 -1.68 31.80 24.81
CA ARG E 143 -3.01 31.27 24.51
C ARG E 143 -3.15 31.03 23.02
N ILE E 144 -2.37 31.77 22.24
CA ILE E 144 -2.23 31.53 20.82
C ILE E 144 -1.44 30.25 20.54
N ALA E 145 -0.46 29.95 21.38
CA ALA E 145 0.35 28.76 21.17
C ALA E 145 -0.49 27.53 21.43
N LEU E 146 -1.39 27.64 22.40
CA LEU E 146 -2.24 26.55 22.82
C LEU E 146 -3.35 26.29 21.80
N GLY E 147 -4.03 27.34 21.37
CA GLY E 147 -5.03 27.25 20.32
C GLY E 147 -4.50 26.64 19.01
N SER E 148 -3.38 27.14 18.52
CA SER E 148 -2.71 26.55 17.36
C SER E 148 -2.48 25.06 17.54
N ALA E 149 -1.83 24.70 18.63
CA ALA E 149 -1.48 23.31 18.90
C ALA E 149 -2.70 22.35 19.00
N ARG E 150 -3.81 22.82 19.55
CA ARG E 150 -5.00 21.98 19.62
C ARG E 150 -5.55 21.74 18.23
N GLY E 151 -5.63 22.81 17.43
CA GLY E 151 -6.10 22.72 16.06
C GLY E 151 -5.27 21.72 15.28
N LEU E 152 -3.96 21.71 15.53
CA LEU E 152 -3.07 20.85 14.77
C LEU E 152 -3.20 19.42 15.21
N ALA E 153 -3.28 19.23 16.54
CA ALA E 153 -3.44 17.90 17.12
C ALA E 153 -4.69 17.26 16.57
N TYR E 154 -5.74 18.08 16.41
CA TYR E 154 -6.99 17.59 15.88
C TYR E 154 -6.77 17.06 14.47
N LEU E 155 -6.09 17.84 13.66
CA LEU E 155 -5.82 17.49 12.28
C LEU E 155 -5.03 16.17 12.17
N HIS E 156 -4.07 15.95 13.08
CA HIS E 156 -3.22 14.75 13.01
C HIS E 156 -3.87 13.53 13.66
N ASP E 157 -4.57 13.74 14.77
CA ASP E 157 -5.10 12.63 15.56
C ASP E 157 -6.55 12.25 15.29
N HIS E 158 -7.39 13.24 15.03
CA HIS E 158 -8.82 13.01 15.02
C HIS E 158 -9.44 13.22 13.65
N CYS E 159 -8.60 13.18 12.61
CA CYS E 159 -9.14 13.10 11.26
C CYS E 159 -8.68 11.83 10.57
N ASP E 160 -9.55 11.32 9.71
CA ASP E 160 -9.25 10.15 8.91
C ASP E 160 -9.76 10.47 7.52
N PRO E 161 -8.85 10.63 6.54
CA PRO E 161 -7.40 10.51 6.71
C PRO E 161 -6.79 11.67 7.49
N LYS E 162 -5.58 11.46 8.03
CA LYS E 162 -4.81 12.53 8.65
C LYS E 162 -4.65 13.69 7.67
N ILE E 163 -4.62 14.89 8.21
CA ILE E 163 -4.35 16.08 7.43
C ILE E 163 -3.03 16.65 7.91
N ILE E 164 -2.11 16.87 6.98
CA ILE E 164 -0.90 17.62 7.26
C ILE E 164 -1.13 18.98 6.71
N HIS E 165 -1.01 20.00 7.55
CA HIS E 165 -1.34 21.35 7.13
C HIS E 165 -0.28 21.90 6.18
N ARG E 166 0.99 21.56 6.45
CA ARG E 166 2.14 21.93 5.63
C ARG E 166 2.42 23.42 5.51
N ASP E 167 1.66 24.26 6.19
CA ASP E 167 1.93 25.68 6.10
C ASP E 167 1.75 26.40 7.43
N VAL E 168 2.26 25.79 8.49
CA VAL E 168 2.09 26.31 9.83
C VAL E 168 3.07 27.43 10.11
N LYS E 169 2.59 28.66 10.02
CA LYS E 169 3.38 29.83 10.34
C LYS E 169 2.43 30.91 10.89
N ALA E 170 3.00 31.93 11.52
CA ALA E 170 2.21 33.01 12.13
C ALA E 170 1.27 33.71 11.15
N ALA E 171 1.66 33.82 9.89
CA ALA E 171 0.79 34.47 8.91
C ALA E 171 -0.52 33.71 8.66
N ASN E 172 -0.57 32.46 9.10
CA ASN E 172 -1.78 31.64 8.95
C ASN E 172 -2.45 31.36 10.27
N ILE E 173 -1.98 31.98 11.34
CA ILE E 173 -2.78 31.96 12.55
C ILE E 173 -3.62 33.22 12.62
N LEU E 174 -4.92 33.09 12.42
CA LEU E 174 -5.83 34.21 12.56
C LEU E 174 -6.37 34.33 13.98
N LEU E 175 -6.66 35.56 14.41
CA LEU E 175 -7.09 35.82 15.77
C LEU E 175 -8.48 36.43 15.77
N ASP E 176 -9.39 35.85 16.54
CA ASP E 176 -10.78 36.33 16.61
C ASP E 176 -11.00 37.40 17.68
N GLU E 177 -12.28 37.64 17.97
CA GLU E 177 -12.74 38.59 18.99
C GLU E 177 -11.90 38.57 20.27
N GLU E 178 -11.92 37.44 20.98
CA GLU E 178 -11.18 37.29 22.23
C GLU E 178 -9.73 36.87 22.01
N PHE E 179 -9.22 37.11 20.80
CA PHE E 179 -7.85 36.74 20.46
C PHE E 179 -7.60 35.23 20.56
N GLU E 180 -8.61 34.44 20.20
CA GLU E 180 -8.44 33.01 20.09
C GLU E 180 -7.75 32.68 18.77
N ALA E 181 -6.76 31.79 18.81
CA ALA E 181 -6.00 31.41 17.62
C ALA E 181 -6.77 30.45 16.73
N VAL E 182 -6.68 30.67 15.44
CA VAL E 182 -7.39 29.88 14.45
C VAL E 182 -6.50 29.63 13.23
N VAL E 183 -6.01 28.40 13.09
CA VAL E 183 -5.17 28.03 11.94
C VAL E 183 -6.00 28.08 10.67
N GLY E 184 -5.59 28.84 9.67
CA GLY E 184 -6.48 28.95 8.54
C GLY E 184 -6.02 29.18 7.12
N ASP E 185 -5.33 28.21 6.52
CA ASP E 185 -5.10 28.29 5.09
C ASP E 185 -4.66 26.94 4.56
N PHE E 186 -5.62 26.15 4.10
CA PHE E 186 -5.38 24.75 3.76
C PHE E 186 -5.00 24.48 2.31
N GLY E 187 -4.44 25.47 1.63
CA GLY E 187 -4.06 25.31 0.23
C GLY E 187 -3.02 24.23 0.01
N LEU E 188 -2.12 24.07 0.97
CA LEU E 188 -1.01 23.16 0.83
C LEU E 188 -1.23 21.88 1.64
N ALA E 189 -2.43 21.70 2.15
CA ALA E 189 -2.72 20.55 2.99
C ALA E 189 -2.55 19.23 2.22
N LYS E 190 -2.12 18.21 2.92
CA LYS E 190 -1.99 16.89 2.34
C LYS E 190 -2.75 15.85 3.16
N LEU E 191 -3.43 14.95 2.47
CA LEU E 191 -4.09 13.84 3.15
C LEU E 191 -3.17 12.64 3.18
N MET E 192 -3.10 12.02 4.35
CA MET E 192 -2.24 10.87 4.56
C MET E 192 -3.14 9.79 5.18
N ASP E 193 -3.10 8.57 4.65
CA ASP E 193 -3.83 7.45 5.22
C ASP E 193 -3.42 7.31 6.68
N TYR E 194 -4.39 7.00 7.54
CA TYR E 194 -4.19 7.01 9.00
C TYR E 194 -3.15 6.00 9.47
N LYS E 195 -3.10 4.85 8.80
CA LYS E 195 -2.15 3.80 9.14
C LYS E 195 -0.77 4.06 8.54
N ASP E 196 -0.67 5.09 7.70
CA ASP E 196 0.57 5.42 7.00
C ASP E 196 1.55 6.15 7.90
N TPO E 197 2.81 6.05 7.51
CA TPO E 197 3.92 6.50 8.27
CB TPO E 197 4.76 5.27 8.12
CG2 TPO E 197 4.63 4.80 6.71
OG1 TPO E 197 6.07 5.42 8.54
P TPO E 197 7.34 5.21 7.67
O1P TPO E 197 8.30 4.46 8.55
O2P TPO E 197 7.08 4.34 6.46
O3P TPO E 197 7.91 6.54 7.26
C TPO E 197 4.44 7.74 7.62
O TPO E 197 5.04 8.59 8.27
N HIS E 198 4.20 7.86 6.32
CA HIS E 198 4.57 9.02 5.52
C HIS E 198 3.84 8.94 4.19
N VAL E 199 3.77 10.05 3.47
CA VAL E 199 3.34 10.01 2.07
C VAL E 199 4.33 10.77 1.21
N TPO E 200 4.45 10.37 -0.04
CA TPO E 200 5.34 11.00 -0.98
CB TPO E 200 5.80 9.94 -1.96
CG2 TPO E 200 6.62 10.52 -3.06
OG1 TPO E 200 6.54 8.97 -1.31
P TPO E 200 6.56 7.46 -1.78
O1P TPO E 200 6.99 6.64 -0.58
O2P TPO E 200 5.18 7.00 -2.16
O3P TPO E 200 7.50 7.25 -2.95
C TPO E 200 4.59 12.08 -1.65
O TPO E 200 3.52 11.83 -2.22
N TPO E 201 5.15 13.28 -1.63
CA TPO E 201 4.49 14.44 -2.20
CB TPO E 201 3.50 15.03 -1.21
CG2 TPO E 201 4.13 15.28 0.13
OG1 TPO E 201 2.95 16.21 -1.64
P TPO E 201 1.93 16.35 -2.82
O1P TPO E 201 2.69 16.27 -4.12
O2P TPO E 201 0.95 15.20 -2.76
O3P TPO E 201 1.24 17.67 -2.74
C TPO E 201 5.58 15.40 -2.53
O TPO E 201 6.66 15.36 -1.94
N ALA E 202 5.32 16.30 -3.47
CA ALA E 202 6.27 17.38 -3.73
C ALA E 202 6.64 18.07 -2.42
N VAL E 203 7.76 18.77 -2.40
CA VAL E 203 8.07 19.61 -1.27
C VAL E 203 7.34 20.92 -1.47
N ARG E 204 6.37 21.20 -0.60
CA ARG E 204 5.61 22.44 -0.62
C ARG E 204 5.67 23.01 0.79
N GLY E 205 5.47 24.32 0.95
CA GLY E 205 5.58 24.93 2.26
C GLY E 205 6.27 26.29 2.25
N THR E 206 6.74 26.71 3.43
CA THR E 206 7.39 28.00 3.56
C THR E 206 8.85 27.83 4.00
N ILE E 207 9.79 28.38 3.23
CA ILE E 207 11.19 28.21 3.59
C ILE E 207 11.38 28.63 5.05
N GLY E 208 12.06 27.79 5.82
CA GLY E 208 12.23 27.99 7.24
C GLY E 208 11.31 27.14 8.11
N HIS E 209 10.24 26.61 7.51
CA HIS E 209 9.18 25.90 8.24
C HIS E 209 9.00 24.47 7.79
N ILE E 210 9.74 24.09 6.75
CA ILE E 210 9.70 22.74 6.20
C ILE E 210 10.77 21.86 6.86
N ALA E 211 10.35 20.77 7.48
CA ALA E 211 11.26 19.89 8.21
C ALA E 211 12.34 19.25 7.31
N PRO E 212 13.57 19.12 7.86
CA PRO E 212 14.74 18.58 7.15
C PRO E 212 14.48 17.28 6.38
N GLU E 213 13.92 16.25 7.03
CA GLU E 213 13.66 15.00 6.34
C GLU E 213 12.69 15.14 5.16
N TYR E 214 11.69 15.98 5.31
CA TYR E 214 10.79 16.28 4.22
C TYR E 214 11.52 17.02 3.12
N LEU E 215 12.37 17.95 3.48
CA LEU E 215 13.13 18.70 2.52
C LEU E 215 14.07 17.82 1.70
N SER E 216 14.80 16.95 2.38
CA SER E 216 15.70 16.03 1.72
C SER E 216 15.08 14.91 0.93
N THR E 217 13.99 14.36 1.43
CA THR E 217 13.40 13.16 0.83
C THR E 217 12.18 13.41 -0.04
N GLY E 218 11.47 14.51 0.20
CA GLY E 218 10.19 14.71 -0.45
C GLY E 218 9.16 13.73 0.13
N LYS E 219 9.37 13.31 1.37
CA LYS E 219 8.41 12.44 2.03
C LYS E 219 7.91 13.13 3.28
N SER E 220 6.62 13.46 3.27
CA SER E 220 6.02 14.21 4.35
C SER E 220 5.30 13.30 5.35
N SER E 221 5.10 13.83 6.54
CA SER E 221 4.28 13.22 7.55
C SER E 221 3.82 14.37 8.46
N GLU E 222 3.05 14.07 9.49
CA GLU E 222 2.53 15.17 10.30
C GLU E 222 3.69 15.82 11.06
N LYS E 223 4.78 15.08 11.17
CA LYS E 223 5.94 15.60 11.87
C LYS E 223 6.48 16.88 11.23
N THR E 224 6.34 17.02 9.92
CA THR E 224 6.60 18.32 9.30
C THR E 224 5.72 19.46 9.85
N ASP E 225 4.48 19.17 10.29
CA ASP E 225 3.68 20.21 10.93
C ASP E 225 4.27 20.57 12.28
N VAL E 226 4.71 19.56 13.03
CA VAL E 226 5.28 19.82 14.33
C VAL E 226 6.51 20.74 14.21
N PHE E 227 7.35 20.46 13.22
CA PHE E 227 8.48 21.32 12.95
C PHE E 227 8.04 22.74 12.62
N GLY E 228 7.13 22.88 11.65
CA GLY E 228 6.64 24.18 11.24
C GLY E 228 6.05 24.95 12.40
N TYR E 229 5.45 24.21 13.34
CA TYR E 229 4.81 24.78 14.51
C TYR E 229 5.81 25.36 15.50
N GLY E 230 6.85 24.59 15.78
CA GLY E 230 7.93 25.06 16.64
C GLY E 230 8.54 26.34 16.10
N VAL E 231 8.70 26.41 14.79
CA VAL E 231 9.27 27.62 14.20
C VAL E 231 8.29 28.77 14.37
N MET E 232 7.00 28.50 14.18
CA MET E 232 5.94 29.48 14.44
C MET E 232 6.04 29.97 15.88
N LEU E 233 6.40 29.09 16.82
CA LEU E 233 6.66 29.52 18.21
C LEU E 233 7.77 30.58 18.32
N LEU E 234 8.94 30.32 17.72
CA LEU E 234 10.01 31.32 17.66
C LEU E 234 9.51 32.62 17.03
N GLU E 235 8.73 32.49 15.97
CA GLU E 235 8.10 33.65 15.35
C GLU E 235 7.36 34.43 16.42
N LEU E 236 6.76 33.69 17.35
CA LEU E 236 5.85 34.24 18.35
C LEU E 236 6.61 34.93 19.47
N ILE E 237 7.63 34.25 19.99
CA ILE E 237 8.49 34.78 21.04
C ILE E 237 9.35 35.97 20.62
N THR E 238 9.94 35.90 19.43
CA THR E 238 10.81 36.96 18.91
C THR E 238 10.04 38.08 18.20
N GLY E 239 8.80 37.81 17.81
CA GLY E 239 8.05 38.73 16.99
C GLY E 239 8.53 38.86 15.54
N GLN E 240 9.42 37.99 15.11
CA GLN E 240 9.99 38.09 13.77
C GLN E 240 9.76 36.91 12.89
N ARG E 241 9.86 37.12 11.59
CA ARG E 241 9.74 36.09 10.59
C ARG E 241 10.92 35.17 10.66
N ALA E 242 10.76 33.96 10.13
CA ALA E 242 11.83 32.98 10.10
C ALA E 242 12.97 33.54 9.27
N PHE E 243 12.61 34.26 8.23
CA PHE E 243 13.56 34.99 7.41
C PHE E 243 14.53 35.76 8.31
N ASP E 244 14.00 36.63 9.15
CA ASP E 244 14.82 37.49 9.99
C ASP E 244 15.74 36.72 10.92
N LEU E 245 15.30 35.56 11.40
CA LEU E 245 16.12 34.76 12.30
C LEU E 245 17.22 34.00 11.53
N ALA E 246 16.95 33.74 10.25
CA ALA E 246 17.90 33.03 9.40
C ALA E 246 19.04 33.96 9.01
N ARG E 247 18.69 35.21 8.74
CA ARG E 247 19.68 36.22 8.44
C ARG E 247 20.70 36.28 9.56
N LEU E 248 20.20 36.42 10.78
CA LEU E 248 21.08 36.55 11.93
C LEU E 248 21.93 35.30 12.15
N ALA E 249 21.32 34.12 12.02
CA ALA E 249 22.08 32.87 12.17
C ALA E 249 23.17 32.72 11.10
N ASN E 250 22.91 33.24 9.91
CA ASN E 250 23.87 33.20 8.83
C ASN E 250 25.15 34.00 9.13
N ASP E 251 24.95 35.26 9.54
CA ASP E 251 26.03 36.15 9.91
C ASP E 251 26.98 35.51 10.93
N ASP E 252 26.46 34.62 11.75
CA ASP E 252 27.29 33.88 12.72
C ASP E 252 27.80 32.60 12.10
N ASP E 253 27.35 32.30 10.89
CA ASP E 253 27.71 31.05 10.23
C ASP E 253 27.23 29.85 11.05
N VAL E 254 26.06 29.99 11.65
CA VAL E 254 25.50 28.92 12.50
C VAL E 254 24.12 28.47 12.02
N MET E 255 23.74 27.25 12.39
CA MET E 255 22.38 26.81 12.17
C MET E 255 21.47 27.57 13.13
N LEU E 256 20.33 28.03 12.62
CA LEU E 256 19.39 28.83 13.39
C LEU E 256 19.04 28.24 14.75
N LEU E 257 18.76 26.94 14.78
CA LEU E 257 18.35 26.30 16.01
C LEU E 257 19.49 26.23 17.01
N ASP E 258 20.67 25.82 16.57
CA ASP E 258 21.84 25.79 17.46
C ASP E 258 22.05 27.16 18.10
N TRP E 259 21.76 28.20 17.34
CA TRP E 259 21.85 29.56 17.85
C TRP E 259 20.89 29.74 19.01
N VAL E 260 19.65 29.26 18.84
CA VAL E 260 18.63 29.34 19.86
C VAL E 260 18.99 28.50 21.10
N LYS E 261 19.33 27.24 20.88
CA LYS E 261 19.76 26.39 21.99
C LYS E 261 20.83 27.14 22.77
N GLY E 262 21.80 27.69 22.05
CA GLY E 262 22.87 28.46 22.65
C GLY E 262 22.42 29.59 23.57
N LEU E 263 21.57 30.48 23.05
CA LEU E 263 21.05 31.59 23.85
C LEU E 263 20.29 31.06 25.05
N LEU E 264 19.65 29.91 24.89
CA LEU E 264 18.93 29.29 25.98
C LEU E 264 19.90 28.78 27.04
N LYS E 265 20.99 28.15 26.60
CA LYS E 265 21.96 27.57 27.51
C LYS E 265 22.54 28.61 28.48
N GLU E 266 22.66 29.85 28.01
CA GLU E 266 23.42 30.86 28.72
C GLU E 266 22.56 32.01 29.23
N LYS E 267 21.26 31.81 29.30
CA LYS E 267 20.35 32.81 29.85
C LYS E 267 20.39 34.14 29.10
N LYS E 268 21.11 34.17 27.99
CA LYS E 268 21.18 35.35 27.14
C LYS E 268 19.90 35.48 26.29
N LEU E 269 18.75 35.20 26.92
CA LEU E 269 17.47 35.17 26.22
C LEU E 269 16.91 36.57 25.91
N GLU E 270 17.58 37.60 26.41
CA GLU E 270 17.14 38.96 26.15
C GLU E 270 17.44 39.37 24.70
N ALA E 271 18.22 38.56 24.01
CA ALA E 271 18.58 38.82 22.61
C ALA E 271 17.53 38.30 21.61
N LEU E 272 16.74 37.32 22.05
CA LEU E 272 15.71 36.72 21.21
C LEU E 272 14.35 37.38 21.37
N VAL E 273 13.94 37.57 22.60
CA VAL E 273 12.58 37.96 22.94
C VAL E 273 12.12 39.26 22.36
N ASP E 274 10.84 39.32 22.02
CA ASP E 274 10.32 40.45 21.33
C ASP E 274 10.47 41.72 22.12
N VAL E 275 10.86 42.78 21.41
CA VAL E 275 11.02 44.07 22.03
C VAL E 275 9.68 44.60 22.50
N ASP E 276 8.65 44.37 21.70
CA ASP E 276 7.32 44.87 22.01
C ASP E 276 6.84 44.30 23.33
N LEU E 277 7.23 43.09 23.65
CA LEU E 277 6.83 42.55 24.92
C LEU E 277 7.39 43.45 26.00
N GLN E 278 8.55 44.03 25.73
CA GLN E 278 9.25 44.78 26.75
C GLN E 278 9.67 43.84 27.85
N GLY E 279 9.33 44.15 29.08
CA GLY E 279 9.71 43.25 30.14
C GLY E 279 8.59 42.49 30.80
N ASN E 280 7.38 42.61 30.28
CA ASN E 280 6.20 42.12 30.98
C ASN E 280 6.13 40.63 31.32
N TYR E 281 6.66 39.78 30.47
CA TYR E 281 6.68 38.36 30.71
C TYR E 281 7.61 38.02 31.85
N LYS E 282 7.40 36.85 32.44
CA LYS E 282 8.30 36.27 33.41
C LYS E 282 9.27 35.41 32.61
N ASP E 283 10.51 35.29 33.06
CA ASP E 283 11.49 34.49 32.32
C ASP E 283 11.27 33.00 32.20
N GLU E 284 10.92 32.32 33.28
CA GLU E 284 10.72 30.88 33.21
C GLU E 284 9.67 30.51 32.17
N GLU E 285 8.69 31.39 31.99
CA GLU E 285 7.60 31.12 31.06
C GLU E 285 8.06 31.19 29.61
N VAL E 286 8.78 32.26 29.27
CA VAL E 286 9.32 32.40 27.93
C VAL E 286 10.28 31.26 27.62
N GLU E 287 11.10 30.90 28.60
CA GLU E 287 12.06 29.81 28.45
C GLU E 287 11.40 28.48 28.09
N GLN E 288 10.36 28.10 28.84
CA GLN E 288 9.63 26.87 28.60
C GLN E 288 9.09 26.81 27.18
N LEU E 289 8.56 27.92 26.71
CA LEU E 289 8.00 27.99 25.38
C LEU E 289 9.11 27.78 24.36
N ILE E 290 10.30 28.30 24.63
CA ILE E 290 11.46 28.04 23.77
C ILE E 290 11.87 26.56 23.84
N GLN E 291 11.79 25.99 25.04
CA GLN E 291 12.10 24.58 25.21
C GLN E 291 11.18 23.69 24.34
N VAL E 292 9.91 24.07 24.29
CA VAL E 292 8.94 23.38 23.45
C VAL E 292 9.33 23.48 21.98
N ALA E 293 9.47 24.70 21.49
CA ALA E 293 9.88 24.93 20.10
C ALA E 293 11.12 24.13 19.74
N LEU E 294 12.02 23.98 20.71
CA LEU E 294 13.27 23.27 20.47
C LEU E 294 13.09 21.75 20.42
N LEU E 295 12.14 21.24 21.20
CA LEU E 295 11.75 19.84 21.06
C LEU E 295 11.06 19.61 19.72
N CYS E 296 10.25 20.58 19.31
CA CYS E 296 9.48 20.50 18.08
C CYS E 296 10.30 20.53 16.81
N THR E 297 11.45 21.19 16.85
CA THR E 297 12.27 21.36 15.64
C THR E 297 13.49 20.43 15.60
N GLN E 298 13.55 19.43 16.47
CA GLN E 298 14.66 18.48 16.40
C GLN E 298 14.74 17.91 15.00
N SER E 299 15.94 17.52 14.58
CA SER E 299 16.14 16.99 13.25
C SER E 299 15.61 15.58 13.09
N SER E 300 15.62 14.80 14.16
CA SER E 300 15.07 13.44 14.10
C SER E 300 13.55 13.44 14.27
N PRO E 301 12.81 13.23 13.17
CA PRO E 301 11.34 13.31 13.26
C PRO E 301 10.79 12.40 14.36
N MET E 302 11.34 11.18 14.47
CA MET E 302 10.88 10.18 15.44
C MET E 302 10.91 10.66 16.89
N GLU E 303 11.82 11.57 17.18
CA GLU E 303 11.97 12.10 18.54
C GLU E 303 11.13 13.35 18.80
N ARG E 304 10.70 14.01 17.73
CA ARG E 304 9.79 15.14 17.83
C ARG E 304 8.52 14.70 18.52
N PRO E 305 8.01 15.52 19.45
CA PRO E 305 6.74 15.20 20.12
C PRO E 305 5.54 15.28 19.17
N LYS E 306 4.55 14.41 19.35
CA LYS E 306 3.27 14.56 18.66
C LYS E 306 2.62 15.86 19.09
N MET E 307 1.84 16.46 18.21
CA MET E 307 1.15 17.70 18.56
C MET E 307 0.29 17.57 19.83
N SER E 308 -0.30 16.39 20.04
CA SER E 308 -1.05 16.10 21.25
C SER E 308 -0.17 16.12 22.51
N GLU E 309 1.12 15.84 22.38
CA GLU E 309 2.05 16.00 23.50
C GLU E 309 2.41 17.46 23.74
N VAL E 310 2.50 18.22 22.67
CA VAL E 310 2.77 19.63 22.81
C VAL E 310 1.64 20.29 23.61
N VAL E 311 0.42 19.86 23.34
CA VAL E 311 -0.76 20.42 24.00
C VAL E 311 -0.74 20.11 25.51
N ARG E 312 -0.31 18.91 25.88
CA ARG E 312 -0.20 18.58 27.28
C ARG E 312 0.91 19.39 27.92
N MET E 313 2.04 19.48 27.24
CA MET E 313 3.17 20.23 27.78
C MET E 313 2.79 21.69 27.98
N LEU E 314 2.07 22.24 27.00
CA LEU E 314 1.61 23.62 27.09
C LEU E 314 0.64 23.80 28.24
N GLU E 315 -0.17 22.76 28.48
CA GLU E 315 -1.19 22.80 29.53
C GLU E 315 -0.57 22.73 30.92
N GLY E 316 0.64 22.18 31.02
CA GLY E 316 1.34 22.14 32.29
C GLY E 316 2.05 20.84 32.62
N ASP E 317 1.78 19.79 31.85
CA ASP E 317 2.22 18.46 32.23
C ASP E 317 3.23 17.81 31.28
N GLY E 318 4.40 17.50 31.82
CA GLY E 318 5.38 16.68 31.12
C GLY E 318 6.58 17.39 30.52
N LEU E 319 6.56 18.72 30.47
CA LEU E 319 7.65 19.45 29.81
C LEU E 319 9.02 19.12 30.41
N ALA E 320 9.15 19.33 31.71
CA ALA E 320 10.42 19.10 32.40
C ALA E 320 10.98 17.71 32.10
N GLU E 321 10.17 16.68 32.27
CA GLU E 321 10.66 15.33 32.09
C GLU E 321 11.18 15.10 30.68
N ARG E 322 10.61 15.81 29.71
CA ARG E 322 11.02 15.63 28.33
C ARG E 322 12.21 16.49 27.95
N TRP E 323 12.37 17.62 28.67
CA TRP E 323 13.51 18.49 28.44
C TRP E 323 14.73 17.91 29.13
N GLU E 324 14.60 17.61 30.41
CA GLU E 324 15.64 16.91 31.15
C GLU E 324 16.09 15.68 30.38
N GLU E 325 15.15 15.02 29.72
CA GLU E 325 15.44 13.83 28.91
C GLU E 325 16.25 14.16 27.67
N TRP E 326 15.88 15.24 27.00
CA TRP E 326 16.50 15.60 25.73
C TRP E 326 17.96 16.04 25.94
N GLN E 327 18.18 16.82 26.99
CA GLN E 327 19.51 17.28 27.32
C GLN E 327 20.48 16.11 27.48
N LYS E 328 20.02 15.06 28.15
CA LYS E 328 20.84 13.88 28.39
C LYS E 328 21.30 13.23 27.09
N GLU E 329 20.70 13.62 25.98
CA GLU E 329 21.09 13.10 24.68
C GLU E 329 21.30 14.20 23.63
N LEU F 25 -23.04 15.65 1.28
CA LEU F 25 -23.75 14.52 1.88
C LEU F 25 -24.54 13.77 0.82
N LYS F 26 -24.19 12.51 0.56
CA LYS F 26 -24.82 11.79 -0.52
C LYS F 26 -26.29 11.47 -0.31
N ARG F 27 -27.13 11.87 -1.26
CA ARG F 27 -28.49 11.39 -1.27
C ARG F 27 -28.60 10.15 -2.14
N PHE F 28 -28.85 9.01 -1.49
CA PHE F 28 -29.09 7.76 -2.18
C PHE F 28 -30.53 7.64 -2.68
N SER F 29 -30.72 6.86 -3.74
CA SER F 29 -32.07 6.49 -4.14
C SER F 29 -32.49 5.24 -3.38
N LEU F 30 -33.79 5.01 -3.30
CA LEU F 30 -34.28 3.80 -2.64
C LEU F 30 -33.72 2.58 -3.33
N ARG F 31 -33.64 2.65 -4.66
CA ARG F 31 -33.13 1.53 -5.45
C ARG F 31 -31.70 1.13 -5.06
N GLU F 32 -30.80 2.09 -4.96
CA GLU F 32 -29.42 1.79 -4.55
C GLU F 32 -29.41 1.00 -3.25
N LEU F 33 -30.16 1.48 -2.28
CA LEU F 33 -30.19 0.86 -0.96
C LEU F 33 -30.92 -0.48 -0.93
N GLN F 34 -31.89 -0.65 -1.83
CA GLN F 34 -32.53 -1.95 -1.99
C GLN F 34 -31.52 -2.95 -2.53
N VAL F 35 -30.82 -2.58 -3.59
CA VAL F 35 -29.77 -3.43 -4.15
C VAL F 35 -28.70 -3.68 -3.10
N ALA F 36 -28.19 -2.59 -2.52
CA ALA F 36 -27.10 -2.66 -1.56
C ALA F 36 -27.39 -3.57 -0.37
N SER F 37 -28.66 -3.88 -0.13
CA SER F 37 -29.01 -4.62 1.08
C SER F 37 -29.93 -5.80 0.81
N ASP F 38 -29.94 -6.29 -0.44
CA ASP F 38 -30.75 -7.46 -0.81
C ASP F 38 -32.23 -7.23 -0.56
N ASN F 39 -32.71 -6.04 -0.90
CA ASN F 39 -34.08 -5.68 -0.62
C ASN F 39 -34.41 -5.89 0.85
N PHE F 40 -33.53 -5.37 1.70
CA PHE F 40 -33.72 -5.44 3.15
C PHE F 40 -34.07 -6.84 3.61
N SER F 41 -33.30 -7.82 3.16
CA SER F 41 -33.48 -9.20 3.58
C SER F 41 -33.34 -9.26 5.08
N ASN F 42 -34.08 -10.20 5.70
CA ASN F 42 -34.01 -10.43 7.13
C ASN F 42 -32.65 -10.94 7.58
N LYS F 43 -31.91 -11.54 6.65
CA LYS F 43 -30.54 -11.94 6.94
C LYS F 43 -29.66 -10.72 7.19
N ASN F 44 -29.96 -9.61 6.51
CA ASN F 44 -29.11 -8.44 6.64
C ASN F 44 -29.38 -7.58 7.88
N ILE F 45 -30.41 -7.93 8.64
CA ILE F 45 -30.74 -7.13 9.82
C ILE F 45 -29.68 -7.22 10.92
N LEU F 46 -29.33 -6.06 11.45
CA LEU F 46 -28.28 -5.97 12.45
C LEU F 46 -28.85 -5.57 13.79
N GLY F 47 -29.93 -4.80 13.74
CA GLY F 47 -30.55 -4.30 14.96
C GLY F 47 -31.99 -3.91 14.71
N ARG F 48 -32.74 -3.83 15.79
CA ARG F 48 -34.17 -3.63 15.70
C ARG F 48 -34.63 -2.83 16.91
N GLY F 49 -35.54 -1.90 16.68
CA GLY F 49 -36.08 -1.08 17.75
C GLY F 49 -37.41 -0.51 17.32
N GLY F 50 -38.03 0.25 18.21
CA GLY F 50 -39.23 0.97 17.84
C GLY F 50 -38.91 1.92 16.70
N PHE F 51 -37.70 2.49 16.73
CA PHE F 51 -37.25 3.40 15.68
C PHE F 51 -37.30 2.73 14.29
N GLY F 52 -37.00 1.44 14.24
CA GLY F 52 -36.95 0.72 12.99
C GLY F 52 -35.91 -0.37 13.02
N LYS F 53 -35.16 -0.48 11.93
CA LYS F 53 -34.22 -1.57 11.77
C LYS F 53 -32.95 -1.10 11.06
N VAL F 54 -31.81 -1.66 11.45
CA VAL F 54 -30.54 -1.40 10.79
C VAL F 54 -30.15 -2.59 9.94
N TYR F 55 -29.81 -2.33 8.68
CA TYR F 55 -29.40 -3.40 7.80
C TYR F 55 -27.94 -3.28 7.38
N LYS F 56 -27.22 -4.38 7.40
CA LYS F 56 -25.91 -4.42 6.79
C LYS F 56 -26.08 -4.35 5.27
N GLY F 57 -25.20 -3.61 4.60
CA GLY F 57 -25.24 -3.55 3.15
C GLY F 57 -23.87 -3.24 2.54
N ARG F 58 -23.80 -3.38 1.22
CA ARG F 58 -22.60 -3.02 0.51
C ARG F 58 -22.98 -2.18 -0.69
N LEU F 59 -22.35 -1.02 -0.81
CA LEU F 59 -22.64 -0.11 -1.90
C LEU F 59 -22.03 -0.61 -3.22
N ALA F 60 -22.33 0.09 -4.31
CA ALA F 60 -21.82 -0.30 -5.62
C ALA F 60 -20.30 -0.18 -5.73
N ASP F 61 -19.69 0.61 -4.86
CA ASP F 61 -18.24 0.75 -4.83
C ASP F 61 -17.53 -0.31 -3.97
N GLY F 62 -18.29 -1.21 -3.37
CA GLY F 62 -17.73 -2.26 -2.53
C GLY F 62 -17.72 -1.94 -1.04
N THR F 63 -18.00 -0.68 -0.70
CA THR F 63 -18.03 -0.23 0.69
C THR F 63 -19.12 -0.91 1.51
N LEU F 64 -18.74 -1.37 2.69
CA LEU F 64 -19.71 -1.88 3.66
C LEU F 64 -20.40 -0.75 4.41
N VAL F 65 -21.72 -0.84 4.55
CA VAL F 65 -22.46 0.18 5.27
C VAL F 65 -23.52 -0.41 6.18
N ALA F 66 -23.95 0.39 7.14
CA ALA F 66 -25.16 0.11 7.91
C ALA F 66 -26.21 1.05 7.38
N VAL F 67 -27.38 0.52 7.09
CA VAL F 67 -28.51 1.31 6.64
C VAL F 67 -29.62 1.25 7.65
N LYS F 68 -29.97 2.40 8.17
CA LYS F 68 -31.01 2.50 9.15
C LYS F 68 -32.29 2.85 8.47
N ARG F 69 -33.27 1.96 8.59
CA ARG F 69 -34.56 2.19 8.01
C ARG F 69 -35.51 2.53 9.10
N LEU F 70 -36.01 3.73 9.08
CA LEU F 70 -37.01 4.17 10.06
C LEU F 70 -38.32 3.38 9.88
N LYS F 71 -38.99 3.08 10.99
CA LYS F 71 -40.23 2.31 10.99
C LYS F 71 -41.25 2.88 10.01
N GLU F 72 -42.20 2.04 9.62
CA GLU F 72 -43.16 2.39 8.55
C GLU F 72 -44.03 3.62 8.85
N GLU F 73 -44.57 3.70 10.07
CA GLU F 73 -45.38 4.85 10.48
C GLU F 73 -44.48 6.00 10.95
N ARG F 74 -44.34 7.03 10.13
CA ARG F 74 -43.45 8.12 10.50
C ARG F 74 -44.15 9.25 11.27
N TPO F 75 -43.76 9.40 12.53
CA TPO F 75 -44.33 10.36 13.42
CB TPO F 75 -44.46 9.67 14.74
CG2 TPO F 75 -45.61 8.73 14.73
OG1 TPO F 75 -43.30 8.96 14.91
P TPO F 75 -42.69 8.82 16.33
O1P TPO F 75 -43.05 7.44 16.84
O2P TPO F 75 -41.18 8.84 16.17
O3P TPO F 75 -43.14 9.94 17.23
C TPO F 75 -43.39 11.50 13.56
O TPO F 75 -42.33 11.50 12.97
N GLN F 76 -43.77 12.48 14.37
CA GLN F 76 -42.98 13.71 14.54
C GLN F 76 -41.60 13.46 15.15
N GLY F 77 -41.53 12.59 16.15
CA GLY F 77 -40.28 12.32 16.83
C GLY F 77 -39.20 11.78 15.91
N GLY F 78 -39.56 10.76 15.14
CA GLY F 78 -38.62 10.16 14.20
C GLY F 78 -38.19 11.12 13.12
N GLU F 79 -39.07 12.07 12.81
CA GLU F 79 -38.78 13.07 11.80
C GLU F 79 -37.76 14.05 12.38
N LEU F 80 -37.95 14.43 13.63
CA LEU F 80 -37.00 15.32 14.29
C LEU F 80 -35.62 14.67 14.33
N GLN F 81 -35.57 13.40 14.69
CA GLN F 81 -34.30 12.69 14.76
C GLN F 81 -33.62 12.58 13.38
N PHE F 82 -34.41 12.25 12.37
CA PHE F 82 -33.90 12.12 11.02
C PHE F 82 -33.26 13.43 10.56
N GLN F 83 -33.99 14.53 10.72
CA GLN F 83 -33.56 15.83 10.22
C GLN F 83 -32.29 16.28 10.87
N THR F 84 -32.25 16.07 12.18
CA THR F 84 -31.12 16.46 13.01
C THR F 84 -29.85 15.69 12.65
N GLU F 85 -29.97 14.38 12.43
CA GLU F 85 -28.79 13.62 12.01
C GLU F 85 -28.24 14.16 10.68
N VAL F 86 -29.14 14.43 9.74
CA VAL F 86 -28.73 15.02 8.49
C VAL F 86 -28.02 16.36 8.70
N GLU F 87 -28.67 17.30 9.38
CA GLU F 87 -28.05 18.61 9.63
C GLU F 87 -26.71 18.55 10.36
N MET F 88 -26.59 17.63 11.30
CA MET F 88 -25.37 17.52 12.12
C MET F 88 -24.11 17.18 11.31
N ILE F 89 -24.30 16.71 10.08
CA ILE F 89 -23.20 16.14 9.31
C ILE F 89 -22.02 17.11 9.08
N SER F 90 -22.29 18.41 9.06
CA SER F 90 -21.26 19.40 8.78
C SER F 90 -20.75 20.09 10.02
N MET F 91 -21.32 19.77 11.18
CA MET F 91 -20.96 20.49 12.40
C MET F 91 -19.99 19.74 13.28
N ALA F 92 -19.70 18.51 12.90
CA ALA F 92 -18.91 17.64 13.75
C ALA F 92 -18.23 16.61 12.90
N VAL F 93 -16.90 16.57 12.99
CA VAL F 93 -16.11 15.59 12.27
C VAL F 93 -14.98 15.19 13.21
N HIS F 94 -14.89 13.91 13.53
CA HIS F 94 -13.91 13.43 14.50
C HIS F 94 -13.88 11.92 14.41
N ARG F 95 -12.71 11.30 14.57
CA ARG F 95 -12.70 9.86 14.33
C ARG F 95 -13.41 9.00 15.41
N ASN F 96 -13.67 9.59 16.57
CA ASN F 96 -14.50 8.94 17.60
C ASN F 96 -15.98 9.28 17.46
N LEU F 97 -16.37 9.85 16.33
CA LEU F 97 -17.78 10.12 16.07
C LEU F 97 -18.23 9.39 14.81
N LEU F 98 -19.41 8.76 14.85
CA LEU F 98 -19.88 8.06 13.68
C LEU F 98 -20.35 9.06 12.63
N ARG F 99 -19.80 8.91 11.43
CA ARG F 99 -20.03 9.82 10.33
C ARG F 99 -21.21 9.36 9.50
N LEU F 100 -22.26 10.18 9.44
CA LEU F 100 -23.35 9.90 8.53
C LEU F 100 -22.81 9.94 7.09
N ARG F 101 -23.00 8.84 6.37
CA ARG F 101 -22.51 8.72 5.01
C ARG F 101 -23.54 9.31 4.04
N GLY F 102 -24.80 8.95 4.23
CA GLY F 102 -25.83 9.46 3.36
C GLY F 102 -27.22 9.22 3.87
N PHE F 103 -28.20 9.73 3.15
CA PHE F 103 -29.57 9.50 3.49
C PHE F 103 -30.38 9.26 2.23
N CYS F 104 -31.58 8.72 2.42
CA CYS F 104 -32.54 8.54 1.36
C CYS F 104 -33.87 9.02 1.90
N MET F 105 -34.67 9.64 1.06
CA MET F 105 -35.90 10.26 1.52
C MET F 105 -36.95 10.26 0.41
N THR F 106 -37.98 9.43 0.58
CA THR F 106 -39.06 9.35 -0.38
C THR F 106 -40.35 9.72 0.34
N PRO F 107 -41.50 9.62 -0.33
CA PRO F 107 -42.75 9.88 0.40
C PRO F 107 -43.00 8.81 1.47
N THR F 108 -42.43 7.64 1.25
CA THR F 108 -42.64 6.51 2.16
C THR F 108 -41.48 6.34 3.13
N GLU F 109 -40.26 6.43 2.59
CA GLU F 109 -39.07 5.94 3.29
C GLU F 109 -38.15 6.99 3.93
N ARG F 110 -37.63 6.64 5.10
CA ARG F 110 -36.58 7.40 5.74
C ARG F 110 -35.39 6.46 5.97
N LEU F 111 -34.28 6.75 5.31
CA LEU F 111 -33.11 5.87 5.39
C LEU F 111 -31.88 6.68 5.71
N LEU F 112 -31.10 6.21 6.67
CA LEU F 112 -29.81 6.80 6.97
C LEU F 112 -28.69 5.77 6.79
N VAL F 113 -27.59 6.22 6.19
CA VAL F 113 -26.52 5.32 5.80
C VAL F 113 -25.24 5.69 6.55
N TYR F 114 -24.67 4.69 7.21
CA TYR F 114 -23.50 4.89 8.03
C TYR F 114 -22.42 3.93 7.58
N PRO F 115 -21.15 4.28 7.83
CA PRO F 115 -20.12 3.25 7.69
C PRO F 115 -20.47 2.04 8.56
N TYR F 116 -20.11 0.85 8.09
CA TYR F 116 -20.32 -0.35 8.86
C TYR F 116 -19.29 -0.43 9.98
N MET F 117 -19.78 -0.67 11.20
CA MET F 117 -18.89 -0.91 12.32
C MET F 117 -18.88 -2.39 12.66
N ALA F 118 -17.76 -3.03 12.34
CA ALA F 118 -17.68 -4.48 12.35
C ALA F 118 -18.14 -5.13 13.66
N ASN F 119 -17.82 -4.51 14.79
CA ASN F 119 -18.14 -5.12 16.08
C ASN F 119 -19.42 -4.66 16.78
N GLY F 120 -20.29 -3.99 16.03
CA GLY F 120 -21.56 -3.55 16.57
C GLY F 120 -21.42 -2.58 17.73
N SER F 121 -22.48 -2.42 18.52
CA SER F 121 -22.42 -1.49 19.64
C SER F 121 -21.74 -2.13 20.86
N VAL F 122 -21.24 -1.28 21.75
CA VAL F 122 -20.69 -1.77 23.00
C VAL F 122 -21.73 -2.60 23.74
N ALA F 123 -22.99 -2.16 23.72
CA ALA F 123 -24.06 -2.82 24.45
C ALA F 123 -24.21 -4.25 23.97
N SER F 124 -24.19 -4.43 22.65
CA SER F 124 -24.40 -5.74 22.06
C SER F 124 -23.19 -6.66 22.31
N CYS F 125 -22.13 -6.11 22.90
CA CYS F 125 -20.93 -6.89 23.22
C CYS F 125 -20.81 -7.19 24.71
N LEU F 126 -21.75 -6.67 25.50
CA LEU F 126 -21.76 -6.89 26.95
C LEU F 126 -22.67 -8.05 27.33
N ARG F 127 -23.10 -8.11 28.58
CA ARG F 127 -23.90 -9.25 29.05
C ARG F 127 -25.03 -9.66 28.08
N GLU F 128 -25.59 -8.69 27.36
CA GLU F 128 -26.68 -9.00 26.44
C GLU F 128 -26.20 -9.47 25.06
N ARG F 129 -24.92 -9.82 24.95
CA ARG F 129 -24.36 -10.35 23.71
C ARG F 129 -24.89 -11.75 23.45
N PRO F 130 -24.70 -12.26 22.22
CA PRO F 130 -24.99 -13.67 21.94
C PRO F 130 -24.05 -14.59 22.72
N GLU F 131 -24.59 -15.68 23.24
CA GLU F 131 -23.84 -16.58 24.13
C GLU F 131 -22.54 -17.05 23.48
N SER F 132 -22.62 -17.38 22.20
CA SER F 132 -21.47 -17.88 21.45
C SER F 132 -20.36 -16.84 21.32
N GLN F 133 -20.75 -15.57 21.35
CA GLN F 133 -19.78 -14.47 21.20
C GLN F 133 -18.80 -14.36 22.37
N PRO F 134 -17.49 -14.34 22.05
CA PRO F 134 -16.45 -14.12 23.06
C PRO F 134 -16.71 -12.85 23.84
N PRO F 135 -16.12 -12.73 25.04
CA PRO F 135 -16.38 -11.55 25.88
C PRO F 135 -15.49 -10.37 25.49
N LEU F 136 -15.76 -9.20 26.06
CA LEU F 136 -15.02 -7.98 25.74
C LEU F 136 -13.96 -7.68 26.80
N ASP F 137 -12.69 -7.88 26.43
CA ASP F 137 -11.57 -7.73 27.35
C ASP F 137 -11.61 -6.42 28.12
N TRP F 138 -10.87 -6.39 29.22
CA TRP F 138 -10.79 -5.20 30.06
C TRP F 138 -10.04 -4.05 29.39
N PRO F 139 -8.82 -4.33 28.90
CA PRO F 139 -8.09 -3.22 28.29
C PRO F 139 -8.94 -2.61 27.18
N LYS F 140 -9.69 -3.45 26.48
CA LYS F 140 -10.53 -3.00 25.40
C LYS F 140 -11.56 -1.98 25.91
N ARG F 141 -12.19 -2.29 27.05
CA ARG F 141 -13.18 -1.39 27.66
C ARG F 141 -12.57 -0.04 28.04
N GLN F 142 -11.38 -0.09 28.63
CA GLN F 142 -10.60 1.13 28.87
C GLN F 142 -10.44 1.96 27.60
N ARG F 143 -10.25 1.26 26.48
CA ARG F 143 -10.04 1.92 25.20
C ARG F 143 -11.35 2.57 24.73
N ILE F 144 -12.45 1.90 25.02
CA ILE F 144 -13.76 2.42 24.71
C ILE F 144 -14.04 3.71 25.48
N ALA F 145 -13.79 3.67 26.78
CA ALA F 145 -14.04 4.82 27.64
C ALA F 145 -13.23 6.03 27.19
N LEU F 146 -11.98 5.81 26.84
CA LEU F 146 -11.11 6.88 26.42
C LEU F 146 -11.61 7.43 25.10
N GLY F 147 -11.92 6.54 24.16
CA GLY F 147 -12.33 6.95 22.83
C GLY F 147 -13.60 7.78 22.85
N SER F 148 -14.57 7.37 23.66
CA SER F 148 -15.86 8.03 23.67
C SER F 148 -15.75 9.37 24.39
N ALA F 149 -14.91 9.42 25.42
CA ALA F 149 -14.66 10.69 26.14
C ALA F 149 -14.06 11.75 25.23
N ARG F 150 -13.17 11.32 24.33
CA ARG F 150 -12.56 12.24 23.38
C ARG F 150 -13.55 12.85 22.39
N GLY F 151 -14.43 12.02 21.85
CA GLY F 151 -15.47 12.50 20.95
C GLY F 151 -16.37 13.49 21.64
N LEU F 152 -16.78 13.15 22.87
CA LEU F 152 -17.63 14.05 23.66
C LEU F 152 -16.91 15.36 23.98
N ALA F 153 -15.66 15.27 24.43
CA ALA F 153 -14.89 16.49 24.71
C ALA F 153 -14.90 17.40 23.50
N TYR F 154 -14.77 16.80 22.33
CA TYR F 154 -14.75 17.54 21.07
C TYR F 154 -16.08 18.25 20.79
N LEU F 155 -17.20 17.60 21.05
CA LEU F 155 -18.51 18.21 20.82
C LEU F 155 -18.74 19.36 21.78
N HIS F 156 -18.22 19.24 23.00
CA HIS F 156 -18.41 20.30 24.01
C HIS F 156 -17.43 21.46 23.91
N ASP F 157 -16.19 21.15 23.56
CA ASP F 157 -15.12 22.14 23.61
C ASP F 157 -14.73 22.73 22.27
N HIS F 158 -14.92 21.97 21.19
CA HIS F 158 -14.32 22.33 19.93
C HIS F 158 -15.28 22.48 18.77
N CYS F 159 -16.57 22.40 19.06
CA CYS F 159 -17.57 22.70 18.05
C CYS F 159 -18.23 24.01 18.39
N ASP F 160 -18.65 24.74 17.37
CA ASP F 160 -19.39 25.97 17.61
C ASP F 160 -20.56 26.09 16.64
N PRO F 161 -21.78 26.13 17.18
CA PRO F 161 -22.07 26.05 18.62
C PRO F 161 -21.68 24.71 19.25
N LYS F 162 -21.55 24.73 20.57
CA LYS F 162 -21.41 23.52 21.36
C LYS F 162 -22.51 22.47 21.02
N ILE F 163 -22.17 21.20 21.13
CA ILE F 163 -23.14 20.16 20.88
C ILE F 163 -23.31 19.29 22.14
N ILE F 164 -24.55 19.11 22.54
CA ILE F 164 -24.88 18.15 23.56
C ILE F 164 -25.45 16.95 22.83
N HIS F 165 -24.80 15.81 22.98
CA HIS F 165 -25.24 14.62 22.26
C HIS F 165 -26.59 14.14 22.82
N ARG F 166 -26.75 14.23 24.14
CA ARG F 166 -27.99 13.92 24.84
C ARG F 166 -28.35 12.44 24.90
N ASP F 167 -27.59 11.57 24.24
CA ASP F 167 -27.92 10.16 24.32
C ASP F 167 -26.70 9.26 24.53
N VAL F 168 -25.77 9.71 25.36
CA VAL F 168 -24.59 8.93 25.67
C VAL F 168 -24.91 7.63 26.43
N LYS F 169 -24.73 6.50 25.76
CA LYS F 169 -24.94 5.19 26.36
C LYS F 169 -24.32 4.11 25.48
N ALA F 170 -24.12 2.93 26.06
CA ALA F 170 -23.43 1.85 25.37
C ALA F 170 -24.06 1.48 24.03
N ALA F 171 -25.37 1.62 23.93
CA ALA F 171 -26.04 1.27 22.68
C ALA F 171 -25.61 2.23 21.56
N ASN F 172 -25.35 3.47 21.92
CA ASN F 172 -24.93 4.49 20.96
C ASN F 172 -23.42 4.58 20.76
N ILE F 173 -22.69 3.61 21.31
CA ILE F 173 -21.26 3.51 21.11
C ILE F 173 -20.91 2.31 20.24
N LEU F 174 -20.39 2.58 19.04
CA LEU F 174 -20.06 1.54 18.08
C LEU F 174 -18.56 1.26 18.06
N LEU F 175 -18.18 0.10 17.57
CA LEU F 175 -16.83 -0.40 17.67
C LEU F 175 -16.39 -0.89 16.31
N ASP F 176 -15.27 -0.36 15.82
CA ASP F 176 -14.76 -0.80 14.51
C ASP F 176 -14.00 -2.12 14.59
N GLU F 177 -13.35 -2.48 13.47
CA GLU F 177 -12.57 -3.71 13.37
C GLU F 177 -11.53 -3.81 14.46
N GLU F 178 -11.00 -2.66 14.89
CA GLU F 178 -9.98 -2.60 15.91
C GLU F 178 -10.54 -2.32 17.31
N PHE F 179 -11.87 -2.37 17.42
CA PHE F 179 -12.57 -2.05 18.67
C PHE F 179 -12.29 -0.63 19.15
N GLU F 180 -12.06 0.26 18.20
CA GLU F 180 -12.02 1.69 18.51
C GLU F 180 -13.45 2.20 18.71
N ALA F 181 -13.66 3.05 19.71
CA ALA F 181 -14.98 3.58 20.01
C ALA F 181 -15.38 4.72 19.09
N VAL F 182 -16.60 4.64 18.58
CA VAL F 182 -17.19 5.68 17.76
C VAL F 182 -18.59 5.99 18.31
N VAL F 183 -18.78 7.20 18.84
CA VAL F 183 -20.08 7.62 19.37
C VAL F 183 -21.02 7.98 18.23
N GLY F 184 -22.22 7.40 18.22
CA GLY F 184 -22.94 7.39 16.96
C GLY F 184 -24.38 7.77 16.73
N ASP F 185 -25.10 8.36 17.66
CA ASP F 185 -26.47 8.72 17.29
C ASP F 185 -26.79 10.18 17.57
N PHE F 186 -26.95 10.98 16.53
CA PHE F 186 -27.12 12.41 16.74
C PHE F 186 -28.54 12.95 16.62
N GLY F 187 -29.51 12.06 16.49
CA GLY F 187 -30.90 12.44 16.45
C GLY F 187 -31.31 13.37 17.59
N LEU F 188 -30.81 13.12 18.79
CA LEU F 188 -31.18 13.89 19.98
C LEU F 188 -30.24 15.06 20.26
N ALA F 189 -29.24 15.23 19.40
CA ALA F 189 -28.24 16.28 19.60
C ALA F 189 -28.90 17.62 19.74
N LYS F 190 -28.28 18.48 20.54
CA LYS F 190 -28.80 19.78 20.84
C LYS F 190 -27.68 20.81 20.68
N LEU F 191 -27.94 21.83 19.88
CA LEU F 191 -27.02 22.94 19.69
C LEU F 191 -27.19 23.98 20.77
N MET F 192 -26.08 24.53 21.21
CA MET F 192 -26.04 25.41 22.35
C MET F 192 -24.89 26.40 22.15
N ASP F 193 -25.19 27.69 22.32
CA ASP F 193 -24.17 28.70 22.14
C ASP F 193 -23.03 28.55 23.14
N TYR F 194 -21.81 28.71 22.66
CA TYR F 194 -20.62 28.47 23.47
C TYR F 194 -20.68 29.34 24.72
N LYS F 195 -21.32 30.49 24.57
CA LYS F 195 -21.37 31.50 25.62
C LYS F 195 -22.32 31.15 26.78
N ASP F 196 -23.33 30.31 26.50
CA ASP F 196 -24.43 30.06 27.44
C ASP F 196 -24.16 28.98 28.49
N TPO F 197 -24.81 29.08 29.65
CA TPO F 197 -24.65 28.10 30.70
CB TPO F 197 -24.68 28.64 32.10
CG2 TPO F 197 -23.38 29.27 32.45
OG1 TPO F 197 -25.70 29.54 32.27
P TPO F 197 -26.65 29.37 33.51
O1P TPO F 197 -25.89 29.91 34.71
O2P TPO F 197 -27.87 30.22 33.28
O3P TPO F 197 -27.05 27.94 33.73
C TPO F 197 -25.65 27.00 30.59
O TPO F 197 -25.48 25.95 31.19
N HIS F 198 -26.72 27.23 29.84
CA HIS F 198 -27.74 26.20 29.70
C HIS F 198 -28.61 26.54 28.50
N VAL F 199 -29.44 25.58 28.09
CA VAL F 199 -30.41 25.85 27.05
C VAL F 199 -31.72 25.15 27.41
N TPO F 200 -32.85 25.77 27.07
CA TPO F 200 -34.12 25.20 27.43
CB TPO F 200 -35.15 26.28 27.73
CG2 TPO F 200 -36.52 25.72 27.95
OG1 TPO F 200 -34.77 26.99 28.86
P TPO F 200 -35.02 28.52 28.94
O1P TPO F 200 -34.83 29.18 27.59
O2P TPO F 200 -36.47 28.68 29.31
O3P TPO F 200 -34.12 29.15 29.96
C TPO F 200 -34.57 24.32 26.32
O TPO F 200 -34.50 24.71 25.17
N TPO F 201 -35.04 23.11 26.65
CA TPO F 201 -35.45 22.15 25.67
CB TPO F 201 -34.21 21.64 24.94
CG2 TPO F 201 -33.19 21.16 25.93
OG1 TPO F 201 -34.46 20.60 24.07
P TPO F 201 -35.19 20.79 22.69
O1P TPO F 201 -34.64 22.03 22.05
O2P TPO F 201 -34.81 19.62 21.84
O3P TPO F 201 -36.70 20.87 22.83
C TPO F 201 -36.23 21.09 26.36
O TPO F 201 -36.09 20.91 27.55
N ALA F 202 -37.04 20.34 25.62
CA ALA F 202 -37.76 19.22 26.20
C ALA F 202 -36.76 18.27 26.82
N VAL F 203 -37.22 17.48 27.78
CA VAL F 203 -36.39 16.40 28.28
C VAL F 203 -36.43 15.26 27.27
N ARG F 204 -35.31 15.01 26.61
CA ARG F 204 -35.20 13.87 25.71
C ARG F 204 -33.98 13.06 26.11
N GLY F 205 -34.00 11.77 25.81
CA GLY F 205 -32.85 10.95 26.14
C GLY F 205 -33.25 9.56 26.51
N THR F 206 -32.35 8.86 27.20
CA THR F 206 -32.66 7.53 27.66
C THR F 206 -32.64 7.55 29.18
N ILE F 207 -33.77 7.21 29.78
CA ILE F 207 -33.89 7.25 31.23
C ILE F 207 -32.78 6.42 31.89
N GLY F 208 -32.15 7.01 32.89
CA GLY F 208 -30.96 6.41 33.47
C GLY F 208 -29.71 7.21 33.08
N HIS F 209 -29.76 7.89 31.94
CA HIS F 209 -28.62 8.66 31.43
C HIS F 209 -28.92 10.15 31.33
N ILE F 210 -30.11 10.55 31.76
CA ILE F 210 -30.49 11.94 31.78
C ILE F 210 -30.17 12.52 33.16
N ALA F 211 -29.41 13.60 33.19
CA ALA F 211 -29.01 14.21 34.46
C ALA F 211 -30.23 14.74 35.25
N PRO F 212 -30.18 14.61 36.59
CA PRO F 212 -31.32 15.00 37.44
C PRO F 212 -31.73 16.47 37.32
N GLU F 213 -30.80 17.40 37.20
CA GLU F 213 -31.16 18.80 37.05
C GLU F 213 -31.93 19.06 35.75
N TYR F 214 -31.68 18.22 34.75
CA TYR F 214 -32.26 18.35 33.42
C TYR F 214 -33.66 17.70 33.41
N LEU F 215 -33.81 16.62 34.16
CA LEU F 215 -35.12 16.01 34.42
C LEU F 215 -36.09 16.93 35.16
N SER F 216 -35.57 17.63 36.17
CA SER F 216 -36.38 18.46 37.04
C SER F 216 -36.85 19.73 36.37
N THR F 217 -35.99 20.29 35.51
CA THR F 217 -36.18 21.65 35.01
C THR F 217 -36.40 21.77 33.51
N GLY F 218 -35.98 20.76 32.75
CA GLY F 218 -35.99 20.86 31.29
C GLY F 218 -34.97 21.87 30.76
N LYS F 219 -33.87 22.04 31.48
CA LYS F 219 -32.79 22.93 31.05
C LYS F 219 -31.52 22.12 31.00
N SER F 220 -30.93 22.04 29.81
CA SER F 220 -29.79 21.17 29.60
C SER F 220 -28.50 21.94 29.40
N SER F 221 -27.39 21.24 29.63
CA SER F 221 -26.07 21.76 29.37
C SER F 221 -25.25 20.55 28.99
N GLU F 222 -23.98 20.74 28.65
CA GLU F 222 -23.12 19.61 28.30
C GLU F 222 -22.91 18.72 29.52
N LYS F 223 -23.07 19.31 30.71
CA LYS F 223 -23.05 18.54 31.97
C LYS F 223 -23.95 17.31 31.95
N THR F 224 -25.05 17.35 31.18
CA THR F 224 -25.89 16.16 31.09
C THR F 224 -25.23 15.02 30.30
N ASP F 225 -24.44 15.37 29.27
CA ASP F 225 -23.66 14.35 28.58
C ASP F 225 -22.66 13.74 29.56
N VAL F 226 -22.09 14.56 30.45
CA VAL F 226 -21.08 14.04 31.36
C VAL F 226 -21.69 12.98 32.28
N PHE F 227 -22.90 13.28 32.75
CA PHE F 227 -23.66 12.34 33.56
C PHE F 227 -23.94 11.07 32.76
N GLY F 228 -24.43 11.26 31.52
CA GLY F 228 -24.68 10.15 30.63
C GLY F 228 -23.42 9.31 30.45
N TYR F 229 -22.29 9.99 30.30
CA TYR F 229 -21.01 9.31 30.14
C TYR F 229 -20.64 8.54 31.41
N GLY F 230 -20.78 9.20 32.56
CA GLY F 230 -20.60 8.53 33.84
C GLY F 230 -21.34 7.20 33.94
N VAL F 231 -22.64 7.19 33.64
CA VAL F 231 -23.36 5.91 33.73
C VAL F 231 -23.03 4.90 32.62
N MET F 232 -22.74 5.38 31.41
CA MET F 232 -22.23 4.50 30.38
C MET F 232 -21.03 3.71 30.92
N LEU F 233 -20.19 4.37 31.70
CA LEU F 233 -19.03 3.67 32.27
C LEU F 233 -19.44 2.57 33.24
N LEU F 234 -20.50 2.80 34.00
CA LEU F 234 -20.99 1.75 34.88
C LEU F 234 -21.42 0.55 34.05
N GLU F 235 -22.03 0.80 32.90
CA GLU F 235 -22.39 -0.28 31.98
C GLU F 235 -21.13 -0.99 31.49
N LEU F 236 -20.07 -0.23 31.26
CA LEU F 236 -18.78 -0.77 30.82
C LEU F 236 -18.20 -1.70 31.88
N ILE F 237 -18.19 -1.22 33.12
CA ILE F 237 -17.63 -1.96 34.25
C ILE F 237 -18.52 -3.13 34.68
N THR F 238 -19.81 -3.00 34.41
CA THR F 238 -20.81 -3.91 34.93
C THR F 238 -21.29 -4.96 33.93
N GLY F 239 -21.32 -4.57 32.67
CA GLY F 239 -21.84 -5.43 31.62
C GLY F 239 -23.35 -5.36 31.52
N GLN F 240 -23.96 -4.47 32.29
CA GLN F 240 -25.41 -4.39 32.35
C GLN F 240 -25.95 -3.02 31.95
N ARG F 241 -27.23 -2.99 31.58
CA ARG F 241 -27.92 -1.72 31.35
C ARG F 241 -28.11 -1.01 32.68
N ALA F 242 -28.16 0.31 32.62
CA ALA F 242 -28.44 1.15 33.79
C ALA F 242 -29.74 0.73 34.50
N PHE F 243 -30.73 0.28 33.73
CA PHE F 243 -31.97 -0.20 34.31
C PHE F 243 -31.71 -1.38 35.23
N ASP F 244 -30.92 -2.33 34.75
CA ASP F 244 -30.53 -3.48 35.57
C ASP F 244 -29.80 -3.03 36.83
N LEU F 245 -28.91 -2.05 36.70
CA LEU F 245 -28.17 -1.55 37.85
C LEU F 245 -29.07 -0.95 38.93
N ALA F 246 -30.15 -0.32 38.51
CA ALA F 246 -31.10 0.28 39.44
C ALA F 246 -31.74 -0.75 40.36
N ARG F 247 -32.14 -1.89 39.78
CA ARG F 247 -32.74 -2.97 40.56
C ARG F 247 -31.75 -3.53 41.56
N LEU F 248 -30.59 -3.94 41.07
CA LEU F 248 -29.53 -4.48 41.92
C LEU F 248 -29.35 -3.63 43.17
N ALA F 249 -29.47 -2.31 43.00
CA ALA F 249 -29.25 -1.38 44.11
C ALA F 249 -30.47 -1.26 45.02
N ASN F 250 -31.66 -1.15 44.42
CA ASN F 250 -32.90 -1.05 45.20
C ASN F 250 -33.10 -2.26 46.10
N ASP F 251 -32.59 -3.40 45.65
CA ASP F 251 -32.67 -4.62 46.44
C ASP F 251 -31.75 -4.53 47.66
N ASP F 252 -31.34 -3.30 47.97
CA ASP F 252 -30.61 -2.99 49.20
C ASP F 252 -31.20 -1.72 49.79
N ASP F 253 -32.28 -1.23 49.17
CA ASP F 253 -32.98 -0.04 49.63
C ASP F 253 -32.07 1.18 49.61
N VAL F 254 -31.15 1.21 48.64
CA VAL F 254 -30.21 2.31 48.47
C VAL F 254 -30.18 2.81 47.02
N MET F 255 -29.89 4.09 46.82
CA MET F 255 -29.80 4.65 45.47
C MET F 255 -28.62 4.06 44.68
N LEU F 256 -28.80 3.91 43.38
CA LEU F 256 -27.80 3.34 42.49
C LEU F 256 -26.38 3.84 42.75
N LEU F 257 -26.23 5.16 42.83
CA LEU F 257 -24.91 5.74 43.05
C LEU F 257 -24.30 5.43 44.42
N ASP F 258 -25.10 5.58 45.47
CA ASP F 258 -24.62 5.29 46.83
C ASP F 258 -24.21 3.82 46.92
N TRP F 259 -25.02 2.98 46.30
CA TRP F 259 -24.73 1.56 46.18
C TRP F 259 -23.31 1.36 45.63
N VAL F 260 -23.06 1.88 44.43
CA VAL F 260 -21.75 1.75 43.82
C VAL F 260 -20.67 2.36 44.72
N LYS F 261 -20.94 3.55 45.24
CA LYS F 261 -20.01 4.25 46.12
C LYS F 261 -19.61 3.35 47.30
N GLY F 262 -20.56 2.52 47.75
CA GLY F 262 -20.34 1.61 48.86
C GLY F 262 -19.49 0.40 48.54
N LEU F 263 -19.79 -0.28 47.43
CA LEU F 263 -18.96 -1.39 46.98
C LEU F 263 -17.53 -0.94 46.84
N LEU F 264 -17.33 0.27 46.33
CA LEU F 264 -16.00 0.81 46.08
C LEU F 264 -15.23 1.08 47.37
N LYS F 265 -15.90 1.68 48.35
CA LYS F 265 -15.25 2.00 49.62
C LYS F 265 -14.91 0.74 50.43
N GLU F 266 -15.88 -0.17 50.48
CA GLU F 266 -15.72 -1.42 51.21
C GLU F 266 -14.93 -2.47 50.42
N LYS F 267 -14.49 -2.10 49.22
CA LYS F 267 -13.64 -2.96 48.39
C LYS F 267 -14.27 -4.28 47.91
N LYS F 268 -15.59 -4.37 48.01
CA LYS F 268 -16.32 -5.55 47.50
C LYS F 268 -16.64 -5.39 46.02
N LEU F 269 -15.60 -5.18 45.21
CA LEU F 269 -15.75 -4.91 43.78
C LEU F 269 -16.25 -6.11 42.98
N GLU F 270 -16.04 -7.32 43.50
CA GLU F 270 -16.44 -8.53 42.79
C GLU F 270 -17.96 -8.68 42.65
N ALA F 271 -18.72 -7.98 43.51
CA ALA F 271 -20.18 -7.98 43.43
C ALA F 271 -20.70 -7.01 42.37
N LEU F 272 -19.78 -6.40 41.64
CA LEU F 272 -20.10 -5.31 40.72
C LEU F 272 -19.55 -5.58 39.31
N VAL F 273 -18.24 -5.73 39.23
CA VAL F 273 -17.55 -5.97 37.96
C VAL F 273 -18.11 -7.15 37.18
N ASP F 274 -18.13 -7.01 35.86
CA ASP F 274 -18.69 -8.02 34.96
C ASP F 274 -18.09 -9.40 35.23
N VAL F 275 -18.95 -10.36 35.52
CA VAL F 275 -18.54 -11.75 35.73
C VAL F 275 -17.97 -12.33 34.43
N ASP F 276 -18.48 -11.84 33.31
CA ASP F 276 -18.07 -12.30 31.99
C ASP F 276 -16.61 -11.95 31.73
N LEU F 277 -16.10 -10.99 32.49
CA LEU F 277 -14.68 -10.66 32.44
C LEU F 277 -13.92 -11.71 33.24
N GLN F 278 -14.67 -12.46 34.05
CA GLN F 278 -14.06 -13.34 35.04
C GLN F 278 -13.15 -12.52 35.94
N GLY F 279 -11.85 -12.78 35.89
CA GLY F 279 -10.94 -12.07 36.77
C GLY F 279 -9.86 -11.30 36.05
N ASN F 280 -9.91 -11.32 34.72
CA ASN F 280 -8.81 -10.80 33.89
C ASN F 280 -8.64 -9.29 33.88
N TYR F 281 -8.38 -8.71 35.06
CA TYR F 281 -8.21 -7.27 35.18
C TYR F 281 -7.46 -6.93 36.46
N LYS F 282 -6.77 -5.79 36.47
CA LYS F 282 -6.19 -5.28 37.70
C LYS F 282 -7.27 -4.64 38.57
N ASP F 283 -7.12 -4.77 39.88
CA ASP F 283 -8.04 -4.15 40.83
C ASP F 283 -7.90 -2.63 40.76
N GLU F 284 -6.66 -2.18 40.68
CA GLU F 284 -6.34 -0.75 40.62
C GLU F 284 -7.10 -0.04 39.51
N GLU F 285 -7.00 -0.57 38.30
CA GLU F 285 -7.55 0.06 37.10
C GLU F 285 -9.09 0.13 37.09
N VAL F 286 -9.75 -0.86 37.69
CA VAL F 286 -11.20 -0.84 37.78
C VAL F 286 -11.66 0.22 38.75
N GLU F 287 -11.01 0.29 39.92
CA GLU F 287 -11.36 1.27 40.94
C GLU F 287 -11.36 2.67 40.35
N GLN F 288 -10.39 2.93 39.48
CA GLN F 288 -10.22 4.25 38.90
C GLN F 288 -11.32 4.59 37.89
N LEU F 289 -11.76 3.61 37.12
CA LEU F 289 -12.84 3.86 36.18
C LEU F 289 -14.13 4.14 36.94
N ILE F 290 -14.33 3.40 38.04
CA ILE F 290 -15.49 3.59 38.89
C ILE F 290 -15.47 4.99 39.49
N GLN F 291 -14.28 5.46 39.81
CA GLN F 291 -14.09 6.78 40.37
C GLN F 291 -14.47 7.84 39.35
N VAL F 292 -13.87 7.77 38.16
CA VAL F 292 -14.21 8.68 37.09
C VAL F 292 -15.74 8.68 36.93
N ALA F 293 -16.33 7.50 36.97
CA ALA F 293 -17.78 7.35 36.84
C ALA F 293 -18.54 8.05 37.96
N LEU F 294 -18.03 7.95 39.19
CA LEU F 294 -18.67 8.58 40.32
C LEU F 294 -18.55 10.11 40.26
N LEU F 295 -17.37 10.61 39.89
CA LEU F 295 -17.21 12.03 39.66
C LEU F 295 -18.15 12.55 38.57
N CYS F 296 -18.39 11.74 37.55
CA CYS F 296 -19.20 12.16 36.42
C CYS F 296 -20.70 12.20 36.70
N THR F 297 -21.14 11.47 37.71
CA THR F 297 -22.58 11.34 37.97
C THR F 297 -23.04 12.03 39.24
N GLN F 298 -22.21 12.92 39.79
CA GLN F 298 -22.57 13.69 40.98
C GLN F 298 -23.83 14.47 40.76
N SER F 299 -24.55 14.75 41.85
CA SER F 299 -25.79 15.50 41.79
C SER F 299 -25.59 16.96 41.36
N SER F 300 -24.45 17.53 41.74
CA SER F 300 -24.15 18.93 41.43
C SER F 300 -23.40 19.08 40.10
N PRO F 301 -24.03 19.73 39.11
CA PRO F 301 -23.48 19.92 37.77
C PRO F 301 -22.11 20.59 37.77
N MET F 302 -21.94 21.64 38.58
CA MET F 302 -20.66 22.36 38.62
C MET F 302 -19.55 21.47 39.14
N GLU F 303 -19.91 20.47 39.92
CA GLU F 303 -18.92 19.60 40.55
C GLU F 303 -18.45 18.49 39.60
N ARG F 304 -19.27 18.18 38.59
CA ARG F 304 -18.85 17.22 37.57
C ARG F 304 -17.74 17.81 36.71
N PRO F 305 -16.76 16.98 36.35
CA PRO F 305 -15.62 17.38 35.52
C PRO F 305 -16.04 17.68 34.08
N LYS F 306 -15.36 18.62 33.44
CA LYS F 306 -15.53 18.80 32.02
C LYS F 306 -15.07 17.51 31.36
N MET F 307 -15.70 17.17 30.25
CA MET F 307 -15.33 15.97 29.52
C MET F 307 -13.84 15.99 29.15
N SER F 308 -13.29 17.19 29.00
CA SER F 308 -11.87 17.31 28.68
C SER F 308 -11.01 16.92 29.88
N GLU F 309 -11.50 17.18 31.09
CA GLU F 309 -10.80 16.71 32.28
C GLU F 309 -10.87 15.19 32.37
N VAL F 310 -11.98 14.61 31.94
CA VAL F 310 -12.13 13.17 32.00
C VAL F 310 -11.10 12.47 31.13
N VAL F 311 -10.85 13.02 29.94
CA VAL F 311 -9.84 12.47 29.03
C VAL F 311 -8.47 12.49 29.70
N ARG F 312 -8.17 13.57 30.43
CA ARG F 312 -6.89 13.69 31.13
C ARG F 312 -6.73 12.66 32.23
N MET F 313 -7.80 12.45 33.00
CA MET F 313 -7.78 11.47 34.08
C MET F 313 -7.64 10.02 33.57
N LEU F 314 -8.30 9.72 32.46
CA LEU F 314 -8.13 8.40 31.84
C LEU F 314 -6.74 8.25 31.21
N GLU F 315 -6.19 9.35 30.72
CA GLU F 315 -4.87 9.33 30.11
C GLU F 315 -3.80 9.14 31.18
N GLY F 316 -4.08 9.56 32.41
CA GLY F 316 -3.25 9.19 33.53
C GLY F 316 -2.91 10.25 34.56
N ASP F 317 -3.69 11.32 34.63
CA ASP F 317 -3.39 12.35 35.62
C ASP F 317 -4.57 13.21 36.05
N GLY F 318 -4.55 13.61 37.32
CA GLY F 318 -5.59 14.46 37.89
C GLY F 318 -6.60 13.66 38.68
N LEU F 319 -6.65 12.36 38.42
CA LEU F 319 -7.63 11.50 39.05
C LEU F 319 -7.44 11.36 40.56
N ALA F 320 -6.25 10.96 40.98
CA ALA F 320 -5.97 10.76 42.39
C ALA F 320 -6.32 12.01 43.18
N GLU F 321 -5.89 13.15 42.66
CA GLU F 321 -6.09 14.43 43.33
C GLU F 321 -7.57 14.78 43.42
N ARG F 322 -8.25 14.74 42.28
CA ARG F 322 -9.65 15.16 42.23
C ARG F 322 -10.58 14.20 42.97
N TRP F 323 -10.21 12.93 43.01
CA TRP F 323 -10.99 11.95 43.74
C TRP F 323 -10.90 12.21 45.23
N GLU F 324 -9.68 12.26 45.75
CA GLU F 324 -9.47 12.49 47.17
C GLU F 324 -10.05 13.84 47.57
N GLU F 325 -9.95 14.80 46.67
CA GLU F 325 -10.56 16.12 46.88
C GLU F 325 -12.07 16.03 47.00
N TRP F 326 -12.67 15.07 46.31
CA TRP F 326 -14.11 14.91 46.37
C TRP F 326 -14.55 14.43 47.75
N GLN F 327 -14.16 13.21 48.09
CA GLN F 327 -14.64 12.61 49.33
C GLN F 327 -14.20 13.40 50.56
N LYS F 328 -13.10 14.16 50.43
CA LYS F 328 -12.73 15.10 51.48
C LYS F 328 -13.85 16.14 51.63
N GLU F 329 -14.28 16.70 50.51
CA GLU F 329 -15.39 17.64 50.52
C GLU F 329 -16.70 16.93 50.90
N GLU F 330 -16.64 15.60 50.95
CA GLU F 330 -17.76 14.82 51.48
C GLU F 330 -17.65 14.74 53.01
N MET F 331 -17.96 15.85 53.65
CA MET F 331 -17.89 15.98 55.11
C MET F 331 -18.29 17.39 55.55
N ILE G 25 -9.32 22.48 -16.43
CA ILE G 25 -9.36 23.52 -15.40
C ILE G 25 -9.05 22.95 -14.03
N ARG G 26 -9.44 21.69 -13.79
CA ARG G 26 -9.18 21.02 -12.51
C ARG G 26 -7.82 20.33 -12.49
N VAL G 27 -7.09 20.55 -11.41
CA VAL G 27 -5.67 20.25 -11.34
C VAL G 27 -5.33 18.84 -10.89
N ASP G 28 -4.37 18.24 -11.59
CA ASP G 28 -3.84 16.92 -11.22
C ASP G 28 -2.55 17.08 -10.42
N ARG G 29 -2.67 16.90 -9.11
CA ARG G 29 -1.53 17.04 -8.19
C ARG G 29 -0.39 16.08 -8.58
N ALA G 30 -0.74 14.87 -8.96
CA ALA G 30 0.26 13.87 -9.29
C ALA G 30 1.02 14.26 -10.55
N ALA G 31 0.33 14.89 -11.51
CA ALA G 31 1.02 15.35 -12.70
C ALA G 31 1.94 16.55 -12.42
N MET G 32 1.48 17.47 -11.58
CA MET G 32 2.31 18.58 -11.17
C MET G 32 3.56 18.08 -10.43
N ARG G 33 3.38 17.07 -9.60
CA ARG G 33 4.46 16.52 -8.81
C ARG G 33 5.51 15.86 -9.74
N ASN G 34 5.02 15.01 -10.66
CA ASN G 34 5.85 14.39 -11.69
C ASN G 34 6.66 15.39 -12.53
N ARG G 35 6.03 16.47 -12.97
CA ARG G 35 6.71 17.43 -13.84
C ARG G 35 7.89 18.07 -13.13
N GLY G 36 7.65 18.49 -11.89
CA GLY G 36 8.69 19.02 -11.04
C GLY G 36 9.84 18.03 -10.87
N ASN G 37 9.53 16.76 -10.66
CA ASN G 37 10.58 15.75 -10.53
C ASN G 37 11.36 15.57 -11.84
N ASP G 38 10.66 15.63 -12.97
CA ASP G 38 11.29 15.44 -14.27
C ASP G 38 12.13 16.66 -14.69
N GLU G 39 11.63 17.86 -14.45
CA GLU G 39 12.41 19.07 -14.72
C GLU G 39 13.68 19.09 -13.89
N ALA G 40 13.57 18.61 -12.65
CA ALA G 40 14.73 18.56 -11.76
C ALA G 40 15.74 17.53 -12.24
N ASP G 41 15.25 16.39 -12.69
CA ASP G 41 16.16 15.34 -13.14
C ASP G 41 16.93 15.81 -14.38
N ALA G 42 16.22 16.56 -15.23
CA ALA G 42 16.81 17.13 -16.43
C ALA G 42 17.87 18.14 -16.06
N ALA G 43 17.58 18.95 -15.04
CA ALA G 43 18.50 19.98 -14.63
C ALA G 43 19.72 19.29 -14.05
N LEU G 44 19.46 18.31 -13.19
CA LEU G 44 20.51 17.51 -12.60
C LEU G 44 21.41 16.89 -13.66
N ARG G 45 20.82 16.44 -14.77
CA ARG G 45 21.60 15.87 -15.87
C ARG G 45 22.52 16.91 -16.51
N GLY G 46 21.96 18.06 -16.87
CA GLY G 46 22.73 19.14 -17.46
C GLY G 46 23.83 19.65 -16.54
N LEU G 47 23.59 19.56 -15.24
CA LEU G 47 24.57 19.94 -14.25
C LEU G 47 25.76 18.99 -14.27
N VAL G 48 25.46 17.70 -14.41
CA VAL G 48 26.50 16.71 -14.50
C VAL G 48 27.22 16.85 -15.84
N GLN G 49 26.47 17.23 -16.86
CA GLN G 49 26.98 17.44 -18.22
C GLN G 49 27.94 18.62 -18.27
N GLN G 50 27.95 19.40 -17.19
CA GLN G 50 28.85 20.54 -17.06
C GLN G 50 29.91 20.29 -15.97
N GLY G 51 29.92 19.06 -15.46
CA GLY G 51 30.94 18.62 -14.52
C GLY G 51 31.00 19.41 -13.23
N VAL G 52 29.90 20.07 -12.86
CA VAL G 52 29.83 20.71 -11.55
C VAL G 52 29.93 19.63 -10.47
N ASN G 53 30.57 19.97 -9.36
CA ASN G 53 30.69 19.04 -8.24
C ASN G 53 29.36 18.85 -7.51
N LEU G 54 28.85 17.63 -7.53
CA LEU G 54 27.53 17.37 -6.97
C LEU G 54 27.46 17.49 -5.44
N GLU G 55 28.54 17.14 -4.75
CA GLU G 55 28.53 17.21 -3.29
C GLU G 55 28.75 18.61 -2.75
N HIS G 56 29.45 19.45 -3.50
CA HIS G 56 29.54 20.84 -3.14
C HIS G 56 28.19 21.43 -3.31
N LEU G 57 27.57 21.04 -4.40
CA LEU G 57 26.27 21.54 -4.75
C LEU G 57 25.23 21.12 -3.76
N ARG G 58 25.33 19.91 -3.29
CA ARG G 58 24.35 19.44 -2.36
C ARG G 58 24.39 20.27 -1.11
N THR G 59 25.57 20.52 -0.61
CA THR G 59 25.75 21.25 0.63
C THR G 59 25.27 22.67 0.50
N ALA G 60 25.50 23.23 -0.67
CA ALA G 60 25.07 24.60 -0.95
C ALA G 60 23.55 24.71 -1.07
N LEU G 61 22.93 23.69 -1.66
CA LEU G 61 21.50 23.67 -1.87
C LEU G 61 20.75 23.44 -0.56
N GLU G 62 21.32 22.60 0.30
CA GLU G 62 20.70 22.23 1.56
C GLU G 62 20.64 23.46 2.46
N ARG G 63 21.73 24.22 2.50
CA ARG G 63 21.82 25.41 3.32
C ARG G 63 20.91 26.56 2.83
N HIS G 64 20.80 26.70 1.52
CA HIS G 64 19.90 27.71 0.95
C HIS G 64 18.40 27.41 1.14
N VAL G 65 17.96 26.18 0.89
CA VAL G 65 16.58 25.82 1.09
C VAL G 65 16.21 25.89 2.55
N MET G 66 17.11 25.49 3.40
CA MET G 66 16.94 25.62 4.81
C MET G 66 16.94 27.04 5.38
N GLN G 67 17.91 27.87 5.00
CA GLN G 67 18.08 29.22 5.54
C GLN G 67 18.36 30.33 4.56
N ARG G 68 18.01 30.14 3.32
CA ARG G 68 18.33 31.12 2.28
C ARG G 68 19.80 31.57 2.28
N LEU G 69 20.66 30.76 2.89
CA LEU G 69 22.09 30.98 2.85
C LEU G 69 22.51 30.99 1.37
N PRO G 70 23.08 32.11 0.91
CA PRO G 70 23.31 32.37 -0.52
C PRO G 70 24.28 31.40 -1.16
N ILE G 71 24.03 31.09 -2.43
CA ILE G 71 24.78 30.08 -3.16
C ILE G 71 25.98 30.68 -3.91
N PRO G 72 27.16 30.06 -3.77
CA PRO G 72 28.39 30.55 -4.40
C PRO G 72 28.26 30.71 -5.91
N LEU G 73 28.95 31.70 -6.48
CA LEU G 73 28.76 32.10 -7.86
C LEU G 73 29.02 31.00 -8.89
N ASP G 74 29.94 30.10 -8.58
CA ASP G 74 30.20 28.96 -9.44
C ASP G 74 28.94 28.09 -9.56
N ILE G 75 28.51 27.52 -8.45
CA ILE G 75 27.33 26.67 -8.40
C ILE G 75 26.13 27.42 -8.95
N GLY G 76 26.02 28.69 -8.56
CA GLY G 76 24.89 29.51 -8.96
C GLY G 76 24.79 29.73 -10.44
N SER G 77 25.95 29.84 -11.10
CA SER G 77 26.01 30.04 -12.54
C SER G 77 25.69 28.74 -13.25
N ALA G 78 26.14 27.64 -12.68
CA ALA G 78 25.78 26.33 -13.21
C ALA G 78 24.27 26.16 -13.21
N LEU G 79 23.61 26.60 -12.14
CA LEU G 79 22.15 26.49 -12.04
C LEU G 79 21.47 27.33 -13.11
N GLN G 80 21.96 28.55 -13.31
CA GLN G 80 21.32 29.44 -14.27
C GLN G 80 21.50 28.89 -15.68
N ASN G 81 22.54 28.08 -15.85
CA ASN G 81 22.80 27.42 -17.13
C ASN G 81 21.74 26.37 -17.48
N VAL G 82 21.13 25.76 -16.47
CA VAL G 82 20.09 24.76 -16.69
C VAL G 82 18.69 25.35 -16.52
N GLY G 83 18.62 26.65 -16.29
CA GLY G 83 17.34 27.35 -16.25
C GLY G 83 16.76 27.59 -14.87
N ILE G 84 17.59 27.48 -13.85
CA ILE G 84 17.16 27.67 -12.47
C ILE G 84 17.81 28.88 -11.82
N ASN G 85 16.98 29.75 -11.23
CA ASN G 85 17.50 30.88 -10.46
C ASN G 85 18.02 30.43 -9.09
N PRO G 86 19.33 30.62 -8.85
CA PRO G 86 20.03 30.15 -7.66
C PRO G 86 19.59 30.84 -6.38
N SER G 87 18.54 31.64 -6.43
CA SER G 87 18.03 32.23 -5.20
C SER G 87 16.53 32.09 -5.04
N ILE G 88 16.10 31.87 -3.81
CA ILE G 88 14.70 31.82 -3.49
C ILE G 88 14.37 33.18 -2.94
N ASP G 89 13.40 33.84 -3.56
CA ASP G 89 12.98 35.14 -3.10
C ASP G 89 12.04 34.93 -1.96
N LEU G 90 12.25 35.63 -0.86
CA LEU G 90 11.40 35.49 0.31
C LEU G 90 10.00 35.93 -0.09
N GLY G 91 8.99 35.33 0.51
CA GLY G 91 7.64 35.64 0.11
C GLY G 91 6.63 34.68 0.72
N GLU G 92 5.54 34.50 0.02
CA GLU G 92 4.50 33.62 0.51
C GLU G 92 4.93 32.16 0.36
N SER G 93 4.12 31.26 0.85
CA SER G 93 4.38 29.85 0.82
C SER G 93 4.47 29.35 -0.60
N LEU G 94 5.23 28.30 -0.81
CA LEU G 94 5.41 27.78 -2.14
C LEU G 94 4.66 26.52 -2.41
N VAL G 95 3.88 26.52 -3.44
CA VAL G 95 3.29 25.32 -3.93
C VAL G 95 4.41 24.48 -4.48
N GLN G 96 5.33 25.11 -5.17
CA GLN G 96 6.47 24.43 -5.71
C GLN G 96 7.64 25.35 -5.99
N HIS G 97 8.84 24.79 -5.98
CA HIS G 97 10.02 25.54 -6.37
C HIS G 97 11.09 24.61 -6.89
N PRO G 98 11.64 24.95 -8.06
CA PRO G 98 12.71 24.19 -8.73
C PRO G 98 13.88 23.82 -7.80
N LEU G 99 14.26 24.70 -6.88
CA LEU G 99 15.32 24.36 -5.93
C LEU G 99 14.91 23.27 -4.95
N LEU G 100 13.64 23.28 -4.54
CA LEU G 100 13.20 22.24 -3.64
C LEU G 100 13.21 20.91 -4.40
N ASN G 101 12.76 20.94 -5.63
CA ASN G 101 12.76 19.72 -6.41
C ASN G 101 14.15 19.17 -6.70
N LEU G 102 15.09 20.06 -7.01
CA LEU G 102 16.47 19.68 -7.28
C LEU G 102 17.13 19.12 -6.02
N ASN G 103 16.87 19.76 -4.88
CA ASN G 103 17.38 19.27 -3.61
C ASN G 103 16.94 17.83 -3.35
N VAL G 104 15.73 17.49 -3.78
CA VAL G 104 15.26 16.11 -3.65
C VAL G 104 15.91 15.16 -4.67
N ALA G 105 15.86 15.52 -5.94
CA ALA G 105 16.51 14.76 -6.98
C ALA G 105 17.96 14.53 -6.60
N LEU G 106 18.61 15.56 -6.09
CA LEU G 106 20.01 15.44 -5.71
C LEU G 106 20.25 14.45 -4.57
N ASN G 107 19.43 14.49 -3.51
CA ASN G 107 19.61 13.54 -2.42
C ASN G 107 19.34 12.10 -2.84
N ARG G 108 18.49 11.95 -3.84
CA ARG G 108 18.14 10.62 -4.31
C ARG G 108 19.36 10.06 -5.05
N MET G 109 20.16 10.97 -5.61
CA MET G 109 21.27 10.60 -6.48
C MET G 109 22.53 10.25 -5.69
N LEU G 110 22.83 11.05 -4.66
CA LEU G 110 24.04 10.81 -3.87
C LEU G 110 23.79 9.90 -2.68
N GLY G 111 22.56 9.44 -2.52
CA GLY G 111 22.18 8.73 -1.32
C GLY G 111 22.00 9.72 -0.17
N LEU G 112 22.18 9.26 1.06
CA LEU G 112 22.04 10.14 2.22
C LEU G 112 23.12 9.87 3.26
N ARG H 26 -39.73 20.46 7.39
CA ARG H 26 -38.65 20.80 8.33
C ARG H 26 -39.19 20.98 9.75
N VAL H 27 -39.44 19.86 10.42
CA VAL H 27 -40.07 19.84 11.74
C VAL H 27 -39.58 20.94 12.69
N ASP H 28 -40.55 21.57 13.37
CA ASP H 28 -40.27 22.62 14.34
C ASP H 28 -40.08 22.04 15.73
N ARG H 29 -38.87 22.20 16.26
CA ARG H 29 -38.50 21.68 17.56
C ARG H 29 -39.24 22.41 18.70
N ALA H 30 -39.29 23.74 18.64
CA ALA H 30 -39.99 24.53 19.65
C ALA H 30 -41.50 24.29 19.65
N ALA H 31 -42.10 24.14 18.47
CA ALA H 31 -43.52 23.81 18.37
C ALA H 31 -43.83 22.47 19.05
N MET H 32 -42.96 21.48 18.85
CA MET H 32 -43.14 20.18 19.48
C MET H 32 -42.96 20.34 20.97
N ARG H 33 -41.93 21.11 21.32
CA ARG H 33 -41.60 21.34 22.70
C ARG H 33 -42.84 21.83 23.46
N ASN H 34 -43.52 22.81 22.86
CA ASN H 34 -44.68 23.43 23.47
C ASN H 34 -45.84 22.46 23.64
N ARG H 35 -46.20 21.77 22.56
CA ARG H 35 -47.29 20.80 22.63
C ARG H 35 -47.02 19.71 23.65
N GLY H 36 -45.75 19.42 23.90
CA GLY H 36 -45.40 18.45 24.93
C GLY H 36 -45.65 19.07 26.29
N ASN H 37 -45.33 20.36 26.39
CA ASN H 37 -45.51 21.12 27.61
C ASN H 37 -46.97 21.45 27.92
N ASP H 38 -47.72 21.77 26.89
CA ASP H 38 -49.09 22.22 27.06
C ASP H 38 -50.00 21.03 27.29
N GLU H 39 -49.65 19.92 26.66
CA GLU H 39 -50.31 18.66 26.95
C GLU H 39 -50.01 18.20 28.38
N ALA H 40 -48.85 18.58 28.90
CA ALA H 40 -48.49 18.23 30.28
C ALA H 40 -49.24 19.10 31.30
N ASP H 41 -49.43 20.37 30.97
CA ASP H 41 -50.27 21.24 31.77
C ASP H 41 -51.69 20.67 31.81
N ALA H 42 -52.19 20.27 30.64
CA ALA H 42 -53.52 19.68 30.53
C ALA H 42 -53.67 18.40 31.33
N ALA H 43 -52.67 17.56 31.32
CA ALA H 43 -52.71 16.34 32.10
C ALA H 43 -52.75 16.66 33.57
N LEU H 44 -52.05 17.71 33.94
CA LEU H 44 -51.91 18.14 35.31
C LEU H 44 -53.23 18.63 35.89
N ARG H 45 -53.97 19.34 35.08
CA ARG H 45 -55.23 19.86 35.50
C ARG H 45 -56.15 18.70 35.81
N GLY H 46 -56.01 17.66 35.02
CA GLY H 46 -56.84 16.47 35.16
C GLY H 46 -56.44 15.59 36.34
N LEU H 47 -55.20 15.71 36.81
CA LEU H 47 -54.78 14.97 38.00
C LEU H 47 -55.36 15.61 39.25
N VAL H 48 -55.50 16.93 39.20
CA VAL H 48 -56.15 17.67 40.26
C VAL H 48 -57.62 17.28 40.35
N GLN H 49 -58.29 17.20 39.20
CA GLN H 49 -59.69 16.87 39.16
C GLN H 49 -59.92 15.50 39.78
N GLN H 50 -58.97 14.60 39.57
CA GLN H 50 -59.03 13.29 40.19
C GLN H 50 -58.66 13.35 41.67
N GLY H 51 -58.32 14.55 42.13
CA GLY H 51 -57.95 14.76 43.53
C GLY H 51 -56.65 14.13 43.95
N VAL H 52 -55.78 13.89 42.98
CA VAL H 52 -54.44 13.41 43.24
C VAL H 52 -53.66 14.37 44.14
N ASN H 53 -53.02 13.83 45.18
CA ASN H 53 -52.14 14.64 46.00
C ASN H 53 -50.85 14.99 45.24
N LEU H 54 -50.65 16.27 44.98
CA LEU H 54 -49.55 16.76 44.17
C LEU H 54 -48.16 16.48 44.76
N GLU H 55 -48.04 16.53 46.08
CA GLU H 55 -46.78 16.20 46.74
C GLU H 55 -46.47 14.71 46.56
N HIS H 56 -47.49 13.86 46.68
CA HIS H 56 -47.29 12.42 46.50
C HIS H 56 -46.95 12.15 45.06
N LEU H 57 -47.54 12.95 44.18
CA LEU H 57 -47.30 12.82 42.77
C LEU H 57 -45.84 13.19 42.46
N ARG H 58 -45.35 14.24 43.10
CA ARG H 58 -44.01 14.70 42.90
C ARG H 58 -43.01 13.70 43.40
N THR H 59 -43.30 13.17 44.56
CA THR H 59 -42.49 12.15 45.14
C THR H 59 -42.54 10.90 44.30
N ALA H 60 -43.69 10.61 43.73
CA ALA H 60 -43.76 9.46 42.86
C ALA H 60 -42.97 9.62 41.58
N LEU H 61 -43.13 10.73 40.91
CA LEU H 61 -42.47 10.95 39.65
C LEU H 61 -40.98 10.89 39.91
N GLU H 62 -40.60 11.41 41.05
CA GLU H 62 -39.25 11.47 41.41
C GLU H 62 -38.60 10.12 41.58
N ARG H 63 -39.22 9.27 42.36
CA ARG H 63 -38.66 7.96 42.66
C ARG H 63 -38.71 7.08 41.45
N HIS H 64 -39.67 7.34 40.60
CA HIS H 64 -39.78 6.58 39.40
C HIS H 64 -38.63 6.83 38.50
N VAL H 65 -38.43 8.10 38.20
CA VAL H 65 -37.35 8.56 37.35
C VAL H 65 -35.93 8.51 37.86
N MET H 66 -35.73 8.87 39.11
CA MET H 66 -34.37 8.93 39.63
C MET H 66 -33.93 7.76 40.47
N GLN H 67 -34.85 6.92 40.87
CA GLN H 67 -34.49 5.71 41.61
C GLN H 67 -34.93 4.54 40.79
N ARG H 68 -35.76 4.78 39.80
CA ARG H 68 -36.34 3.71 39.04
C ARG H 68 -37.25 2.80 39.86
N LEU H 69 -38.09 3.42 40.68
CA LEU H 69 -39.13 2.73 41.44
C LEU H 69 -40.47 2.93 40.73
N PRO H 70 -41.30 1.87 40.70
CA PRO H 70 -42.58 1.91 39.99
C PRO H 70 -43.59 2.85 40.64
N ILE H 71 -44.31 3.59 39.80
CA ILE H 71 -45.34 4.49 40.26
C ILE H 71 -46.41 3.72 41.01
N PRO H 72 -46.84 4.25 42.16
CA PRO H 72 -47.82 3.59 43.03
C PRO H 72 -49.15 3.39 42.34
N LEU H 73 -49.91 2.42 42.86
CA LEU H 73 -51.18 2.01 42.30
C LEU H 73 -52.12 3.18 42.06
N ASP H 74 -52.35 3.96 43.11
CA ASP H 74 -53.21 5.14 43.10
C ASP H 74 -52.81 6.18 42.06
N ILE H 75 -51.60 6.69 42.14
CA ILE H 75 -51.16 7.66 41.15
C ILE H 75 -51.17 7.02 39.77
N GLY H 76 -50.70 5.77 39.71
CA GLY H 76 -50.58 5.06 38.46
C GLY H 76 -51.83 5.15 37.62
N SER H 77 -52.96 4.78 38.23
CA SER H 77 -54.24 4.81 37.56
C SER H 77 -54.69 6.23 37.25
N ALA H 78 -54.49 7.14 38.21
CA ALA H 78 -54.86 8.52 37.98
C ALA H 78 -54.17 9.04 36.72
N LEU H 79 -52.97 8.52 36.46
CA LEU H 79 -52.26 8.80 35.20
C LEU H 79 -52.85 8.05 34.01
N GLN H 80 -53.08 6.74 34.17
CA GLN H 80 -53.77 5.97 33.13
C GLN H 80 -55.01 6.73 32.70
N ASN H 81 -55.64 7.40 33.65
CA ASN H 81 -56.92 8.07 33.42
C ASN H 81 -56.75 9.42 32.75
N VAL H 82 -55.50 9.79 32.49
CA VAL H 82 -55.21 11.14 32.00
C VAL H 82 -54.39 11.11 30.70
N GLY H 83 -54.03 9.90 30.27
CA GLY H 83 -53.35 9.72 29.00
C GLY H 83 -51.99 9.06 29.17
N ILE H 84 -51.40 9.28 30.34
CA ILE H 84 -50.02 8.88 30.59
C ILE H 84 -49.86 7.46 31.10
N ASN H 85 -49.26 6.60 30.30
CA ASN H 85 -48.92 5.27 30.77
C ASN H 85 -47.80 5.34 31.82
N PRO H 86 -48.14 5.08 33.08
CA PRO H 86 -47.19 5.12 34.19
C PRO H 86 -46.21 3.96 34.11
N SER H 87 -46.33 3.19 33.03
CA SER H 87 -45.49 2.02 32.81
C SER H 87 -44.02 2.44 32.73
N ILE H 88 -43.14 1.54 33.15
CA ILE H 88 -41.72 1.88 33.29
C ILE H 88 -41.00 2.15 31.96
N ASP H 89 -39.84 2.80 32.06
CA ASP H 89 -39.09 3.28 30.91
C ASP H 89 -38.92 2.24 29.82
N LEU H 90 -38.77 2.71 28.59
CA LEU H 90 -38.61 1.82 27.46
C LEU H 90 -37.19 1.29 27.39
N GLY H 91 -36.28 1.92 28.14
CA GLY H 91 -34.87 1.62 28.02
C GLY H 91 -34.38 2.12 26.67
N GLU H 92 -35.34 2.51 25.85
CA GLU H 92 -35.06 3.06 24.53
C GLU H 92 -34.84 4.56 24.62
N SER H 93 -34.26 5.12 23.57
CA SER H 93 -34.10 6.56 23.46
C SER H 93 -35.49 7.15 23.25
N LEU H 94 -35.81 8.21 23.98
CA LEU H 94 -37.07 8.90 23.78
C LEU H 94 -36.81 10.31 23.30
N VAL H 95 -37.52 10.74 22.25
CA VAL H 95 -37.44 12.12 21.84
C VAL H 95 -38.46 12.89 22.66
N GLN H 96 -39.44 12.14 23.16
CA GLN H 96 -40.58 12.70 23.88
C GLN H 96 -41.11 11.67 24.86
N HIS H 97 -41.48 12.12 26.04
CA HIS H 97 -42.27 11.28 26.92
C HIS H 97 -43.18 12.12 27.78
N PRO H 98 -44.49 11.85 27.71
CA PRO H 98 -45.46 12.61 28.51
C PRO H 98 -45.04 12.64 29.99
N LEU H 99 -44.59 11.50 30.49
CA LEU H 99 -44.25 11.36 31.90
C LEU H 99 -43.11 12.29 32.27
N LEU H 100 -42.14 12.43 31.36
CA LEU H 100 -41.02 13.31 31.56
C LEU H 100 -41.51 14.74 31.55
N ASN H 101 -42.43 15.05 30.64
CA ASN H 101 -42.94 16.43 30.54
C ASN H 101 -43.79 16.82 31.75
N LEU H 102 -44.48 15.84 32.31
CA LEU H 102 -45.30 16.03 33.49
C LEU H 102 -44.43 16.39 34.67
N ASN H 103 -43.38 15.61 34.88
CA ASN H 103 -42.42 15.91 35.93
C ASN H 103 -41.93 17.36 35.84
N VAL H 104 -41.68 17.83 34.63
CA VAL H 104 -41.22 19.20 34.41
C VAL H 104 -42.34 20.21 34.63
N ALA H 105 -43.51 19.95 34.07
CA ALA H 105 -44.66 20.81 34.28
C ALA H 105 -45.02 20.89 35.77
N LEU H 106 -44.99 19.75 36.46
CA LEU H 106 -45.33 19.73 37.88
C LEU H 106 -44.36 20.60 38.70
N ASN H 107 -43.08 20.53 38.38
CA ASN H 107 -42.12 21.40 39.05
C ASN H 107 -42.38 22.87 38.72
N ARG H 108 -42.88 23.13 37.51
CA ARG H 108 -43.24 24.49 37.11
C ARG H 108 -44.54 24.96 37.80
N MET H 109 -45.53 24.06 37.88
CA MET H 109 -46.77 24.38 38.54
C MET H 109 -46.57 24.60 40.04
N LEU H 110 -45.80 23.71 40.67
CA LEU H 110 -45.51 23.83 42.09
C LEU H 110 -44.64 25.04 42.34
N GLY H 111 -44.07 25.55 41.25
CA GLY H 111 -43.17 26.70 41.30
C GLY H 111 -41.93 26.46 42.15
N LEU H 112 -41.44 25.22 42.17
CA LEU H 112 -40.39 24.82 43.10
C LEU H 112 -39.58 23.65 42.58
#